data_8YLB
#
_entry.id   8YLB
#
_cell.length_a   120.239
_cell.length_b   96.742
_cell.length_c   124.542
_cell.angle_alpha   90.00
_cell.angle_beta   94.44
_cell.angle_gamma   90.00
#
_symmetry.space_group_name_H-M   'P 1 21 1'
#
loop_
_entity.id
_entity.type
_entity.pdbx_description
1 polymer 'ATP-dependent Clp protease proteolytic subunit, mitochondrial'
2 non-polymer 5-[(2-methylphenyl)methyl]-11-(phenylmethyl)-2,5,7,11-tetrazatricyclo[7.4.0.0^{2,6}]trideca-1(9),6-dien-8-one
3 water water
#
_entity_poly.entity_id   1
_entity_poly.type   'polypeptide(L)'
_entity_poly.pdbx_seq_one_letter_code
;LIPIVVEQTGRGERAYDIYSRLLRERIVCVMGPIDDSVASLVIAQLLFLQSESNKKPIHMYINSPGGVVTAGLAIYDTMQ
YILNPICTWCVGQAASMGSLLLAAGTPGMRHSLPNSRIMIHQPSGGARGQATDIAIQAEEIMKLKKQLYNIYAKHTKQSL
QVIESAMERDRYMSPMEAQEFGILDKVLVHPPQDGEDEPTLVQKEPVEAAPAAEPVPAST
;
_entity_poly.pdbx_strand_id   A,B,C,D,E,F,G,H,I,J,K,L,M,N
#
# COMPACT_ATOMS: atom_id res chain seq x y z
N LEU A 1 10.52 11.31 22.55
CA LEU A 1 11.58 11.06 23.51
C LEU A 1 11.06 11.27 24.92
N ILE A 2 11.26 10.29 25.80
CA ILE A 2 10.87 10.38 27.19
C ILE A 2 12.03 10.98 27.97
N PRO A 3 11.84 12.12 28.63
CA PRO A 3 12.94 12.70 29.40
C PRO A 3 13.35 11.84 30.59
N ILE A 4 14.62 11.98 30.96
CA ILE A 4 15.21 11.26 32.09
C ILE A 4 15.43 12.25 33.23
N VAL A 5 15.08 11.84 34.45
CA VAL A 5 15.35 12.63 35.65
C VAL A 5 16.07 11.74 36.66
N VAL A 6 16.67 12.37 37.67
CA VAL A 6 17.37 11.65 38.73
C VAL A 6 16.64 11.84 40.06
N GLU A 7 16.53 10.75 40.81
CA GLU A 7 15.99 10.76 42.16
C GLU A 7 17.13 10.52 43.14
N GLN A 8 16.97 11.06 44.35
CA GLN A 8 18.00 10.96 45.38
C GLN A 8 17.60 9.91 46.41
N THR A 9 18.53 8.98 46.67
CA THR A 9 18.27 7.82 47.52
C THR A 9 18.66 8.10 48.99
N ARG A 14 19.37 7.00 40.85
CA ARG A 14 19.73 6.83 39.44
C ARG A 14 18.68 7.47 38.53
N ALA A 15 18.96 7.46 37.22
CA ALA A 15 18.08 8.05 36.23
C ALA A 15 16.80 7.24 36.07
N TYR A 16 15.68 7.95 36.00
CA TYR A 16 14.38 7.37 35.70
C TYR A 16 13.81 8.10 34.50
N ASP A 17 13.21 7.36 33.57
CA ASP A 17 12.31 8.03 32.65
C ASP A 17 11.20 8.71 33.46
N ILE A 18 10.71 9.85 32.96
CA ILE A 18 9.85 10.63 33.84
C ILE A 18 8.61 9.83 34.26
N TYR A 19 8.17 8.89 33.45
CA TYR A 19 6.99 8.10 33.82
C TYR A 19 7.29 7.18 35.00
N SER A 20 8.38 6.42 34.93
CA SER A 20 8.80 5.61 36.07
C SER A 20 8.97 6.49 37.30
N ARG A 21 9.44 7.72 37.11
CA ARG A 21 9.63 8.64 38.23
C ARG A 21 8.29 8.96 38.88
N LEU A 22 7.23 9.11 38.09
CA LEU A 22 5.92 9.40 38.66
C LEU A 22 5.32 8.16 39.34
N LEU A 23 5.61 6.95 38.83
CA LEU A 23 5.18 5.73 39.51
C LEU A 23 5.84 5.59 40.86
N ARG A 24 7.08 6.06 40.98
CA ARG A 24 7.76 6.06 42.27
C ARG A 24 7.01 6.88 43.31
N GLU A 25 6.27 7.91 42.87
CA GLU A 25 5.43 8.71 43.76
C GLU A 25 3.97 8.25 43.72
N ARG A 26 3.74 7.02 43.29
CA ARG A 26 2.42 6.38 43.31
C ARG A 26 1.44 7.02 42.34
N ILE A 27 1.93 7.58 41.23
CA ILE A 27 1.07 8.04 40.14
C ILE A 27 1.04 6.99 39.04
N VAL A 28 -0.15 6.65 38.60
CA VAL A 28 -0.37 5.67 37.54
C VAL A 28 -1.12 6.37 36.43
N CYS A 29 -0.55 6.33 35.22
CA CYS A 29 -1.11 7.05 34.09
C CYS A 29 -2.00 6.13 33.26
N VAL A 30 -3.18 6.63 32.91
CA VAL A 30 -4.09 6.03 31.97
C VAL A 30 -4.43 7.11 30.95
N MET A 31 -3.43 7.45 30.12
CA MET A 31 -3.60 8.34 28.99
C MET A 31 -3.74 7.51 27.73
N GLY A 32 -4.67 7.90 26.86
CA GLY A 32 -4.77 7.28 25.57
C GLY A 32 -5.76 6.16 25.59
N PRO A 33 -5.98 5.53 24.43
CA PRO A 33 -7.01 4.49 24.36
C PRO A 33 -6.67 3.34 25.28
N ILE A 34 -7.71 2.72 25.83
CA ILE A 34 -7.55 1.56 26.69
C ILE A 34 -7.65 0.30 25.82
N ASP A 35 -6.60 -0.52 25.86
CA ASP A 35 -6.58 -1.82 25.19
C ASP A 35 -5.94 -2.83 26.12
N ASP A 36 -5.78 -4.06 25.64
CA ASP A 36 -5.29 -5.13 26.51
C ASP A 36 -3.88 -4.83 27.03
N SER A 37 -3.03 -4.18 26.22
CA SER A 37 -1.67 -3.88 26.67
C SER A 37 -1.65 -2.76 27.70
N VAL A 38 -2.49 -1.75 27.54
CA VAL A 38 -2.61 -0.71 28.57
C VAL A 38 -3.15 -1.32 29.87
N ALA A 39 -4.17 -2.16 29.77
CA ALA A 39 -4.73 -2.75 31.00
C ALA A 39 -3.68 -3.56 31.76
N SER A 40 -2.82 -4.29 31.04
CA SER A 40 -1.91 -5.15 31.79
C SER A 40 -0.81 -4.32 32.44
N LEU A 41 -0.42 -3.22 31.81
CA LEU A 41 0.56 -2.31 32.39
C LEU A 41 -0.03 -1.59 33.59
N VAL A 42 -1.28 -1.14 33.49
CA VAL A 42 -1.90 -0.45 34.61
C VAL A 42 -2.13 -1.43 35.76
N ILE A 43 -2.66 -2.62 35.46
CA ILE A 43 -2.87 -3.60 36.53
C ILE A 43 -1.55 -3.93 37.21
N ALA A 44 -0.48 -4.13 36.43
CA ALA A 44 0.80 -4.47 37.03
C ALA A 44 1.27 -3.37 37.99
N GLN A 45 1.07 -2.10 37.59
CA GLN A 45 1.46 -1.00 38.46
C GLN A 45 0.59 -0.92 39.71
N LEU A 46 -0.72 -1.07 39.56
CA LEU A 46 -1.61 -1.03 40.72
C LEU A 46 -1.27 -2.13 41.73
N LEU A 47 -1.09 -3.36 41.23
CA LEU A 47 -0.69 -4.46 42.10
C LEU A 47 0.66 -4.19 42.75
N PHE A 48 1.58 -3.56 42.01
CA PHE A 48 2.89 -3.31 42.57
C PHE A 48 2.86 -2.21 43.62
N LEU A 49 1.99 -1.22 43.44
CA LEU A 49 1.89 -0.15 44.43
C LEU A 49 1.19 -0.63 45.70
N GLN A 50 0.18 -1.50 45.56
CA GLN A 50 -0.42 -2.11 46.74
C GLN A 50 0.62 -2.89 47.55
N SER A 51 1.53 -3.59 46.86
CA SER A 51 2.54 -4.36 47.57
C SER A 51 3.54 -3.46 48.29
N GLU A 52 3.90 -2.32 47.68
CA GLU A 52 4.75 -1.35 48.34
C GLU A 52 4.08 -0.81 49.59
N SER A 53 2.77 -0.66 49.56
CA SER A 53 2.00 -0.23 50.72
C SER A 53 0.52 -0.35 50.43
N ASN A 54 -0.24 -1.01 51.30
CA ASN A 54 -1.66 -1.18 51.05
C ASN A 54 -2.51 -0.08 51.68
N LYS A 55 -1.86 0.90 52.33
CA LYS A 55 -2.51 2.07 52.93
C LYS A 55 -2.35 3.35 52.12
N LYS A 56 -1.20 3.57 51.50
CA LYS A 56 -0.95 4.88 50.91
C LYS A 56 -1.78 5.05 49.65
N PRO A 57 -2.47 6.18 49.51
CA PRO A 57 -3.28 6.43 48.32
C PRO A 57 -2.49 6.20 47.03
N ILE A 58 -3.24 5.87 45.99
CA ILE A 58 -2.70 5.74 44.63
C ILE A 58 -3.43 6.76 43.78
N HIS A 59 -2.67 7.53 42.99
CA HIS A 59 -3.25 8.51 42.07
C HIS A 59 -3.34 7.90 40.68
N MET A 60 -4.51 8.02 40.06
CA MET A 60 -4.76 7.55 38.69
C MET A 60 -5.10 8.75 37.82
N TYR A 61 -4.20 9.09 36.90
CA TYR A 61 -4.39 10.20 35.96
C TYR A 61 -5.07 9.68 34.72
N ILE A 62 -6.22 10.24 34.37
CA ILE A 62 -7.03 9.73 33.26
C ILE A 62 -7.19 10.81 32.22
N ASN A 63 -6.66 10.56 31.03
CA ASN A 63 -6.98 11.36 29.86
C ASN A 63 -7.14 10.37 28.72
N SER A 64 -8.35 9.86 28.55
CA SER A 64 -8.55 8.71 27.68
C SER A 64 -9.84 8.87 26.89
N PRO A 65 -9.86 8.44 25.64
CA PRO A 65 -11.13 8.41 24.89
C PRO A 65 -11.93 7.13 25.05
N GLY A 66 -11.56 6.25 25.97
CA GLY A 66 -12.19 4.95 26.08
C GLY A 66 -11.34 3.88 25.43
N GLY A 67 -11.97 2.77 25.10
CA GLY A 67 -11.25 1.70 24.45
C GLY A 67 -11.98 0.37 24.62
N VAL A 68 -11.19 -0.69 24.75
CA VAL A 68 -11.75 -2.05 24.81
C VAL A 68 -12.48 -2.24 26.13
N VAL A 69 -13.75 -2.63 26.06
CA VAL A 69 -14.56 -2.74 27.28
C VAL A 69 -13.94 -3.74 28.26
N THR A 70 -13.62 -4.95 27.79
CA THR A 70 -13.09 -5.94 28.73
C THR A 70 -11.76 -5.49 29.34
N ALA A 71 -10.92 -4.82 28.55
CA ALA A 71 -9.68 -4.25 29.08
C ALA A 71 -9.96 -3.22 30.17
N GLY A 72 -10.97 -2.37 29.96
CA GLY A 72 -11.33 -1.41 30.99
C GLY A 72 -11.94 -2.06 32.21
N LEU A 73 -12.73 -3.12 32.01
CA LEU A 73 -13.26 -3.88 33.14
C LEU A 73 -12.18 -4.60 33.93
N ALA A 74 -11.11 -5.06 33.27
CA ALA A 74 -10.01 -5.66 34.03
C ALA A 74 -9.37 -4.62 34.94
N ILE A 75 -9.14 -3.40 34.43
CA ILE A 75 -8.60 -2.33 35.25
C ILE A 75 -9.55 -2.01 36.41
N TYR A 76 -10.84 -1.87 36.11
CA TYR A 76 -11.82 -1.51 37.14
C TYR A 76 -11.85 -2.54 38.27
N ASP A 77 -12.00 -3.82 37.90
CA ASP A 77 -11.96 -4.89 38.89
C ASP A 77 -10.67 -4.85 39.70
N THR A 78 -9.55 -4.48 39.08
CA THR A 78 -8.31 -4.46 39.85
C THR A 78 -8.30 -3.28 40.80
N MET A 79 -8.99 -2.21 40.42
CA MET A 79 -9.15 -1.05 41.29
C MET A 79 -9.98 -1.43 42.51
N GLN A 80 -11.09 -2.11 42.27
CA GLN A 80 -11.94 -2.61 43.35
C GLN A 80 -11.20 -3.63 44.21
N TYR A 81 -10.22 -4.34 43.63
CA TYR A 81 -9.56 -5.43 44.36
C TYR A 81 -8.56 -4.89 45.38
N ILE A 82 -7.70 -3.94 44.98
CA ILE A 82 -6.69 -3.48 45.93
C ILE A 82 -7.38 -2.72 47.06
N LEU A 83 -6.68 -2.60 48.20
CA LEU A 83 -7.24 -1.97 49.40
C LEU A 83 -6.99 -0.46 49.45
N ASN A 84 -6.08 0.05 48.63
CA ASN A 84 -5.64 1.42 48.74
C ASN A 84 -6.74 2.39 48.37
N PRO A 85 -6.79 3.54 49.03
CA PRO A 85 -7.52 4.67 48.45
C PRO A 85 -6.96 4.94 47.08
N ILE A 86 -7.84 5.13 46.11
CA ILE A 86 -7.42 5.47 44.77
C ILE A 86 -8.03 6.83 44.46
N CYS A 87 -7.18 7.84 44.28
CA CYS A 87 -7.62 9.14 43.84
C CYS A 87 -7.57 9.15 42.32
N THR A 88 -8.70 9.42 41.68
CA THR A 88 -8.76 9.54 40.23
C THR A 88 -8.79 11.01 39.83
N TRP A 89 -8.11 11.32 38.72
CA TRP A 89 -7.95 12.68 38.23
C TRP A 89 -8.21 12.72 36.75
N CYS A 90 -9.14 13.58 36.31
CA CYS A 90 -9.43 13.73 34.89
C CYS A 90 -8.73 14.97 34.34
N VAL A 91 -7.83 14.76 33.40
CA VAL A 91 -7.27 15.86 32.61
C VAL A 91 -7.58 15.59 31.15
N GLY A 92 -7.98 16.64 30.44
CA GLY A 92 -8.38 16.52 29.05
C GLY A 92 -9.77 15.94 28.93
N GLN A 93 -9.89 14.62 29.03
CA GLN A 93 -11.20 13.99 28.86
C GLN A 93 -11.17 12.61 29.47
N ALA A 94 -12.36 12.12 29.79
CA ALA A 94 -12.58 10.78 30.33
C ALA A 94 -13.86 10.29 29.64
N ALA A 95 -13.72 9.60 28.52
CA ALA A 95 -14.84 9.22 27.68
C ALA A 95 -15.02 7.72 27.68
N SER A 96 -16.27 7.28 27.77
N SER A 96 -16.28 7.29 27.71
CA SER A 96 -16.62 5.87 27.75
CA SER A 96 -16.64 5.87 27.70
C SER A 96 -15.91 5.15 28.89
C SER A 96 -15.91 5.17 28.84
N MET A 97 -15.11 4.13 28.56
CA MET A 97 -14.45 3.37 29.62
C MET A 97 -13.59 4.25 30.52
N GLY A 98 -13.02 5.32 29.99
CA GLY A 98 -12.22 6.22 30.82
C GLY A 98 -13.01 6.88 31.94
N SER A 99 -14.26 7.27 31.67
CA SER A 99 -15.10 7.84 32.71
C SER A 99 -15.58 6.78 33.70
N LEU A 100 -15.72 5.54 33.24
CA LEU A 100 -16.06 4.47 34.17
C LEU A 100 -14.98 4.35 35.23
N LEU A 101 -13.72 4.35 34.82
CA LEU A 101 -12.59 4.30 35.75
C LEU A 101 -12.53 5.56 36.61
N LEU A 102 -12.82 6.72 36.02
CA LEU A 102 -12.85 7.94 36.82
C LEU A 102 -13.90 7.81 37.92
N ALA A 103 -15.12 7.42 37.55
CA ALA A 103 -16.19 7.24 38.53
C ALA A 103 -15.88 6.18 39.57
N ALA A 104 -14.86 5.35 39.33
CA ALA A 104 -14.56 4.19 40.16
C ALA A 104 -13.49 4.48 41.20
N GLY A 105 -12.89 5.66 41.17
CA GLY A 105 -12.04 6.09 42.28
C GLY A 105 -12.80 6.07 43.61
N THR A 106 -12.03 6.20 44.69
CA THR A 106 -12.58 6.09 46.02
C THR A 106 -13.53 7.25 46.30
N PRO A 107 -14.63 7.02 47.03
CA PRO A 107 -15.60 8.10 47.27
C PRO A 107 -14.91 9.29 47.93
N GLY A 108 -15.29 10.49 47.50
CA GLY A 108 -14.61 11.66 47.98
C GLY A 108 -13.25 11.90 47.37
N MET A 109 -12.87 11.09 46.36
CA MET A 109 -11.50 11.11 45.89
C MET A 109 -11.44 11.16 44.36
N ARG A 110 -12.53 11.51 43.73
CA ARG A 110 -12.65 11.55 42.27
C ARG A 110 -12.67 13.01 41.83
N HIS A 111 -11.66 13.43 41.07
CA HIS A 111 -11.42 14.84 40.73
C HIS A 111 -11.36 15.09 39.23
N SER A 112 -11.70 16.32 38.83
CA SER A 112 -11.44 16.80 37.48
C SER A 112 -10.80 18.18 37.52
N LEU A 113 -9.90 18.45 36.56
CA LEU A 113 -9.44 19.83 36.31
C LEU A 113 -10.57 20.64 35.66
N PRO A 114 -10.50 21.98 35.70
CA PRO A 114 -11.67 22.78 35.33
C PRO A 114 -12.16 22.62 33.90
N ASN A 115 -11.31 22.29 32.95
CA ASN A 115 -11.72 22.28 31.55
C ASN A 115 -11.88 20.90 30.93
N SER A 116 -11.87 19.85 31.75
CA SER A 116 -11.99 18.47 31.25
C SER A 116 -13.39 18.20 30.71
N ARG A 117 -13.47 17.23 29.80
CA ARG A 117 -14.74 16.79 29.22
C ARG A 117 -14.99 15.33 29.64
N ILE A 118 -16.18 15.07 30.18
CA ILE A 118 -16.53 13.73 30.65
C ILE A 118 -17.70 13.21 29.83
N MET A 119 -17.60 11.95 29.39
CA MET A 119 -18.64 11.30 28.58
C MET A 119 -18.84 9.88 29.06
N ILE A 120 -20.10 9.50 29.27
CA ILE A 120 -20.43 8.12 29.67
C ILE A 120 -21.05 7.37 28.50
N HIS A 121 -21.57 8.08 27.51
CA HIS A 121 -21.93 7.48 26.23
C HIS A 121 -20.79 6.60 25.72
N GLN A 122 -21.15 5.49 25.08
CA GLN A 122 -20.16 4.65 24.42
C GLN A 122 -20.28 4.89 22.92
N PRO A 123 -19.42 5.72 22.33
CA PRO A 123 -19.54 6.00 20.88
C PRO A 123 -19.71 4.73 20.07
N SER A 124 -20.41 4.87 18.95
CA SER A 124 -20.60 3.80 17.99
C SER A 124 -19.35 3.59 17.14
N ILE A 136 -18.63 -10.15 18.47
CA ILE A 136 -19.34 -11.04 19.36
C ILE A 136 -20.83 -10.98 19.03
N GLN A 137 -21.58 -11.91 19.59
CA GLN A 137 -23.01 -12.04 19.31
C GLN A 137 -23.81 -10.94 20.00
N ALA A 138 -24.97 -10.63 19.42
CA ALA A 138 -25.77 -9.52 19.91
C ALA A 138 -26.01 -9.63 21.42
N GLU A 139 -26.42 -10.82 21.87
CA GLU A 139 -26.73 -11.03 23.28
C GLU A 139 -25.54 -10.75 24.18
N GLU A 140 -24.32 -10.89 23.67
CA GLU A 140 -23.12 -10.68 24.48
C GLU A 140 -22.75 -9.20 24.57
N ILE A 141 -22.98 -8.45 23.50
CA ILE A 141 -22.80 -7.01 23.56
C ILE A 141 -23.76 -6.40 24.58
N MET A 142 -25.01 -6.84 24.58
CA MET A 142 -25.99 -6.34 25.54
C MET A 142 -25.64 -6.76 26.96
N LYS A 143 -25.04 -7.94 27.14
CA LYS A 143 -24.64 -8.34 28.50
C LYS A 143 -23.53 -7.43 29.01
N LEU A 144 -22.51 -7.19 28.17
CA LEU A 144 -21.44 -6.26 28.51
C LEU A 144 -22.00 -4.88 28.87
N LYS A 145 -22.91 -4.39 28.04
CA LYS A 145 -23.49 -3.07 28.25
C LYS A 145 -24.22 -3.01 29.60
N LYS A 146 -24.99 -4.05 29.92
CA LYS A 146 -25.67 -4.09 31.22
C LYS A 146 -24.67 -4.11 32.37
N GLN A 147 -23.52 -4.76 32.19
CA GLN A 147 -22.46 -4.70 33.19
C GLN A 147 -22.01 -3.27 33.42
N LEU A 148 -21.94 -2.46 32.36
CA LEU A 148 -21.57 -1.06 32.52
C LEU A 148 -22.65 -0.29 33.28
N TYR A 149 -23.92 -0.51 32.90
CA TYR A 149 -25.03 0.11 33.63
C TYR A 149 -24.88 -0.14 35.13
N ASN A 150 -24.64 -1.40 35.52
CA ASN A 150 -24.57 -1.75 36.93
C ASN A 150 -23.40 -1.07 37.62
N ILE A 151 -22.28 -0.96 36.93
CA ILE A 151 -21.10 -0.34 37.54
C ILE A 151 -21.34 1.16 37.72
N TYR A 152 -21.87 1.81 36.70
CA TYR A 152 -22.16 3.23 36.80
C TYR A 152 -23.19 3.49 37.90
N ALA A 153 -24.29 2.73 37.91
CA ALA A 153 -25.28 2.87 38.98
C ALA A 153 -24.62 2.80 40.36
N LYS A 154 -23.76 1.79 40.57
CA LYS A 154 -23.11 1.64 41.86
C LYS A 154 -22.31 2.88 42.24
N HIS A 155 -21.51 3.41 41.31
CA HIS A 155 -20.57 4.44 41.71
C HIS A 155 -21.12 5.87 41.58
N THR A 156 -22.11 6.10 40.72
CA THR A 156 -22.71 7.43 40.66
C THR A 156 -23.89 7.59 41.63
N LYS A 157 -24.48 6.48 42.07
CA LYS A 157 -25.69 6.45 42.88
C LYS A 157 -26.92 6.83 42.06
N GLN A 158 -26.76 7.03 40.75
CA GLN A 158 -27.91 7.24 39.89
C GLN A 158 -28.71 5.94 39.72
N SER A 159 -29.96 6.11 39.30
CA SER A 159 -30.81 4.97 38.96
C SER A 159 -30.27 4.19 37.76
N LEU A 160 -30.55 2.88 37.75
CA LEU A 160 -30.29 2.11 36.54
C LEU A 160 -31.01 2.71 35.35
N GLN A 161 -32.23 3.21 35.56
CA GLN A 161 -32.96 3.78 34.43
C GLN A 161 -32.40 5.14 34.04
N VAL A 162 -31.88 5.89 35.01
CA VAL A 162 -31.19 7.12 34.66
C VAL A 162 -29.88 6.82 33.93
N ILE A 163 -29.12 5.83 34.40
CA ILE A 163 -27.86 5.51 33.70
C ILE A 163 -28.15 5.10 32.27
N GLU A 164 -29.15 4.25 32.06
CA GLU A 164 -29.43 3.76 30.71
C GLU A 164 -29.87 4.89 29.79
N SER A 165 -30.75 5.76 30.28
CA SER A 165 -31.22 6.86 29.45
C SER A 165 -30.06 7.82 29.13
N ALA A 166 -29.28 8.19 30.15
CA ALA A 166 -28.20 9.15 29.92
C ALA A 166 -27.20 8.62 28.90
N MET A 167 -26.90 7.32 28.96
CA MET A 167 -25.87 6.73 28.11
C MET A 167 -26.29 6.72 26.65
N GLU A 168 -27.59 6.79 26.40
CA GLU A 168 -28.14 6.99 25.07
C GLU A 168 -27.70 8.30 24.42
N ARG A 169 -27.29 9.30 25.19
CA ARG A 169 -27.10 10.63 24.62
C ARG A 169 -25.65 10.85 24.21
N ASP A 170 -25.47 11.21 22.94
CA ASP A 170 -24.14 11.45 22.38
C ASP A 170 -23.70 12.86 22.75
N ARG A 171 -23.10 12.99 23.93
CA ARG A 171 -22.74 14.32 24.44
C ARG A 171 -21.78 14.15 25.60
N TYR A 172 -21.08 15.24 25.94
CA TYR A 172 -20.14 15.28 27.04
C TYR A 172 -20.73 16.08 28.20
N MET A 173 -20.14 15.89 29.38
CA MET A 173 -20.47 16.66 30.56
C MET A 173 -19.28 17.51 30.96
N SER A 174 -19.58 18.74 31.39
CA SER A 174 -18.61 19.56 32.09
C SER A 174 -18.21 18.88 33.39
N PRO A 175 -17.13 19.33 34.01
CA PRO A 175 -16.80 18.78 35.33
C PRO A 175 -17.92 19.01 36.33
N MET A 176 -18.57 20.19 36.30
CA MET A 176 -19.64 20.47 37.27
C MET A 176 -20.82 19.52 37.06
N GLU A 177 -21.17 19.23 35.80
CA GLU A 177 -22.25 18.29 35.57
C GLU A 177 -21.87 16.88 36.00
N ALA A 178 -20.66 16.44 35.68
CA ALA A 178 -20.23 15.13 36.14
C ALA A 178 -20.25 15.06 37.66
N GLN A 179 -19.89 16.16 38.32
CA GLN A 179 -19.99 16.18 39.78
C GLN A 179 -21.43 16.01 40.23
N GLU A 180 -22.35 16.75 39.60
CA GLU A 180 -23.76 16.61 39.92
C GLU A 180 -24.27 15.21 39.60
N PHE A 181 -23.79 14.64 38.50
CA PHE A 181 -24.22 13.32 38.10
C PHE A 181 -23.73 12.25 39.07
N GLY A 182 -22.63 12.51 39.76
CA GLY A 182 -22.07 11.53 40.67
C GLY A 182 -20.86 10.82 40.13
N ILE A 183 -20.35 11.23 38.96
CA ILE A 183 -19.15 10.62 38.42
C ILE A 183 -17.93 11.04 39.23
N LEU A 184 -17.86 12.29 39.68
CA LEU A 184 -16.71 12.71 40.47
C LEU A 184 -17.16 13.62 41.62
N ASP A 185 -16.21 13.88 42.53
CA ASP A 185 -16.48 14.57 43.78
C ASP A 185 -16.02 16.02 43.79
N LYS A 186 -14.87 16.34 43.19
CA LYS A 186 -14.28 17.67 43.25
C LYS A 186 -13.77 18.10 41.89
N VAL A 187 -13.97 19.39 41.61
CA VAL A 187 -13.41 20.08 40.46
C VAL A 187 -12.44 21.11 41.03
N LEU A 188 -11.14 20.85 40.96
CA LEU A 188 -10.18 21.75 41.58
C LEU A 188 -9.41 22.55 40.53
N VAL A 189 -8.92 23.71 40.97
CA VAL A 189 -8.14 24.62 40.13
C VAL A 189 -6.69 24.73 40.59
N HIS A 190 -6.45 24.81 41.92
CA HIS A 190 -5.10 24.92 42.47
C HIS A 190 -4.98 24.03 43.70
N PRO A 191 -3.74 23.76 44.19
CA PRO A 191 -3.46 22.94 45.38
C PRO A 191 -3.62 23.69 46.72
N LEU B 1 5.16 2.80 27.02
CA LEU B 1 6.39 2.14 27.41
C LEU B 1 6.25 1.50 28.79
N ILE B 2 7.19 0.63 29.12
CA ILE B 2 7.12 -0.20 30.31
C ILE B 2 7.89 0.49 31.41
N PRO B 3 7.30 0.77 32.57
CA PRO B 3 8.02 1.45 33.64
C PRO B 3 8.98 0.50 34.33
N ILE B 4 10.06 1.08 34.88
CA ILE B 4 11.03 0.35 35.70
C ILE B 4 10.79 0.69 37.17
N VAL B 5 11.04 -0.28 38.06
CA VAL B 5 10.72 -0.15 39.48
C VAL B 5 11.87 -0.68 40.33
N VAL B 6 11.76 -0.46 41.65
CA VAL B 6 12.83 -0.59 42.67
C VAL B 6 14.21 -0.33 42.07
N ALA B 15 16.51 -1.14 38.29
CA ALA B 15 16.63 -2.58 38.54
C ALA B 15 15.78 -3.42 37.58
N TYR B 16 14.46 -3.19 37.54
CA TYR B 16 13.53 -4.11 36.89
C TYR B 16 12.48 -3.36 36.09
N ASP B 17 12.34 -3.68 34.80
CA ASP B 17 11.07 -3.40 34.13
C ASP B 17 9.96 -4.15 34.85
N ILE B 18 8.75 -3.58 34.85
CA ILE B 18 7.76 -4.05 35.84
C ILE B 18 7.28 -5.47 35.54
N TYR B 19 7.33 -5.92 34.30
CA TYR B 19 6.94 -7.29 34.03
C TYR B 19 7.94 -8.25 34.65
N SER B 20 9.23 -7.99 34.44
CA SER B 20 10.26 -8.77 35.12
C SER B 20 10.13 -8.68 36.62
N ARG B 21 9.67 -7.53 37.11
CA ARG B 21 9.45 -7.40 38.55
C ARG B 21 8.39 -8.37 39.02
N LEU B 22 7.27 -8.44 38.30
CA LEU B 22 6.24 -9.41 38.65
C LEU B 22 6.73 -10.84 38.45
N LEU B 23 7.61 -11.08 37.48
CA LEU B 23 8.21 -12.40 37.33
C LEU B 23 9.03 -12.77 38.57
N ARG B 24 9.83 -11.84 39.08
CA ARG B 24 10.49 -12.11 40.35
C ARG B 24 9.51 -12.51 41.45
N GLU B 25 8.23 -12.12 41.36
CA GLU B 25 7.21 -12.51 42.34
C GLU B 25 6.41 -13.73 41.90
N ARG B 26 6.88 -14.48 40.91
CA ARG B 26 6.27 -15.72 40.48
C ARG B 26 4.94 -15.50 39.77
N ILE B 27 4.78 -14.34 39.14
CA ILE B 27 3.61 -14.05 38.30
C ILE B 27 4.03 -14.16 36.85
N VAL B 28 3.23 -14.85 36.05
CA VAL B 28 3.49 -15.04 34.63
C VAL B 28 2.28 -14.51 33.89
N CYS B 29 2.50 -13.52 33.03
CA CYS B 29 1.41 -12.85 32.32
C CYS B 29 1.12 -13.55 31.00
N VAL B 30 -0.14 -13.89 30.80
CA VAL B 30 -0.63 -14.42 29.53
C VAL B 30 -1.72 -13.48 29.05
N MET B 31 -1.30 -12.34 28.50
CA MET B 31 -2.18 -11.31 28.02
C MET B 31 -2.16 -11.30 26.50
N GLY B 32 -3.31 -11.04 25.92
CA GLY B 32 -3.40 -10.91 24.49
C GLY B 32 -3.45 -12.24 23.77
N PRO B 33 -3.29 -12.19 22.44
CA PRO B 33 -3.48 -13.39 21.62
C PRO B 33 -2.35 -14.39 21.81
N ILE B 34 -2.72 -15.66 21.96
CA ILE B 34 -1.73 -16.71 22.15
C ILE B 34 -1.22 -17.12 20.77
N ASP B 35 0.09 -16.99 20.56
CA ASP B 35 0.73 -17.53 19.39
C ASP B 35 2.00 -18.21 19.85
N ASP B 36 2.78 -18.70 18.89
CA ASP B 36 3.94 -19.50 19.25
C ASP B 36 4.94 -18.69 20.06
N SER B 37 5.11 -17.41 19.73
CA SER B 37 6.10 -16.62 20.47
C SER B 37 5.61 -16.35 21.89
N VAL B 38 4.33 -16.08 22.07
CA VAL B 38 3.81 -16.03 23.43
C VAL B 38 4.04 -17.35 24.13
N ALA B 39 3.80 -18.48 23.44
CA ALA B 39 3.97 -19.79 24.08
C ALA B 39 5.40 -19.99 24.57
N SER B 40 6.41 -19.61 23.79
CA SER B 40 7.75 -19.98 24.24
C SER B 40 8.21 -19.11 25.39
N LEU B 41 7.72 -17.87 25.47
CA LEU B 41 8.02 -17.02 26.62
C LEU B 41 7.35 -17.56 27.89
N VAL B 42 6.07 -17.91 27.78
CA VAL B 42 5.36 -18.46 28.94
C VAL B 42 6.06 -19.75 29.42
N ILE B 43 6.25 -20.68 28.51
CA ILE B 43 6.95 -21.92 28.83
C ILE B 43 8.31 -21.61 29.44
N ALA B 44 9.03 -20.64 28.88
CA ALA B 44 10.33 -20.26 29.42
C ALA B 44 10.22 -19.85 30.88
N GLN B 45 9.26 -18.98 31.20
CA GLN B 45 9.16 -18.48 32.57
C GLN B 45 8.64 -19.56 33.50
N LEU B 46 7.70 -20.39 33.02
CA LEU B 46 7.18 -21.48 33.83
C LEU B 46 8.29 -22.43 34.24
N LEU B 47 9.16 -22.79 33.28
CA LEU B 47 10.25 -23.71 33.56
C LEU B 47 11.26 -23.06 34.48
N PHE B 48 11.60 -21.79 34.22
CA PHE B 48 12.51 -21.09 35.10
C PHE B 48 11.94 -20.98 36.51
N LEU B 49 10.64 -20.77 36.62
CA LEU B 49 10.04 -20.65 37.94
C LEU B 49 10.13 -21.99 38.67
N GLN B 50 9.87 -23.09 37.96
CA GLN B 50 9.96 -24.39 38.60
C GLN B 50 11.38 -24.68 39.09
N SER B 51 12.40 -24.13 38.42
CA SER B 51 13.79 -24.34 38.83
C SER B 51 14.20 -23.45 39.99
N GLU B 52 13.51 -22.32 40.21
CA GLU B 52 13.77 -21.53 41.41
C GLU B 52 13.22 -22.22 42.66
N SER B 53 12.14 -22.97 42.51
CA SER B 53 11.51 -23.73 43.57
C SER B 53 10.35 -24.52 43.00
N ASN B 54 10.40 -25.84 43.10
CA ASN B 54 9.29 -26.63 42.61
C ASN B 54 8.12 -26.68 43.59
N LYS B 55 8.21 -26.02 44.75
CA LYS B 55 7.14 -26.05 45.74
C LYS B 55 6.30 -24.76 45.75
N LYS B 56 6.94 -23.60 45.56
CA LYS B 56 6.21 -22.34 45.65
C LYS B 56 5.16 -22.25 44.54
N PRO B 57 4.00 -21.67 44.82
CA PRO B 57 2.97 -21.53 43.77
C PRO B 57 3.45 -20.59 42.68
N ILE B 58 2.79 -20.68 41.54
CA ILE B 58 3.01 -19.75 40.44
C ILE B 58 1.66 -19.18 40.05
N HIS B 59 1.64 -17.87 39.80
CA HIS B 59 0.42 -17.16 39.42
C HIS B 59 0.45 -16.90 37.92
N MET B 60 -0.59 -17.34 37.23
CA MET B 60 -0.75 -17.12 35.80
C MET B 60 -1.90 -16.13 35.65
N TYR B 61 -1.58 -14.93 35.18
CA TYR B 61 -2.59 -13.92 34.89
C TYR B 61 -3.05 -14.07 33.45
N ILE B 62 -4.36 -14.21 33.25
CA ILE B 62 -4.89 -14.47 31.91
C ILE B 62 -5.89 -13.38 31.55
N ASN B 63 -5.60 -12.65 30.47
CA ASN B 63 -6.58 -11.80 29.82
C ASN B 63 -6.36 -12.01 28.33
N SER B 64 -7.12 -12.94 27.74
CA SER B 64 -6.77 -13.41 26.41
C SER B 64 -7.99 -13.77 25.58
N PRO B 65 -7.96 -13.44 24.28
CA PRO B 65 -9.03 -13.84 23.36
C PRO B 65 -8.85 -15.22 22.77
N GLY B 66 -7.79 -15.94 23.11
CA GLY B 66 -7.46 -17.17 22.46
C GLY B 66 -6.29 -16.99 21.52
N GLY B 67 -6.19 -17.89 20.55
CA GLY B 67 -5.09 -17.88 19.62
C GLY B 67 -4.87 -19.26 19.02
N VAL B 68 -3.59 -19.55 18.76
CA VAL B 68 -3.19 -20.74 18.02
C VAL B 68 -3.35 -21.98 18.91
N VAL B 69 -4.12 -22.95 18.44
CA VAL B 69 -4.41 -24.12 19.28
C VAL B 69 -3.12 -24.79 19.73
N THR B 70 -2.20 -25.06 18.79
CA THR B 70 -1.01 -25.82 19.15
C THR B 70 -0.15 -25.04 20.16
N ALA B 71 -0.06 -23.72 20.00
CA ALA B 71 0.68 -22.92 20.98
C ALA B 71 0.02 -23.00 22.35
N GLY B 72 -1.31 -22.91 22.39
CA GLY B 72 -2.01 -23.06 23.65
C GLY B 72 -1.84 -24.45 24.25
N LEU B 73 -2.00 -25.48 23.43
CA LEU B 73 -1.70 -26.83 23.88
C LEU B 73 -0.30 -26.92 24.47
N ALA B 74 0.65 -26.14 23.93
CA ALA B 74 2.03 -26.22 24.41
C ALA B 74 2.17 -25.60 25.79
N ILE B 75 1.45 -24.51 26.05
CA ILE B 75 1.42 -23.96 27.40
C ILE B 75 0.69 -24.92 28.34
N TYR B 76 -0.44 -25.47 27.89
CA TYR B 76 -1.15 -26.47 28.69
C TYR B 76 -0.22 -27.56 29.16
N ASP B 77 0.46 -28.24 28.22
CA ASP B 77 1.31 -29.37 28.56
C ASP B 77 2.41 -28.96 29.53
N THR B 78 2.93 -27.75 29.38
CA THR B 78 3.96 -27.28 30.31
C THR B 78 3.38 -27.08 31.70
N MET B 79 2.13 -26.59 31.78
CA MET B 79 1.48 -26.45 33.08
C MET B 79 1.32 -27.80 33.74
N GLN B 80 0.93 -28.81 32.96
CA GLN B 80 0.73 -30.14 33.52
C GLN B 80 2.06 -30.78 33.87
N TYR B 81 3.14 -30.42 33.16
CA TYR B 81 4.43 -31.04 33.42
C TYR B 81 5.04 -30.54 34.72
N ILE B 82 5.01 -29.22 34.99
CA ILE B 82 5.66 -28.71 36.19
C ILE B 82 4.85 -29.10 37.42
N LEU B 83 5.56 -29.34 38.52
CA LEU B 83 4.94 -29.84 39.75
C LEU B 83 4.32 -28.74 40.60
N ASN B 84 4.78 -27.50 40.44
CA ASN B 84 4.31 -26.39 41.25
C ASN B 84 2.79 -26.29 41.20
N PRO B 85 2.16 -25.93 42.33
CA PRO B 85 0.78 -25.43 42.25
C PRO B 85 0.74 -24.22 41.31
N ILE B 86 -0.29 -24.15 40.48
CA ILE B 86 -0.46 -23.02 39.57
C ILE B 86 -1.83 -22.41 39.85
N CYS B 87 -1.84 -21.18 40.36
CA CYS B 87 -3.06 -20.39 40.51
C CYS B 87 -3.35 -19.65 39.22
N THR B 88 -4.49 -19.91 38.61
CA THR B 88 -4.88 -19.16 37.42
C THR B 88 -5.85 -18.05 37.80
N TRP B 89 -5.65 -16.88 37.19
CA TRP B 89 -6.43 -15.67 37.48
C TRP B 89 -6.99 -15.09 36.20
N CYS B 90 -8.31 -15.06 36.06
CA CYS B 90 -8.92 -14.48 34.88
C CYS B 90 -9.26 -13.02 35.13
N VAL B 91 -8.64 -12.14 34.36
CA VAL B 91 -8.90 -10.71 34.44
C VAL B 91 -9.29 -10.26 33.05
N GLY B 92 -10.42 -9.57 32.94
CA GLY B 92 -10.89 -9.13 31.65
C GLY B 92 -11.61 -10.22 30.88
N GLN B 93 -10.87 -11.14 30.27
CA GLN B 93 -11.53 -12.23 29.56
C GLN B 93 -10.57 -13.40 29.40
N ALA B 94 -11.16 -14.57 29.23
CA ALA B 94 -10.44 -15.79 28.85
C ALA B 94 -11.37 -16.48 27.87
N ALA B 95 -11.04 -16.38 26.58
CA ALA B 95 -11.83 -17.00 25.53
C ALA B 95 -10.96 -18.01 24.79
N SER B 96 -11.63 -18.99 24.18
CA SER B 96 -10.99 -20.06 23.41
C SER B 96 -9.84 -20.65 24.24
N MET B 97 -8.61 -20.72 23.71
CA MET B 97 -7.51 -21.32 24.46
C MET B 97 -7.24 -20.60 25.77
N GLY B 98 -7.54 -19.31 25.86
CA GLY B 98 -7.39 -18.62 27.13
C GLY B 98 -8.13 -19.29 28.26
N SER B 99 -9.38 -19.71 28.01
CA SER B 99 -10.15 -20.35 29.07
C SER B 99 -9.69 -21.77 29.34
N LEU B 100 -9.10 -22.45 28.36
CA LEU B 100 -8.53 -23.76 28.63
C LEU B 100 -7.38 -23.67 29.64
N LEU B 101 -6.52 -22.68 29.49
CA LEU B 101 -5.43 -22.50 30.45
C LEU B 101 -5.98 -22.08 31.81
N LEU B 102 -7.05 -21.28 31.81
CA LEU B 102 -7.67 -20.92 33.07
C LEU B 102 -8.20 -22.17 33.77
N ALA B 103 -8.94 -23.00 33.04
CA ALA B 103 -9.47 -24.24 33.60
C ALA B 103 -8.38 -25.20 33.99
N ALA B 104 -7.18 -25.05 33.47
CA ALA B 104 -6.09 -25.99 33.68
C ALA B 104 -5.27 -25.65 34.91
N GLY B 105 -5.62 -24.60 35.65
CA GLY B 105 -4.96 -24.34 36.91
C GLY B 105 -5.19 -25.45 37.92
N THR B 106 -4.34 -25.46 38.94
CA THR B 106 -4.41 -26.46 40.00
C THR B 106 -5.80 -26.45 40.65
N PRO B 107 -6.43 -27.62 40.87
CA PRO B 107 -7.77 -27.63 41.44
C PRO B 107 -7.86 -26.75 42.69
N GLY B 108 -8.90 -25.92 42.73
CA GLY B 108 -9.10 -25.01 43.84
C GLY B 108 -8.32 -23.71 43.78
N MET B 109 -7.45 -23.51 42.79
CA MET B 109 -6.67 -22.29 42.67
C MET B 109 -6.95 -21.56 41.35
N ARG B 110 -8.14 -21.75 40.80
CA ARG B 110 -8.55 -21.11 39.56
C ARG B 110 -9.55 -20.01 39.92
N HIS B 111 -9.19 -18.76 39.60
CA HIS B 111 -9.95 -17.60 40.04
C HIS B 111 -10.36 -16.73 38.87
N SER B 112 -11.38 -15.91 39.11
CA SER B 112 -11.72 -14.84 38.19
C SER B 112 -12.05 -13.61 39.01
N LEU B 113 -11.69 -12.43 38.48
CA LEU B 113 -12.22 -11.22 39.07
C LEU B 113 -13.68 -11.10 38.65
N PRO B 114 -14.46 -10.23 39.33
CA PRO B 114 -15.92 -10.36 39.23
C PRO B 114 -16.51 -9.97 37.89
N ASN B 115 -15.85 -9.14 37.08
CA ASN B 115 -16.47 -8.70 35.84
C ASN B 115 -15.91 -9.39 34.59
N SER B 116 -15.01 -10.35 34.74
CA SER B 116 -14.45 -11.06 33.59
C SER B 116 -15.53 -11.77 32.78
N ARG B 117 -15.18 -12.13 31.54
CA ARG B 117 -16.05 -12.95 30.69
C ARG B 117 -15.23 -14.17 30.25
N ILE B 118 -15.85 -15.34 30.30
CA ILE B 118 -15.18 -16.61 30.01
C ILE B 118 -15.96 -17.29 28.89
N MET B 119 -15.24 -17.67 27.83
CA MET B 119 -15.84 -18.33 26.67
C MET B 119 -15.05 -19.60 26.34
N ILE B 120 -15.76 -20.73 26.22
CA ILE B 120 -15.12 -21.98 25.79
C ILE B 120 -15.40 -22.27 24.32
N HIS B 121 -16.40 -21.62 23.74
CA HIS B 121 -16.59 -21.61 22.30
C HIS B 121 -15.28 -21.23 21.61
N GLN B 122 -15.07 -21.80 20.42
CA GLN B 122 -13.95 -21.41 19.57
C GLN B 122 -14.49 -20.59 18.42
N PRO B 123 -14.31 -19.28 18.40
CA PRO B 123 -14.74 -18.52 17.23
C PRO B 123 -14.03 -19.03 15.99
N SER B 124 -14.79 -19.16 14.90
CA SER B 124 -14.31 -19.86 13.72
C SER B 124 -13.04 -19.22 13.15
N ALA B 135 -2.12 -24.47 7.47
CA ALA B 135 -2.99 -25.13 6.52
C ALA B 135 -3.05 -26.63 6.84
N ILE B 136 -4.24 -27.10 7.24
CA ILE B 136 -4.42 -28.48 7.67
C ILE B 136 -5.66 -29.08 7.02
N GLN B 137 -5.67 -30.41 6.95
CA GLN B 137 -6.79 -31.17 6.43
C GLN B 137 -7.96 -31.14 7.41
N ALA B 138 -9.15 -31.45 6.89
CA ALA B 138 -10.35 -31.46 7.73
C ALA B 138 -10.19 -32.40 8.92
N GLU B 139 -9.61 -33.58 8.69
CA GLU B 139 -9.54 -34.58 9.76
C GLU B 139 -8.60 -34.15 10.88
N GLU B 140 -7.59 -33.33 10.58
CA GLU B 140 -6.70 -32.85 11.63
C GLU B 140 -7.32 -31.68 12.41
N ILE B 141 -8.20 -30.90 11.78
CA ILE B 141 -8.90 -29.87 12.52
C ILE B 141 -9.83 -30.50 13.55
N MET B 142 -10.46 -31.63 13.19
CA MET B 142 -11.27 -32.40 14.13
C MET B 142 -10.41 -33.02 15.22
N LYS B 143 -9.26 -33.58 14.88
CA LYS B 143 -8.40 -34.18 15.90
C LYS B 143 -8.03 -33.17 16.98
N LEU B 144 -7.67 -31.95 16.56
CA LEU B 144 -7.34 -30.91 17.53
C LEU B 144 -8.55 -30.59 18.40
N LYS B 145 -9.71 -30.46 17.77
CA LYS B 145 -10.93 -30.13 18.50
C LYS B 145 -11.22 -31.19 19.57
N LYS B 146 -11.07 -32.46 19.22
CA LYS B 146 -11.34 -33.53 20.19
C LYS B 146 -10.35 -33.49 21.33
N GLN B 147 -9.10 -33.11 21.04
CA GLN B 147 -8.13 -32.88 22.10
C GLN B 147 -8.65 -31.84 23.09
N LEU B 148 -9.29 -30.79 22.59
CA LEU B 148 -9.79 -29.75 23.49
C LEU B 148 -10.99 -30.27 24.28
N TYR B 149 -11.94 -30.92 23.61
CA TYR B 149 -13.07 -31.53 24.33
C TYR B 149 -12.58 -32.32 25.54
N ASN B 150 -11.63 -33.23 25.30
CA ASN B 150 -11.13 -34.09 26.37
C ASN B 150 -10.40 -33.30 27.44
N ILE B 151 -9.67 -32.25 27.08
CA ILE B 151 -9.01 -31.45 28.09
C ILE B 151 -10.03 -30.72 28.96
N TYR B 152 -11.08 -30.17 28.33
CA TYR B 152 -12.10 -29.46 29.09
C TYR B 152 -12.83 -30.43 30.04
N ALA B 153 -13.22 -31.60 29.53
CA ALA B 153 -13.89 -32.57 30.40
C ALA B 153 -13.00 -32.96 31.57
N LYS B 154 -11.72 -33.23 31.33
CA LYS B 154 -10.84 -33.58 32.43
C LYS B 154 -10.84 -32.53 33.54
N HIS B 155 -10.86 -31.25 33.18
CA HIS B 155 -10.61 -30.21 34.16
C HIS B 155 -11.88 -29.58 34.71
N THR B 156 -12.95 -29.59 33.94
CA THR B 156 -14.24 -29.12 34.41
C THR B 156 -15.09 -30.23 35.01
N LYS B 157 -14.58 -31.47 35.00
CA LYS B 157 -15.33 -32.64 35.46
C LYS B 157 -16.72 -32.69 34.81
N GLN B 158 -16.88 -32.11 33.62
CA GLN B 158 -18.13 -32.24 32.89
C GLN B 158 -18.01 -33.36 31.86
N SER B 159 -19.15 -33.93 31.50
CA SER B 159 -19.15 -35.00 30.52
C SER B 159 -18.89 -34.43 29.12
N LEU B 160 -18.43 -35.31 28.23
CA LEU B 160 -18.17 -34.90 26.86
C LEU B 160 -19.42 -34.37 26.20
N GLN B 161 -20.55 -35.02 26.46
CA GLN B 161 -21.82 -34.58 25.91
C GLN B 161 -22.03 -33.08 26.18
N VAL B 162 -21.82 -32.67 27.43
CA VAL B 162 -22.06 -31.27 27.80
C VAL B 162 -21.00 -30.36 27.17
N ILE B 163 -19.73 -30.76 27.24
CA ILE B 163 -18.66 -29.95 26.66
C ILE B 163 -18.89 -29.71 25.17
N GLU B 164 -19.08 -30.77 24.40
CA GLU B 164 -19.31 -30.59 22.96
C GLU B 164 -20.55 -29.74 22.70
N SER B 165 -21.64 -30.00 23.44
CA SER B 165 -22.84 -29.19 23.26
C SER B 165 -22.58 -27.74 23.61
N ALA B 166 -22.05 -27.48 24.80
CA ALA B 166 -21.76 -26.11 25.23
C ALA B 166 -20.87 -25.39 24.22
N MET B 167 -19.81 -26.05 23.74
CA MET B 167 -18.84 -25.38 22.86
C MET B 167 -19.40 -24.98 21.50
N GLU B 168 -20.50 -25.57 21.05
CA GLU B 168 -21.19 -25.12 19.85
C GLU B 168 -21.78 -23.71 19.99
N ARG B 169 -22.11 -23.29 21.20
CA ARG B 169 -22.85 -22.05 21.42
C ARG B 169 -21.90 -20.86 21.45
N ASP B 170 -22.18 -19.84 20.63
CA ASP B 170 -21.35 -18.64 20.55
C ASP B 170 -21.79 -17.68 21.65
N ARG B 171 -21.30 -17.95 22.87
CA ARG B 171 -21.72 -17.17 24.02
C ARG B 171 -20.61 -17.16 25.07
N TYR B 172 -20.67 -16.17 25.94
CA TYR B 172 -19.76 -16.04 27.07
C TYR B 172 -20.46 -16.48 28.35
N MET B 173 -19.67 -16.92 29.33
CA MET B 173 -20.13 -17.17 30.67
C MET B 173 -19.66 -16.04 31.59
N SER B 174 -20.48 -15.75 32.60
CA SER B 174 -20.03 -14.91 33.70
C SER B 174 -19.12 -15.73 34.60
N PRO B 175 -18.37 -15.08 35.50
CA PRO B 175 -17.51 -15.86 36.40
C PRO B 175 -18.27 -16.87 37.26
N MET B 176 -19.52 -16.58 37.61
CA MET B 176 -20.29 -17.53 38.43
C MET B 176 -20.80 -18.70 37.59
N GLU B 177 -21.25 -18.45 36.35
CA GLU B 177 -21.58 -19.59 35.50
C GLU B 177 -20.35 -20.43 35.23
N ALA B 178 -19.20 -19.78 35.03
CA ALA B 178 -17.94 -20.49 34.82
C ALA B 178 -17.56 -21.33 36.03
N GLN B 179 -17.70 -20.78 37.24
CA GLN B 179 -17.48 -21.57 38.44
C GLN B 179 -18.41 -22.79 38.48
N GLU B 180 -19.69 -22.59 38.14
CA GLU B 180 -20.66 -23.68 38.22
C GLU B 180 -20.35 -24.76 37.19
N PHE B 181 -19.73 -24.37 36.06
CA PHE B 181 -19.36 -25.30 34.99
C PHE B 181 -18.14 -26.13 35.33
N GLY B 182 -17.27 -25.62 36.22
CA GLY B 182 -16.01 -26.28 36.52
C GLY B 182 -14.79 -25.64 35.88
N ILE B 183 -14.96 -24.52 35.19
CA ILE B 183 -13.82 -23.81 34.61
C ILE B 183 -12.94 -23.19 35.69
N LEU B 184 -13.54 -22.74 36.79
CA LEU B 184 -12.77 -22.12 37.86
C LEU B 184 -13.45 -22.39 39.20
N ASP B 185 -12.75 -22.03 40.28
CA ASP B 185 -13.17 -22.36 41.64
C ASP B 185 -13.63 -21.17 42.46
N LYS B 186 -13.13 -19.97 42.20
CA LYS B 186 -13.39 -18.82 43.05
C LYS B 186 -13.58 -17.56 42.21
N VAL B 187 -14.61 -16.79 42.54
CA VAL B 187 -14.84 -15.46 41.98
C VAL B 187 -14.65 -14.46 43.12
N LEU B 188 -13.50 -13.80 43.18
CA LEU B 188 -13.22 -12.99 44.35
C LEU B 188 -13.22 -11.50 44.04
N VAL B 189 -13.53 -10.71 45.05
CA VAL B 189 -13.66 -9.27 44.95
C VAL B 189 -12.48 -8.56 45.60
N HIS B 190 -12.12 -8.97 46.81
CA HIS B 190 -11.10 -8.31 47.63
C HIS B 190 -10.21 -9.34 48.29
N PRO B 191 -8.96 -8.97 48.63
CA PRO B 191 -8.03 -9.80 49.39
C PRO B 191 -8.72 -10.42 50.63
N LEU C 1 8.52 -8.26 24.19
CA LEU C 1 8.51 -8.04 25.64
C LEU C 1 9.17 -9.24 26.30
N ILE C 2 10.50 -9.24 26.35
CA ILE C 2 11.28 -10.36 26.88
C ILE C 2 11.75 -10.01 28.29
N PRO C 3 11.35 -10.75 29.31
CA PRO C 3 11.70 -10.39 30.69
C PRO C 3 13.14 -10.74 31.02
N ILE C 4 13.58 -10.18 32.14
CA ILE C 4 14.92 -10.36 32.69
C ILE C 4 14.83 -11.16 33.97
N VAL C 5 15.82 -12.03 34.21
CA VAL C 5 15.97 -12.70 35.49
C VAL C 5 17.44 -12.63 35.88
N VAL C 6 17.82 -13.34 36.94
CA VAL C 6 19.16 -13.22 37.50
C VAL C 6 19.83 -14.58 37.72
N ALA C 15 21.96 -10.97 35.46
CA ALA C 15 20.66 -10.50 34.99
C ALA C 15 20.48 -10.72 33.50
N TYR C 16 19.91 -11.87 33.13
CA TYR C 16 19.77 -12.28 31.73
C TYR C 16 18.35 -12.06 31.22
N ASP C 17 18.23 -11.84 29.91
CA ASP C 17 16.97 -12.13 29.25
C ASP C 17 16.66 -13.62 29.40
N ILE C 18 15.38 -13.95 29.64
CA ILE C 18 15.04 -15.34 29.96
C ILE C 18 15.62 -16.31 28.94
N TYR C 19 15.71 -15.91 27.68
CA TYR C 19 16.22 -16.81 26.64
C TYR C 19 17.70 -17.08 26.84
N SER C 20 18.50 -16.04 27.04
CA SER C 20 19.91 -16.25 27.37
C SER C 20 20.06 -17.12 28.61
N ARG C 21 19.25 -16.85 29.64
CA ARG C 21 19.26 -17.66 30.85
C ARG C 21 19.05 -19.13 30.52
N LEU C 22 18.07 -19.43 29.67
CA LEU C 22 17.84 -20.83 29.30
C LEU C 22 19.04 -21.38 28.56
N LEU C 23 19.65 -20.58 27.68
CA LEU C 23 20.86 -21.02 26.98
C LEU C 23 21.96 -21.39 27.97
N ARG C 24 22.10 -20.62 29.05
CA ARG C 24 23.06 -20.97 30.09
C ARG C 24 22.78 -22.35 30.67
N GLU C 25 21.51 -22.76 30.75
CA GLU C 25 21.17 -24.12 31.20
C GLU C 25 21.23 -25.12 30.07
N ARG C 26 21.78 -24.72 28.92
CA ARG C 26 22.03 -25.62 27.80
C ARG C 26 20.76 -25.96 27.05
N ILE C 27 19.78 -25.06 27.08
CA ILE C 27 18.56 -25.20 26.31
C ILE C 27 18.66 -24.32 25.06
N VAL C 28 18.43 -24.92 23.89
CA VAL C 28 18.45 -24.21 22.62
C VAL C 28 17.03 -24.22 22.07
N CYS C 29 16.53 -23.04 21.71
CA CYS C 29 15.14 -22.89 21.32
C CYS C 29 15.01 -22.85 19.81
N VAL C 30 14.15 -23.72 19.28
CA VAL C 30 13.78 -23.76 17.87
C VAL C 30 12.27 -23.65 17.79
N MET C 31 11.73 -22.49 18.17
CA MET C 31 10.31 -22.22 18.02
C MET C 31 10.11 -21.35 16.79
N GLY C 32 9.07 -21.65 16.03
CA GLY C 32 8.75 -20.84 14.88
C GLY C 32 9.35 -21.41 13.63
N PRO C 33 9.15 -20.71 12.52
CA PRO C 33 9.67 -21.20 11.23
C PRO C 33 11.19 -21.18 11.19
N ILE C 34 11.74 -22.12 10.43
CA ILE C 34 13.17 -22.30 10.32
C ILE C 34 13.61 -21.59 9.05
N ASP C 35 14.39 -20.53 9.19
CA ASP C 35 14.99 -19.88 8.04
C ASP C 35 16.50 -19.77 8.25
N ASP C 36 17.17 -19.16 7.29
CA ASP C 36 18.61 -19.02 7.37
C ASP C 36 19.04 -18.30 8.65
N SER C 37 18.27 -17.33 9.13
CA SER C 37 18.76 -16.65 10.32
C SER C 37 18.47 -17.43 11.59
N VAL C 38 17.36 -18.16 11.63
CA VAL C 38 17.16 -19.15 12.69
C VAL C 38 18.31 -20.14 12.72
N ALA C 39 18.66 -20.68 11.55
CA ALA C 39 19.71 -21.71 11.50
C ALA C 39 21.02 -21.14 12.00
N SER C 40 21.38 -19.95 11.52
CA SER C 40 22.60 -19.32 11.98
C SER C 40 22.60 -19.21 13.49
N LEU C 41 21.50 -18.74 14.06
CA LEU C 41 21.45 -18.61 15.51
C LEU C 41 21.46 -19.99 16.18
N VAL C 42 20.75 -20.95 15.63
CA VAL C 42 20.75 -22.26 16.28
C VAL C 42 22.16 -22.86 16.22
N ILE C 43 22.79 -22.78 15.05
CA ILE C 43 24.14 -23.31 14.88
C ILE C 43 25.10 -22.63 15.84
N ALA C 44 25.06 -21.30 15.89
CA ALA C 44 25.92 -20.57 16.84
C ALA C 44 25.79 -21.13 18.25
N GLN C 45 24.57 -21.42 18.67
CA GLN C 45 24.37 -21.84 20.06
C GLN C 45 24.87 -23.26 20.28
N LEU C 46 24.66 -24.15 19.30
CA LEU C 46 25.13 -25.51 19.46
C LEU C 46 26.65 -25.56 19.57
N LEU C 47 27.34 -24.90 18.64
CA LEU C 47 28.80 -24.86 18.69
C LEU C 47 29.27 -24.28 20.02
N PHE C 48 28.67 -23.17 20.45
CA PHE C 48 29.10 -22.57 21.70
C PHE C 48 28.91 -23.53 22.87
N LEU C 49 27.82 -24.29 22.84
CA LEU C 49 27.55 -25.21 23.95
C LEU C 49 28.56 -26.36 23.96
N GLN C 50 28.84 -26.92 22.78
CA GLN C 50 29.87 -27.94 22.67
C GLN C 50 31.21 -27.44 23.19
N SER C 51 31.56 -26.18 22.85
CA SER C 51 32.79 -25.59 23.37
C SER C 51 32.77 -25.50 24.90
N GLU C 52 31.58 -25.36 25.49
CA GLU C 52 31.51 -25.29 26.95
C GLU C 52 31.77 -26.64 27.57
N SER C 53 31.11 -27.68 27.08
CA SER C 53 31.43 -29.05 27.45
C SER C 53 31.04 -29.92 26.27
N ASN C 54 31.96 -30.76 25.83
CA ASN C 54 31.60 -31.63 24.71
C ASN C 54 30.83 -32.87 25.16
N LYS C 55 30.55 -33.03 26.46
CA LYS C 55 29.79 -34.19 26.90
C LYS C 55 28.44 -33.86 27.53
N LYS C 56 28.36 -32.78 28.29
CA LYS C 56 27.10 -32.35 28.87
C LYS C 56 25.98 -32.35 27.82
N PRO C 57 24.83 -32.97 28.09
CA PRO C 57 23.77 -33.00 27.09
C PRO C 57 23.30 -31.59 26.74
N ILE C 58 22.69 -31.49 25.57
CA ILE C 58 22.12 -30.24 25.08
C ILE C 58 20.65 -30.51 24.86
N HIS C 59 19.81 -29.56 25.27
CA HIS C 59 18.37 -29.68 25.13
C HIS C 59 17.94 -28.80 23.97
N MET C 60 17.14 -29.38 23.08
CA MET C 60 16.64 -28.67 21.93
C MET C 60 15.11 -28.69 22.00
N TYR C 61 14.54 -27.52 22.28
CA TYR C 61 13.09 -27.33 22.31
C TYR C 61 12.59 -26.99 20.91
N ILE C 62 11.70 -27.82 20.38
CA ILE C 62 11.17 -27.67 19.03
C ILE C 62 9.68 -27.42 19.10
N ASN C 63 9.25 -26.28 18.56
CA ASN C 63 7.84 -25.99 18.38
C ASN C 63 7.77 -25.24 17.06
N SER C 64 7.72 -25.98 15.95
CA SER C 64 7.99 -25.36 14.67
C SER C 64 7.09 -25.96 13.59
N PRO C 65 6.56 -25.13 12.70
CA PRO C 65 5.81 -25.64 11.55
C PRO C 65 6.69 -26.04 10.37
N GLY C 66 8.02 -25.96 10.52
CA GLY C 66 8.94 -26.26 9.43
C GLY C 66 9.67 -24.99 8.97
N GLY C 67 10.10 -25.01 7.70
CA GLY C 67 10.79 -23.86 7.14
C GLY C 67 11.65 -24.27 5.96
N VAL C 68 12.62 -23.38 5.66
CA VAL C 68 13.53 -23.59 4.55
C VAL C 68 14.32 -24.90 4.72
N VAL C 69 14.37 -25.70 3.65
CA VAL C 69 14.89 -27.05 3.77
C VAL C 69 16.39 -27.04 4.03
N THR C 70 17.14 -26.22 3.27
CA THR C 70 18.59 -26.21 3.44
C THR C 70 18.98 -25.60 4.77
N ALA C 71 18.14 -24.68 5.30
CA ALA C 71 18.37 -24.17 6.65
C ALA C 71 18.10 -25.26 7.69
N GLY C 72 17.04 -26.04 7.49
CA GLY C 72 16.86 -27.23 8.30
C GLY C 72 18.07 -28.16 8.25
N LEU C 73 18.56 -28.44 7.04
CA LEU C 73 19.67 -29.39 6.91
C LEU C 73 20.95 -28.86 7.52
N ALA C 74 21.14 -27.54 7.50
CA ALA C 74 22.29 -26.97 8.19
C ALA C 74 22.22 -27.25 9.69
N ILE C 75 21.03 -27.08 10.29
CA ILE C 75 20.87 -27.46 11.69
C ILE C 75 21.09 -28.95 11.85
N TYR C 76 20.43 -29.76 11.04
CA TYR C 76 20.61 -31.21 11.16
C TYR C 76 22.08 -31.59 11.13
N ASP C 77 22.85 -31.05 10.17
CA ASP C 77 24.25 -31.45 10.05
C ASP C 77 25.03 -31.01 11.28
N THR C 78 24.71 -29.83 11.82
CA THR C 78 25.45 -29.36 12.98
C THR C 78 25.16 -30.24 14.19
N MET C 79 23.93 -30.76 14.32
CA MET C 79 23.61 -31.73 15.39
C MET C 79 24.45 -33.00 15.26
N GLN C 80 24.43 -33.63 14.08
CA GLN C 80 25.25 -34.82 13.86
C GLN C 80 26.74 -34.54 14.05
N TYR C 81 27.16 -33.29 13.84
CA TYR C 81 28.58 -32.97 13.93
C TYR C 81 29.05 -32.84 15.37
N ILE C 82 28.29 -32.14 16.23
CA ILE C 82 28.76 -32.00 17.60
C ILE C 82 28.69 -33.36 18.31
N LEU C 83 29.46 -33.46 19.39
CA LEU C 83 29.63 -34.72 20.12
C LEU C 83 28.58 -34.92 21.21
N ASN C 84 28.11 -33.83 21.80
CA ASN C 84 27.15 -33.91 22.89
C ASN C 84 25.97 -34.79 22.54
N PRO C 85 25.40 -35.49 23.51
CA PRO C 85 24.04 -35.99 23.33
C PRO C 85 23.08 -34.81 23.23
N ILE C 86 22.11 -34.92 22.34
CA ILE C 86 21.09 -33.89 22.17
C ILE C 86 19.74 -34.51 22.49
N CYS C 87 19.05 -33.94 23.48
CA CYS C 87 17.69 -34.33 23.80
C CYS C 87 16.75 -33.39 23.07
N THR C 88 15.94 -33.94 22.17
CA THR C 88 14.95 -33.16 21.46
C THR C 88 13.61 -33.25 22.18
N TRP C 89 12.90 -32.11 22.21
CA TRP C 89 11.66 -31.93 22.98
C TRP C 89 10.62 -31.25 22.11
N CYS C 90 9.59 -31.97 21.73
CA CYS C 90 8.49 -31.42 20.94
C CYS C 90 7.41 -30.89 21.87
N VAL C 91 7.18 -29.58 21.85
CA VAL C 91 6.00 -28.98 22.48
C VAL C 91 5.20 -28.27 21.41
N GLY C 92 3.88 -28.37 21.48
CA GLY C 92 3.06 -27.81 20.44
C GLY C 92 3.09 -28.63 19.17
N GLN C 93 4.06 -28.38 18.29
CA GLN C 93 4.10 -29.10 17.03
C GLN C 93 5.53 -29.20 16.51
N ALA C 94 5.78 -30.26 15.74
CA ALA C 94 7.00 -30.43 14.98
C ALA C 94 6.57 -30.92 13.61
N ALA C 95 6.56 -30.03 12.63
CA ALA C 95 6.07 -30.37 11.30
C ALA C 95 7.16 -30.09 10.27
N SER C 96 7.13 -30.84 9.17
CA SER C 96 8.13 -30.73 8.10
C SER C 96 9.53 -30.78 8.73
N MET C 97 10.42 -29.83 8.44
CA MET C 97 11.78 -29.84 8.98
C MET C 97 11.80 -29.84 10.50
N GLY C 98 10.74 -29.34 11.14
CA GLY C 98 10.68 -29.41 12.59
C GLY C 98 10.76 -30.85 13.10
N SER C 99 10.01 -31.75 12.46
CA SER C 99 10.02 -33.16 12.87
C SER C 99 11.28 -33.89 12.45
N LEU C 100 11.95 -33.44 11.37
CA LEU C 100 13.25 -33.99 11.03
C LEU C 100 14.26 -33.72 12.14
N LEU C 101 14.28 -32.50 12.66
CA LEU C 101 15.21 -32.19 13.73
C LEU C 101 14.89 -32.99 15.00
N LEU C 102 13.60 -33.14 15.32
CA LEU C 102 13.21 -33.91 16.49
C LEU C 102 13.70 -35.36 16.37
N ALA C 103 13.38 -36.00 15.24
CA ALA C 103 13.86 -37.35 14.94
C ALA C 103 15.37 -37.48 15.00
N ALA C 104 16.11 -36.39 14.90
CA ALA C 104 17.56 -36.48 14.80
C ALA C 104 18.25 -36.37 16.14
N GLY C 105 17.50 -36.17 17.21
CA GLY C 105 18.12 -36.17 18.54
C GLY C 105 18.76 -37.51 18.86
N THR C 106 19.70 -37.47 19.79
CA THR C 106 20.39 -38.68 20.21
C THR C 106 19.39 -39.79 20.50
N PRO C 107 19.66 -41.03 20.05
CA PRO C 107 18.69 -42.13 20.24
C PRO C 107 18.32 -42.33 21.71
N GLY C 108 17.02 -42.52 21.94
CA GLY C 108 16.49 -42.63 23.29
C GLY C 108 16.35 -41.31 24.02
N MET C 109 16.84 -40.21 23.44
CA MET C 109 16.75 -38.88 24.06
C MET C 109 15.78 -37.97 23.31
N ARG C 110 14.82 -38.56 22.59
CA ARG C 110 13.87 -37.81 21.76
C ARG C 110 12.50 -37.88 22.41
N HIS C 111 11.96 -36.71 22.78
CA HIS C 111 10.77 -36.61 23.61
C HIS C 111 9.70 -35.77 22.94
N SER C 112 8.47 -35.97 23.43
CA SER C 112 7.31 -35.15 23.09
C SER C 112 6.44 -34.98 24.34
N LEU C 113 5.79 -33.83 24.44
CA LEU C 113 4.75 -33.65 25.44
C LEU C 113 3.48 -34.35 24.97
N PRO C 114 2.53 -34.61 25.88
CA PRO C 114 1.38 -35.46 25.52
C PRO C 114 0.50 -34.92 24.40
N ASN C 115 0.37 -33.60 24.24
CA ASN C 115 -0.59 -33.06 23.28
C ASN C 115 0.05 -32.49 22.01
N SER C 116 1.35 -32.70 21.81
CA SER C 116 2.03 -32.22 20.59
C SER C 116 1.50 -32.92 19.34
N ARG C 117 1.71 -32.28 18.19
CA ARG C 117 1.37 -32.88 16.90
C ARG C 117 2.63 -32.95 16.03
N ILE C 118 2.83 -34.10 15.40
CA ILE C 118 4.03 -34.41 14.64
C ILE C 118 3.64 -34.64 13.19
N MET C 119 4.35 -33.99 12.25
CA MET C 119 4.07 -34.16 10.83
C MET C 119 5.36 -34.28 10.04
N ILE C 120 5.51 -35.39 9.29
CA ILE C 120 6.66 -35.60 8.42
C ILE C 120 6.35 -35.31 6.96
N HIS C 121 5.08 -35.21 6.60
CA HIS C 121 4.65 -34.64 5.34
C HIS C 121 5.25 -33.24 5.17
N GLN C 122 5.53 -32.89 3.92
CA GLN C 122 6.02 -31.55 3.58
C GLN C 122 4.88 -30.77 2.94
N PRO C 123 4.18 -29.89 3.67
CA PRO C 123 3.18 -29.04 3.02
C PRO C 123 3.80 -28.26 1.88
N ILE C 136 14.81 -22.85 -8.19
CA ILE C 136 15.50 -24.13 -8.35
C ILE C 136 14.72 -25.10 -9.26
N GLN C 137 15.45 -25.89 -10.04
CA GLN C 137 14.82 -26.73 -11.04
C GLN C 137 14.21 -27.97 -10.38
N ALA C 138 13.34 -28.63 -11.14
CA ALA C 138 12.71 -29.87 -10.70
C ALA C 138 13.73 -30.83 -10.12
N GLU C 139 14.79 -31.12 -10.89
CA GLU C 139 15.78 -32.09 -10.47
C GLU C 139 16.31 -31.78 -9.08
N GLU C 140 16.52 -30.50 -8.77
CA GLU C 140 17.11 -30.13 -7.47
C GLU C 140 16.13 -30.28 -6.32
N ILE C 141 14.82 -30.13 -6.57
CA ILE C 141 13.82 -30.31 -5.52
C ILE C 141 13.72 -31.77 -5.14
N MET C 142 13.60 -32.66 -6.14
CA MET C 142 13.63 -34.09 -5.88
C MET C 142 14.90 -34.50 -5.15
N LYS C 143 16.03 -33.90 -5.53
CA LYS C 143 17.28 -34.18 -4.85
C LYS C 143 17.17 -33.85 -3.36
N LEU C 144 16.70 -32.64 -3.03
CA LEU C 144 16.50 -32.32 -1.63
C LEU C 144 15.52 -33.28 -0.99
N LYS C 145 14.40 -33.54 -1.64
CA LYS C 145 13.38 -34.44 -1.09
C LYS C 145 13.96 -35.81 -0.76
N LYS C 146 14.87 -36.31 -1.61
CA LYS C 146 15.46 -37.62 -1.36
C LYS C 146 16.47 -37.57 -0.22
N GLN C 147 17.16 -36.44 -0.08
CA GLN C 147 17.95 -36.20 1.13
C GLN C 147 17.09 -36.32 2.37
N LEU C 148 15.84 -35.85 2.29
CA LEU C 148 14.96 -35.92 3.44
C LEU C 148 14.62 -37.37 3.76
N TYR C 149 14.00 -38.05 2.79
CA TYR C 149 13.75 -39.50 2.84
C TYR C 149 14.88 -40.24 3.55
N ASN C 150 16.10 -40.04 3.07
CA ASN C 150 17.22 -40.77 3.63
C ASN C 150 17.45 -40.43 5.10
N ILE C 151 17.40 -39.14 5.45
CA ILE C 151 17.61 -38.78 6.86
C ILE C 151 16.52 -39.41 7.73
N TYR C 152 15.27 -39.34 7.29
CA TYR C 152 14.19 -39.97 8.05
C TYR C 152 14.43 -41.48 8.17
N ALA C 153 14.68 -42.15 7.04
CA ALA C 153 14.96 -43.58 7.07
C ALA C 153 16.02 -43.90 8.10
N LYS C 154 17.13 -43.17 8.10
CA LYS C 154 18.19 -43.45 9.06
C LYS C 154 17.70 -43.37 10.50
N HIS C 155 16.92 -42.33 10.83
CA HIS C 155 16.69 -42.04 12.24
C HIS C 155 15.49 -42.79 12.82
N THR C 156 14.50 -43.12 11.99
CA THR C 156 13.33 -43.86 12.37
C THR C 156 13.51 -45.37 12.22
N LYS C 157 14.50 -45.80 11.45
CA LYS C 157 14.74 -47.20 11.12
C LYS C 157 13.67 -47.77 10.22
N GLN C 158 12.90 -46.91 9.55
CA GLN C 158 11.90 -47.37 8.60
C GLN C 158 12.51 -47.46 7.21
N SER C 159 11.93 -48.32 6.37
CA SER C 159 12.43 -48.46 5.02
C SER C 159 12.07 -47.22 4.20
N LEU C 160 12.98 -46.84 3.29
CA LEU C 160 12.77 -45.76 2.35
C LEU C 160 11.36 -45.77 1.77
N GLN C 161 10.85 -46.95 1.43
CA GLN C 161 9.52 -47.00 0.84
C GLN C 161 8.46 -46.60 1.86
N VAL C 162 8.64 -47.02 3.12
CA VAL C 162 7.71 -46.64 4.16
C VAL C 162 7.73 -45.12 4.34
N ILE C 163 8.92 -44.57 4.62
CA ILE C 163 9.09 -43.13 4.74
C ILE C 163 8.41 -42.41 3.59
N GLU C 164 8.69 -42.85 2.36
CA GLU C 164 8.17 -42.16 1.19
C GLU C 164 6.65 -42.22 1.14
N SER C 165 6.08 -43.38 1.45
CA SER C 165 4.62 -43.50 1.46
C SER C 165 4.01 -42.68 2.58
N ALA C 166 4.66 -42.64 3.74
CA ALA C 166 4.15 -41.86 4.85
C ALA C 166 4.14 -40.36 4.52
N MET C 167 5.21 -39.85 3.92
CA MET C 167 5.34 -38.42 3.66
C MET C 167 4.37 -37.90 2.61
N GLU C 168 3.76 -38.77 1.83
CA GLU C 168 2.73 -38.36 0.88
C GLU C 168 1.40 -38.01 1.53
N ARG C 169 1.09 -38.58 2.71
CA ARG C 169 -0.19 -38.33 3.38
C ARG C 169 -0.13 -37.02 4.14
N ASP C 170 -1.11 -36.15 3.90
CA ASP C 170 -1.20 -34.86 4.58
C ASP C 170 -1.97 -35.07 5.87
N ARG C 171 -1.23 -35.37 6.93
CA ARG C 171 -1.80 -35.72 8.22
C ARG C 171 -0.73 -35.52 9.28
N TYR C 172 -1.17 -35.27 10.50
CA TYR C 172 -0.27 -35.28 11.64
C TYR C 172 -0.32 -36.65 12.34
N MET C 173 0.70 -36.88 13.17
CA MET C 173 0.78 -38.04 14.06
C MET C 173 0.65 -37.59 15.52
N SER C 174 -0.05 -38.40 16.32
CA SER C 174 0.02 -38.22 17.76
C SER C 174 1.43 -38.54 18.24
N PRO C 175 1.79 -38.09 19.44
CA PRO C 175 3.13 -38.44 19.96
C PRO C 175 3.35 -39.93 20.08
N MET C 176 2.30 -40.68 20.45
CA MET C 176 2.45 -42.13 20.62
C MET C 176 2.63 -42.81 19.27
N GLU C 177 1.87 -42.37 18.26
CA GLU C 177 2.09 -42.83 16.91
C GLU C 177 3.47 -42.45 16.39
N ALA C 178 3.96 -41.26 16.73
CA ALA C 178 5.31 -40.88 16.35
C ALA C 178 6.35 -41.77 17.02
N GLN C 179 6.12 -42.11 18.29
CA GLN C 179 6.95 -43.08 18.98
C GLN C 179 6.96 -44.41 18.23
N GLU C 180 5.77 -44.95 17.96
CA GLU C 180 5.63 -46.12 17.11
C GLU C 180 6.48 -46.03 15.86
N PHE C 181 6.35 -44.93 15.10
CA PHE C 181 7.02 -44.77 13.81
C PHE C 181 8.53 -44.66 13.94
N GLY C 182 9.04 -44.37 15.13
CA GLY C 182 10.46 -44.20 15.31
C GLY C 182 10.97 -42.78 15.23
N ILE C 183 10.08 -41.78 15.26
CA ILE C 183 10.50 -40.38 15.28
C ILE C 183 10.95 -39.96 16.67
N LEU C 184 10.36 -40.52 17.73
CA LEU C 184 10.74 -40.18 19.08
C LEU C 184 10.68 -41.43 19.96
N ASP C 185 11.31 -41.32 21.13
CA ASP C 185 11.48 -42.44 22.05
C ASP C 185 10.56 -42.40 23.27
N LYS C 186 10.20 -41.22 23.77
CA LYS C 186 9.39 -41.14 24.99
C LYS C 186 8.36 -40.04 24.83
N VAL C 187 7.17 -40.28 25.37
CA VAL C 187 6.09 -39.32 25.47
C VAL C 187 5.81 -39.13 26.95
N LEU C 188 6.31 -38.06 27.55
CA LEU C 188 6.21 -37.95 29.00
C LEU C 188 5.21 -36.88 29.43
N VAL C 189 4.75 -37.02 30.67
CA VAL C 189 3.71 -36.16 31.24
C VAL C 189 4.24 -35.31 32.38
N HIS C 190 5.04 -35.90 33.26
CA HIS C 190 5.62 -35.23 34.42
C HIS C 190 7.10 -35.54 34.48
N PRO C 191 7.84 -34.81 35.32
CA PRO C 191 9.21 -35.20 35.62
C PRO C 191 9.23 -36.21 36.75
N LEU D 1 16.34 -10.84 18.56
CA LEU D 1 16.47 -11.58 19.83
C LEU D 1 17.73 -12.45 19.78
N ILE D 2 18.86 -11.82 20.09
CA ILE D 2 20.17 -12.47 20.01
C ILE D 2 20.58 -12.85 21.42
N PRO D 3 20.85 -14.13 21.68
CA PRO D 3 21.26 -14.54 23.03
C PRO D 3 22.58 -13.90 23.45
N ILE D 4 22.68 -13.63 24.73
CA ILE D 4 23.93 -13.26 25.35
C ILE D 4 24.55 -14.50 25.98
N VAL D 5 25.88 -14.59 25.94
CA VAL D 5 26.63 -15.63 26.63
C VAL D 5 27.75 -14.96 27.40
N VAL D 6 28.24 -15.67 28.44
CA VAL D 6 29.28 -15.13 29.31
C VAL D 6 30.50 -16.05 29.34
N ALA D 15 30.62 -10.85 29.14
CA ALA D 15 29.31 -10.91 28.52
C ALA D 15 29.37 -10.47 27.06
N TYR D 16 28.62 -11.16 26.20
CA TYR D 16 28.75 -11.06 24.75
C TYR D 16 27.46 -11.49 24.09
N ASP D 17 27.09 -10.82 22.99
CA ASP D 17 26.16 -11.44 22.05
C ASP D 17 26.86 -12.56 21.30
N ILE D 18 26.10 -13.59 20.90
CA ILE D 18 26.73 -14.84 20.50
C ILE D 18 27.56 -14.67 19.24
N TYR D 19 27.16 -13.76 18.35
CA TYR D 19 27.96 -13.55 17.14
C TYR D 19 29.29 -12.90 17.49
N SER D 20 29.27 -11.91 18.39
CA SER D 20 30.52 -11.35 18.90
C SER D 20 31.35 -12.42 19.60
N ARG D 21 30.72 -13.29 20.38
CA ARG D 21 31.43 -14.40 21.00
C ARG D 21 32.18 -15.21 19.96
N LEU D 22 31.49 -15.57 18.88
CA LEU D 22 32.12 -16.35 17.82
C LEU D 22 33.21 -15.55 17.12
N LEU D 23 32.95 -14.28 16.81
CA LEU D 23 34.03 -13.46 16.24
C LEU D 23 35.26 -13.47 17.13
N ARG D 24 35.07 -13.55 18.44
CA ARG D 24 36.21 -13.67 19.34
C ARG D 24 36.93 -15.00 19.14
N GLU D 25 36.26 -16.01 18.60
CA GLU D 25 36.91 -17.28 18.27
C GLU D 25 37.41 -17.30 16.82
N ARG D 26 37.48 -16.15 16.16
CA ARG D 26 37.97 -16.08 14.79
C ARG D 26 37.03 -16.76 13.80
N ILE D 27 35.74 -16.78 14.12
CA ILE D 27 34.71 -17.21 13.19
C ILE D 27 34.02 -15.99 12.63
N VAL D 28 33.75 -16.05 11.33
CA VAL D 28 33.13 -14.95 10.60
C VAL D 28 31.96 -15.55 9.85
N CYS D 29 30.78 -15.00 10.03
CA CYS D 29 29.60 -15.57 9.42
C CYS D 29 29.27 -14.84 8.14
N VAL D 30 29.02 -15.61 7.08
CA VAL D 30 28.55 -15.09 5.81
C VAL D 30 27.29 -15.85 5.47
N MET D 31 26.21 -15.57 6.18
CA MET D 31 24.96 -16.28 6.00
C MET D 31 23.92 -15.34 5.41
N GLY D 32 23.14 -15.84 4.47
CA GLY D 32 22.17 -15.03 3.80
C GLY D 32 22.76 -14.34 2.58
N PRO D 33 21.95 -13.51 1.94
CA PRO D 33 22.40 -12.85 0.72
C PRO D 33 23.60 -11.96 1.01
N ILE D 34 24.41 -11.77 -0.03
CA ILE D 34 25.59 -10.93 0.04
C ILE D 34 25.24 -9.60 -0.59
N ASP D 35 25.46 -8.53 0.15
CA ASP D 35 25.28 -7.20 -0.39
C ASP D 35 26.40 -6.32 0.14
N ASP D 36 26.41 -5.06 -0.30
CA ASP D 36 27.46 -4.13 0.12
C ASP D 36 27.56 -4.01 1.63
N SER D 37 26.42 -4.05 2.34
CA SER D 37 26.48 -3.95 3.80
C SER D 37 27.00 -5.24 4.44
N VAL D 38 26.70 -6.39 3.86
CA VAL D 38 27.33 -7.63 4.32
C VAL D 38 28.84 -7.63 4.00
N ALA D 39 29.22 -7.17 2.81
CA ALA D 39 30.65 -7.19 2.47
C ALA D 39 31.43 -6.26 3.38
N SER D 40 30.88 -5.07 3.67
CA SER D 40 31.48 -4.16 4.65
C SER D 40 31.74 -4.84 5.99
N LEU D 41 30.74 -5.52 6.54
CA LEU D 41 30.91 -6.19 7.82
C LEU D 41 31.94 -7.32 7.73
N VAL D 42 31.82 -8.17 6.73
CA VAL D 42 32.77 -9.27 6.56
C VAL D 42 34.18 -8.70 6.42
N ILE D 43 34.34 -7.69 5.58
CA ILE D 43 35.68 -7.15 5.35
C ILE D 43 36.26 -6.59 6.65
N ALA D 44 35.47 -5.82 7.40
CA ALA D 44 35.97 -5.27 8.66
C ALA D 44 36.40 -6.37 9.62
N GLN D 45 35.68 -7.50 9.63
CA GLN D 45 36.02 -8.58 10.55
C GLN D 45 37.29 -9.29 10.11
N LEU D 46 37.39 -9.64 8.83
CA LEU D 46 38.63 -10.22 8.33
C LEU D 46 39.82 -9.32 8.65
N LEU D 47 39.67 -8.01 8.44
CA LEU D 47 40.79 -7.10 8.63
C LEU D 47 41.18 -7.01 10.11
N PHE D 48 40.18 -6.90 10.99
CA PHE D 48 40.48 -6.88 12.42
C PHE D 48 41.14 -8.19 12.84
N LEU D 49 40.56 -9.32 12.42
CA LEU D 49 41.13 -10.62 12.78
C LEU D 49 42.59 -10.73 12.32
N GLN D 50 42.92 -10.24 11.12
CA GLN D 50 44.33 -10.24 10.73
C GLN D 50 45.16 -9.38 11.68
N SER D 51 44.62 -8.23 12.11
CA SER D 51 45.35 -7.35 13.02
C SER D 51 45.70 -8.05 14.33
N GLU D 52 44.83 -8.95 14.79
CA GLU D 52 45.05 -9.65 16.05
C GLU D 52 46.09 -10.76 15.91
N SER D 53 46.11 -11.46 14.77
CA SER D 53 47.19 -12.36 14.41
C SER D 53 47.12 -12.59 12.92
N ASN D 54 48.22 -12.35 12.22
CA ASN D 54 48.25 -12.66 10.79
C ASN D 54 48.56 -14.13 10.51
N LYS D 55 48.81 -14.92 11.55
CA LYS D 55 49.10 -16.35 11.39
C LYS D 55 47.95 -17.26 11.80
N LYS D 56 47.15 -16.87 12.79
CA LYS D 56 46.10 -17.76 13.28
C LYS D 56 45.00 -17.91 12.23
N PRO D 57 44.53 -19.12 11.94
CA PRO D 57 43.49 -19.32 10.93
C PRO D 57 42.20 -18.58 11.26
N ILE D 58 41.43 -18.32 10.20
CA ILE D 58 40.14 -17.65 10.27
C ILE D 58 39.10 -18.59 9.67
N HIS D 59 37.98 -18.77 10.36
CA HIS D 59 36.91 -19.63 9.89
C HIS D 59 35.80 -18.78 9.27
N MET D 60 35.48 -19.05 8.01
CA MET D 60 34.39 -18.40 7.29
C MET D 60 33.25 -19.41 7.16
N TYR D 61 32.15 -19.18 7.89
CA TYR D 61 30.96 -20.00 7.73
C TYR D 61 30.11 -19.42 6.63
N ILE D 62 29.67 -20.26 5.70
CA ILE D 62 28.98 -19.82 4.51
C ILE D 62 27.66 -20.57 4.41
N ASN D 63 26.55 -19.82 4.48
CA ASN D 63 25.24 -20.35 4.17
C ASN D 63 24.56 -19.22 3.40
N SER D 64 24.80 -19.18 2.08
CA SER D 64 24.42 -18.02 1.29
C SER D 64 23.90 -18.40 -0.07
N PRO D 65 22.76 -17.85 -0.49
CA PRO D 65 22.31 -18.02 -1.88
C PRO D 65 23.01 -17.11 -2.86
N GLY D 66 24.06 -16.39 -2.47
CA GLY D 66 24.71 -15.44 -3.34
C GLY D 66 24.31 -14.01 -3.06
N GLY D 67 24.43 -13.18 -4.09
CA GLY D 67 24.05 -11.77 -3.98
C GLY D 67 24.80 -10.92 -4.99
N VAL D 68 25.10 -9.69 -4.57
CA VAL D 68 25.70 -8.71 -5.46
C VAL D 68 27.11 -9.15 -5.84
N VAL D 69 27.40 -9.14 -7.15
CA VAL D 69 28.70 -9.64 -7.59
C VAL D 69 29.84 -8.73 -7.13
N THR D 70 29.67 -7.41 -7.21
CA THR D 70 30.80 -6.58 -6.78
C THR D 70 31.02 -6.69 -5.27
N ALA D 71 29.94 -6.85 -4.50
CA ALA D 71 30.10 -7.07 -3.07
C ALA D 71 30.80 -8.40 -2.80
N GLY D 72 30.43 -9.45 -3.53
CA GLY D 72 31.16 -10.70 -3.43
C GLY D 72 32.64 -10.55 -3.74
N LEU D 73 32.96 -9.86 -4.84
CA LEU D 73 34.36 -9.70 -5.23
C LEU D 73 35.15 -8.90 -4.21
N ALA D 74 34.50 -7.92 -3.55
CA ALA D 74 35.15 -7.17 -2.49
C ALA D 74 35.61 -8.09 -1.36
N ILE D 75 34.71 -8.96 -0.89
CA ILE D 75 35.09 -9.99 0.08
C ILE D 75 36.19 -10.88 -0.49
N TYR D 76 36.00 -11.37 -1.71
CA TYR D 76 37.04 -12.22 -2.31
C TYR D 76 38.41 -11.57 -2.23
N ASP D 77 38.49 -10.32 -2.72
CA ASP D 77 39.79 -9.65 -2.76
C ASP D 77 40.37 -9.51 -1.36
N THR D 78 39.51 -9.29 -0.36
CA THR D 78 40.00 -9.16 1.01
C THR D 78 40.54 -10.48 1.54
N MET D 79 39.84 -11.57 1.26
CA MET D 79 40.38 -12.89 1.54
C MET D 79 41.77 -13.03 0.93
N GLN D 80 41.88 -12.83 -0.38
CA GLN D 80 43.18 -13.00 -1.00
C GLN D 80 44.20 -12.02 -0.45
N TYR D 81 43.76 -10.91 0.16
CA TYR D 81 44.70 -9.90 0.62
C TYR D 81 45.31 -10.25 1.97
N ILE D 82 44.49 -10.68 2.93
CA ILE D 82 45.01 -10.97 4.27
C ILE D 82 45.89 -12.21 4.20
N LEU D 83 46.88 -12.28 5.08
CA LEU D 83 47.83 -13.39 5.04
C LEU D 83 47.29 -14.65 5.70
N ASN D 84 46.38 -14.50 6.67
CA ASN D 84 45.91 -15.63 7.46
C ASN D 84 45.44 -16.77 6.56
N PRO D 85 45.64 -18.02 6.96
CA PRO D 85 44.88 -19.11 6.35
C PRO D 85 43.40 -18.92 6.65
N ILE D 86 42.57 -19.21 5.66
CA ILE D 86 41.13 -19.08 5.81
C ILE D 86 40.51 -20.43 5.49
N CYS D 87 39.90 -21.05 6.50
CA CYS D 87 39.11 -22.26 6.30
C CYS D 87 37.68 -21.85 6.01
N THR D 88 37.18 -22.25 4.86
CA THR D 88 35.79 -22.01 4.49
C THR D 88 34.97 -23.23 4.87
N TRP D 89 33.69 -22.97 5.19
CA TRP D 89 32.80 -24.02 5.69
C TRP D 89 31.40 -23.81 5.10
N CYS D 90 30.96 -24.72 4.26
CA CYS D 90 29.63 -24.65 3.67
C CYS D 90 28.65 -25.38 4.58
N VAL D 91 27.73 -24.66 5.21
CA VAL D 91 26.62 -25.25 5.93
C VAL D 91 25.34 -24.82 5.22
N GLY D 92 24.49 -25.77 4.88
CA GLY D 92 23.28 -25.45 4.16
C GLY D 92 23.47 -25.29 2.67
N GLN D 93 24.01 -24.14 2.26
CA GLN D 93 24.23 -23.96 0.82
C GLN D 93 25.26 -22.87 0.58
N ALA D 94 25.82 -22.90 -0.61
CA ALA D 94 26.74 -21.86 -1.05
C ALA D 94 26.50 -21.78 -2.56
N ALA D 95 25.71 -20.79 -2.97
CA ALA D 95 25.30 -20.62 -4.35
C ALA D 95 25.79 -19.28 -4.88
N SER D 96 25.93 -19.22 -6.21
CA SER D 96 26.52 -18.08 -6.93
C SER D 96 27.74 -17.60 -6.15
N MET D 97 27.81 -16.33 -5.78
CA MET D 97 28.99 -15.81 -5.11
C MET D 97 29.29 -16.53 -3.81
N GLY D 98 28.29 -17.18 -3.19
CA GLY D 98 28.59 -17.99 -2.03
C GLY D 98 29.60 -19.09 -2.34
N SER D 99 29.41 -19.77 -3.46
CA SER D 99 30.32 -20.82 -3.87
C SER D 99 31.69 -20.28 -4.31
N LEU D 100 31.73 -19.04 -4.82
CA LEU D 100 33.02 -18.43 -5.13
C LEU D 100 33.83 -18.19 -3.86
N LEU D 101 33.18 -17.70 -2.81
CA LEU D 101 33.90 -17.47 -1.55
C LEU D 101 34.31 -18.79 -0.92
N LEU D 102 33.45 -19.81 -0.98
CA LEU D 102 33.80 -21.14 -0.51
C LEU D 102 35.06 -21.65 -1.21
N ALA D 103 35.05 -21.68 -2.54
CA ALA D 103 36.21 -22.14 -3.30
C ALA D 103 37.45 -21.32 -3.00
N ALA D 104 37.28 -20.10 -2.48
CA ALA D 104 38.37 -19.16 -2.27
C ALA D 104 39.11 -19.37 -0.97
N GLY D 105 38.72 -20.37 -0.17
CA GLY D 105 39.44 -20.64 1.07
C GLY D 105 40.82 -21.22 0.81
N THR D 106 41.68 -21.08 1.81
CA THR D 106 43.06 -21.54 1.70
C THR D 106 43.11 -22.99 1.22
N PRO D 107 43.96 -23.32 0.24
CA PRO D 107 43.98 -24.69 -0.30
C PRO D 107 44.09 -25.74 0.78
N GLY D 108 43.27 -26.77 0.67
CA GLY D 108 43.22 -27.79 1.70
C GLY D 108 42.42 -27.43 2.93
N MET D 109 41.90 -26.19 3.02
CA MET D 109 41.10 -25.77 4.17
C MET D 109 39.67 -25.41 3.79
N ARG D 110 39.15 -25.97 2.69
CA ARG D 110 37.79 -25.73 2.23
C ARG D 110 36.93 -26.95 2.51
N HIS D 111 35.89 -26.78 3.33
CA HIS D 111 35.08 -27.87 3.85
C HIS D 111 33.60 -27.69 3.50
N SER D 112 32.85 -28.80 3.58
CA SER D 112 31.40 -28.78 3.52
C SER D 112 30.86 -29.84 4.48
N LEU D 113 29.77 -29.51 5.18
CA LEU D 113 29.06 -30.52 5.93
C LEU D 113 28.34 -31.44 4.93
N PRO D 114 27.88 -32.61 5.38
CA PRO D 114 27.52 -33.66 4.40
C PRO D 114 26.28 -33.36 3.59
N ASN D 115 25.35 -32.54 4.09
CA ASN D 115 24.07 -32.35 3.39
C ASN D 115 23.98 -31.02 2.65
N SER D 116 25.05 -30.23 2.62
CA SER D 116 25.05 -28.95 1.91
C SER D 116 24.84 -29.12 0.40
N ARG D 117 24.35 -28.06 -0.23
CA ARG D 117 24.22 -27.95 -1.69
C ARG D 117 25.13 -26.82 -2.20
N ILE D 118 25.92 -27.11 -3.25
CA ILE D 118 26.84 -26.12 -3.82
C ILE D 118 26.48 -25.86 -5.28
N MET D 119 26.37 -24.58 -5.64
CA MET D 119 26.00 -24.16 -6.99
C MET D 119 26.94 -23.04 -7.42
N ILE D 120 27.55 -23.20 -8.60
CA ILE D 120 28.35 -22.14 -9.23
C ILE D 120 27.59 -21.44 -10.34
N HIS D 121 26.49 -22.01 -10.83
CA HIS D 121 25.55 -21.29 -11.66
C HIS D 121 25.14 -19.99 -10.99
N GLN D 122 24.99 -18.93 -11.79
CA GLN D 122 24.49 -17.66 -11.29
C GLN D 122 23.04 -17.54 -11.73
N PRO D 123 22.07 -17.86 -10.88
CA PRO D 123 20.66 -17.72 -11.28
C PRO D 123 20.36 -16.29 -11.70
N ALA D 135 21.74 -2.54 -14.08
CA ALA D 135 22.04 -1.09 -14.14
C ALA D 135 23.24 -0.87 -15.06
N ILE D 136 23.72 -1.91 -15.73
CA ILE D 136 24.94 -1.77 -16.57
C ILE D 136 24.73 -2.30 -17.99
N GLN D 137 25.64 -1.91 -18.88
CA GLN D 137 25.66 -2.28 -20.31
C GLN D 137 26.00 -3.76 -20.48
N ALA D 138 25.63 -4.33 -21.62
CA ALA D 138 25.82 -5.76 -21.94
C ALA D 138 27.28 -6.15 -21.82
N GLU D 139 28.19 -5.33 -22.31
CA GLU D 139 29.64 -5.65 -22.24
C GLU D 139 30.12 -5.66 -20.79
N GLU D 140 29.59 -4.78 -19.94
CA GLU D 140 30.00 -4.78 -18.54
C GLU D 140 29.52 -6.05 -17.83
N ILE D 141 28.33 -6.54 -18.18
CA ILE D 141 27.85 -7.78 -17.58
C ILE D 141 28.75 -8.95 -17.99
N MET D 142 29.14 -9.02 -19.27
CA MET D 142 30.06 -10.07 -19.71
C MET D 142 31.41 -9.92 -19.03
N LYS D 143 31.91 -8.68 -18.91
CA LYS D 143 33.22 -8.48 -18.29
C LYS D 143 33.23 -8.97 -16.85
N LEU D 144 32.13 -8.78 -16.11
CA LEU D 144 32.08 -9.32 -14.76
C LEU D 144 32.02 -10.84 -14.80
N LYS D 145 31.10 -11.39 -15.59
CA LYS D 145 31.01 -12.84 -15.77
C LYS D 145 32.38 -13.44 -16.00
N LYS D 146 33.19 -12.79 -16.84
CA LYS D 146 34.50 -13.31 -17.19
C LYS D 146 35.45 -13.27 -16.01
N GLN D 147 35.34 -12.26 -15.15
CA GLN D 147 36.13 -12.25 -13.92
C GLN D 147 35.81 -13.49 -13.07
N LEU D 148 34.54 -13.93 -13.06
CA LEU D 148 34.18 -15.09 -12.25
C LEU D 148 34.74 -16.37 -12.86
N TYR D 149 34.74 -16.46 -14.19
CA TYR D 149 35.41 -17.58 -14.86
C TYR D 149 36.85 -17.67 -14.40
N ASN D 150 37.61 -16.59 -14.58
CA ASN D 150 39.01 -16.57 -14.14
C ASN D 150 39.15 -16.97 -12.68
N ILE D 151 38.36 -16.36 -11.78
CA ILE D 151 38.50 -16.67 -10.36
C ILE D 151 38.17 -18.14 -10.08
N TYR D 152 37.10 -18.66 -10.69
CA TYR D 152 36.79 -20.07 -10.49
C TYR D 152 37.87 -20.99 -11.07
N ALA D 153 38.35 -20.68 -12.30
CA ALA D 153 39.41 -21.49 -12.88
C ALA D 153 40.64 -21.52 -11.97
N LYS D 154 41.02 -20.34 -11.46
CA LYS D 154 42.17 -20.28 -10.56
C LYS D 154 42.00 -21.24 -9.38
N HIS D 155 40.86 -21.18 -8.70
CA HIS D 155 40.76 -21.88 -7.44
C HIS D 155 40.34 -23.34 -7.59
N THR D 156 39.64 -23.71 -8.65
CA THR D 156 39.27 -25.10 -8.89
C THR D 156 40.29 -25.89 -9.72
N LYS D 157 41.29 -25.24 -10.31
CA LYS D 157 42.25 -25.81 -11.26
C LYS D 157 41.60 -26.31 -12.53
N GLN D 158 40.30 -26.08 -12.72
CA GLN D 158 39.70 -26.45 -14.00
C GLN D 158 40.00 -25.38 -15.05
N SER D 159 39.82 -25.75 -16.31
CA SER D 159 40.02 -24.84 -17.44
C SER D 159 38.83 -23.89 -17.58
N LEU D 160 39.08 -22.77 -18.27
CA LEU D 160 38.04 -21.76 -18.46
C LEU D 160 36.85 -22.34 -19.19
N GLN D 161 37.10 -23.18 -20.20
CA GLN D 161 35.99 -23.77 -20.93
C GLN D 161 35.14 -24.68 -20.05
N VAL D 162 35.76 -25.34 -19.06
CA VAL D 162 34.98 -26.23 -18.20
C VAL D 162 34.15 -25.41 -17.23
N ILE D 163 34.80 -24.52 -16.47
CA ILE D 163 34.14 -23.52 -15.64
C ILE D 163 32.95 -22.95 -16.41
N GLU D 164 33.24 -22.33 -17.54
CA GLU D 164 32.20 -21.67 -18.31
C GLU D 164 31.11 -22.65 -18.70
N SER D 165 31.47 -23.84 -19.15
CA SER D 165 30.45 -24.80 -19.54
C SER D 165 29.60 -25.22 -18.34
N ALA D 166 30.23 -25.44 -17.18
CA ALA D 166 29.47 -25.88 -16.01
C ALA D 166 28.54 -24.76 -15.51
N MET D 167 29.02 -23.52 -15.53
CA MET D 167 28.24 -22.43 -14.95
C MET D 167 26.95 -22.15 -15.70
N GLU D 168 26.81 -22.72 -16.90
CA GLU D 168 25.57 -22.62 -17.65
C GLU D 168 24.48 -23.54 -17.12
N ARG D 169 24.84 -24.53 -16.32
CA ARG D 169 23.88 -25.56 -15.93
C ARG D 169 23.21 -25.10 -14.63
N ASP D 170 21.90 -24.92 -14.70
CA ASP D 170 21.12 -24.54 -13.53
C ASP D 170 20.88 -25.79 -12.68
N ARG D 171 21.85 -26.09 -11.83
CA ARG D 171 21.80 -27.31 -11.03
C ARG D 171 22.73 -27.11 -9.85
N TYR D 172 22.55 -27.99 -8.86
CA TYR D 172 23.37 -28.00 -7.65
C TYR D 172 24.31 -29.18 -7.68
N MET D 173 25.42 -29.02 -6.98
CA MET D 173 26.44 -30.04 -6.76
C MET D 173 26.31 -30.56 -5.33
N SER D 174 26.49 -31.88 -5.17
CA SER D 174 26.66 -32.43 -3.83
C SER D 174 28.04 -32.07 -3.31
N PRO D 175 28.26 -32.14 -2.00
CA PRO D 175 29.60 -31.87 -1.51
C PRO D 175 30.67 -32.70 -2.20
N MET D 176 30.38 -33.98 -2.49
CA MET D 176 31.40 -34.83 -3.11
C MET D 176 31.67 -34.42 -4.54
N GLU D 177 30.63 -34.14 -5.32
CA GLU D 177 30.84 -33.61 -6.65
C GLU D 177 31.62 -32.30 -6.60
N ALA D 178 31.24 -31.42 -5.68
CA ALA D 178 31.93 -30.14 -5.56
C ALA D 178 33.40 -30.36 -5.23
N GLN D 179 33.70 -31.40 -4.44
CA GLN D 179 35.09 -31.71 -4.10
C GLN D 179 35.84 -32.25 -5.31
N GLU D 180 35.23 -33.17 -6.05
CA GLU D 180 35.85 -33.63 -7.28
C GLU D 180 36.08 -32.46 -8.23
N PHE D 181 35.21 -31.46 -8.19
CA PHE D 181 35.34 -30.35 -9.13
C PHE D 181 36.44 -29.39 -8.74
N GLY D 182 36.89 -29.41 -7.48
CA GLY D 182 37.91 -28.50 -7.02
C GLY D 182 37.41 -27.33 -6.21
N ILE D 183 36.13 -27.32 -5.84
CA ILE D 183 35.53 -26.23 -5.07
C ILE D 183 35.85 -26.35 -3.59
N LEU D 184 35.75 -27.55 -3.04
CA LEU D 184 36.13 -27.81 -1.65
C LEU D 184 37.15 -28.94 -1.61
N ASP D 185 37.82 -29.05 -0.46
CA ASP D 185 38.79 -30.11 -0.20
C ASP D 185 38.26 -31.23 0.69
N LYS D 186 37.41 -30.93 1.68
CA LYS D 186 37.01 -31.94 2.66
C LYS D 186 35.52 -31.92 2.86
N VAL D 187 34.93 -33.12 2.94
CA VAL D 187 33.52 -33.30 3.25
C VAL D 187 33.45 -33.94 4.63
N LEU D 188 33.13 -33.13 5.63
CA LEU D 188 33.24 -33.53 7.02
C LEU D 188 31.90 -34.02 7.53
N VAL D 189 31.87 -35.24 8.09
CA VAL D 189 30.69 -35.75 8.76
C VAL D 189 30.65 -35.29 10.21
N HIS D 190 31.74 -35.52 10.94
CA HIS D 190 31.99 -34.96 12.26
C HIS D 190 33.50 -34.82 12.42
N LEU E 1 23.02 -7.17 12.84
CA LEU E 1 23.76 -6.86 14.05
C LEU E 1 25.23 -6.62 13.71
N ILE E 2 25.80 -5.61 14.33
CA ILE E 2 27.21 -5.27 14.17
C ILE E 2 27.95 -5.83 15.36
N PRO E 3 29.00 -6.64 15.15
CA PRO E 3 29.65 -7.32 16.28
C PRO E 3 30.49 -6.35 17.09
N ILE E 4 30.77 -6.77 18.32
CA ILE E 4 31.51 -5.97 19.30
C ILE E 4 32.88 -6.63 19.48
N VAL E 5 33.91 -5.79 19.67
CA VAL E 5 35.25 -6.31 19.94
C VAL E 5 35.79 -5.67 21.22
N ALA E 15 34.20 -3.99 23.76
CA ALA E 15 34.07 -2.61 24.22
C ALA E 15 33.77 -1.68 23.03
N TYR E 16 33.88 -2.20 21.82
CA TYR E 16 33.72 -1.41 20.60
C TYR E 16 32.87 -2.16 19.59
N ASP E 17 31.89 -1.48 18.99
CA ASP E 17 31.40 -1.96 17.71
C ASP E 17 32.55 -1.91 16.70
N ILE E 18 32.50 -2.82 15.72
CA ILE E 18 33.64 -3.03 14.84
C ILE E 18 33.99 -1.77 14.06
N TYR E 19 32.97 -1.06 13.55
CA TYR E 19 33.24 0.15 12.77
C TYR E 19 33.96 1.20 13.61
N SER E 20 33.50 1.41 14.85
CA SER E 20 34.20 2.30 15.75
C SER E 20 35.62 1.81 16.00
N ARG E 21 35.81 0.49 16.02
CA ARG E 21 37.15 -0.06 16.15
C ARG E 21 38.02 0.33 14.97
N LEU E 22 37.49 0.24 13.76
CA LEU E 22 38.26 0.67 12.60
C LEU E 22 38.52 2.17 12.63
N LEU E 23 37.53 2.96 13.07
CA LEU E 23 37.76 4.41 13.21
C LEU E 23 38.91 4.71 14.15
N ARG E 24 38.99 3.98 15.27
CA ARG E 24 40.13 4.20 16.15
C ARG E 24 41.46 3.95 15.46
N GLU E 25 41.49 3.08 14.44
CA GLU E 25 42.70 2.86 13.66
C GLU E 25 42.74 3.77 12.42
N ARG E 26 41.90 4.80 12.40
CA ARG E 26 41.93 5.83 11.38
C ARG E 26 41.44 5.32 10.03
N ILE E 27 40.46 4.42 10.04
CA ILE E 27 39.78 3.99 8.82
C ILE E 27 38.40 4.63 8.79
N VAL E 28 38.02 5.18 7.64
CA VAL E 28 36.73 5.81 7.42
C VAL E 28 36.06 5.08 6.27
N CYS E 29 34.86 4.53 6.50
CA CYS E 29 34.20 3.73 5.49
C CYS E 29 33.19 4.57 4.70
N VAL E 30 33.36 4.58 3.37
CA VAL E 30 32.40 5.11 2.42
C VAL E 30 31.88 3.96 1.58
N MET E 31 31.00 3.11 2.17
CA MET E 31 30.71 1.79 1.61
C MET E 31 29.28 1.59 1.11
N GLY E 32 28.63 2.64 0.63
CA GLY E 32 27.33 2.54 0.03
C GLY E 32 27.03 3.72 -0.87
N PRO E 33 25.75 3.99 -1.12
CA PRO E 33 25.38 5.21 -1.84
C PRO E 33 25.67 6.44 -0.99
N ILE E 34 26.22 7.46 -1.62
CA ILE E 34 26.54 8.71 -0.91
C ILE E 34 25.29 9.57 -0.85
N ASP E 35 24.92 9.99 0.35
CA ASP E 35 23.87 10.99 0.48
C ASP E 35 24.29 11.96 1.58
N ASP E 36 23.41 12.91 1.88
CA ASP E 36 23.71 13.89 2.92
C ASP E 36 24.06 13.20 4.24
N SER E 37 23.35 12.13 4.58
CA SER E 37 23.62 11.44 5.84
C SER E 37 25.03 10.83 5.84
N VAL E 38 25.42 10.18 4.74
CA VAL E 38 26.78 9.63 4.65
C VAL E 38 27.81 10.74 4.70
N ALA E 39 27.62 11.79 3.88
CA ALA E 39 28.54 12.92 3.87
C ALA E 39 28.73 13.50 5.27
N SER E 40 27.63 13.73 5.99
CA SER E 40 27.73 14.28 7.34
C SER E 40 28.55 13.39 8.25
N LEU E 41 28.39 12.07 8.13
CA LEU E 41 29.14 11.16 8.99
C LEU E 41 30.61 11.08 8.60
N VAL E 42 30.89 11.00 7.29
CA VAL E 42 32.27 10.94 6.83
C VAL E 42 33.03 12.22 7.17
N ILE E 43 32.40 13.37 6.97
CA ILE E 43 33.04 14.65 7.31
C ILE E 43 33.36 14.70 8.80
N ALA E 44 32.38 14.39 9.65
CA ALA E 44 32.61 14.36 11.08
C ALA E 44 33.81 13.48 11.44
N GLN E 45 33.90 12.29 10.83
CA GLN E 45 35.02 11.41 11.13
C GLN E 45 36.34 12.00 10.65
N LEU E 46 36.36 12.60 9.46
CA LEU E 46 37.60 13.22 8.95
C LEU E 46 38.07 14.33 9.87
N LEU E 47 37.18 15.27 10.19
CA LEU E 47 37.58 16.36 11.09
C LEU E 47 38.11 15.81 12.40
N PHE E 48 37.47 14.77 12.93
CA PHE E 48 37.90 14.20 14.20
C PHE E 48 39.29 13.57 14.07
N LEU E 49 39.50 12.70 13.08
CA LEU E 49 40.83 12.13 12.87
C LEU E 49 41.90 13.23 12.74
N GLN E 50 41.57 14.33 12.04
CA GLN E 50 42.55 15.42 11.93
C GLN E 50 42.86 16.02 13.29
N SER E 51 41.86 16.10 14.18
CA SER E 51 42.11 16.65 15.51
C SER E 51 42.92 15.70 16.38
N GLU E 52 42.86 14.39 16.12
CA GLU E 52 43.69 13.45 16.85
C GLU E 52 45.15 13.57 16.43
N SER E 53 45.39 13.72 15.13
CA SER E 53 46.71 14.05 14.62
C SER E 53 46.55 14.61 13.22
N ASN E 54 47.13 15.78 12.98
CA ASN E 54 47.10 16.36 11.63
C ASN E 54 48.16 15.78 10.71
N LYS E 55 48.99 14.84 11.17
CA LYS E 55 50.02 14.23 10.32
C LYS E 55 49.79 12.75 10.01
N LYS E 56 49.12 12.02 10.91
CA LYS E 56 48.97 10.58 10.72
C LYS E 56 48.01 10.31 9.56
N PRO E 57 48.38 9.41 8.64
CA PRO E 57 47.51 9.13 7.49
C PRO E 57 46.11 8.70 7.90
N ILE E 58 45.16 8.95 7.01
CA ILE E 58 43.79 8.51 7.13
C ILE E 58 43.53 7.55 5.99
N HIS E 59 42.85 6.44 6.28
CA HIS E 59 42.48 5.45 5.28
C HIS E 59 40.99 5.58 4.99
N MET E 60 40.65 5.78 3.71
CA MET E 60 39.27 5.94 3.28
C MET E 60 38.91 4.73 2.43
N TYR E 61 37.99 3.89 2.92
CA TYR E 61 37.56 2.69 2.21
C TYR E 61 36.33 3.03 1.37
N ILE E 62 36.39 2.73 0.08
CA ILE E 62 35.32 3.11 -0.83
C ILE E 62 34.82 1.87 -1.57
N ASN E 63 33.56 1.53 -1.34
CA ASN E 63 32.81 0.58 -2.15
C ASN E 63 31.47 1.27 -2.37
N SER E 64 31.39 2.08 -3.41
CA SER E 64 30.18 2.88 -3.55
C SER E 64 29.78 3.02 -5.01
N PRO E 65 28.47 2.94 -5.27
CA PRO E 65 27.95 3.27 -6.59
C PRO E 65 27.80 4.76 -6.85
N GLY E 66 28.26 5.61 -5.95
CA GLY E 66 28.05 7.04 -6.10
C GLY E 66 26.89 7.55 -5.26
N GLY E 67 26.27 8.67 -5.69
CA GLY E 67 25.14 9.27 -4.99
C GLY E 67 24.93 10.74 -5.31
N VAL E 68 24.50 11.53 -4.32
CA VAL E 68 24.21 12.94 -4.52
C VAL E 68 25.50 13.71 -4.80
N VAL E 69 25.55 14.43 -5.92
CA VAL E 69 26.78 15.16 -6.26
C VAL E 69 27.19 16.11 -5.13
N THR E 70 26.25 16.95 -4.67
CA THR E 70 26.65 17.95 -3.67
C THR E 70 27.17 17.29 -2.41
N ALA E 71 26.62 16.12 -2.06
CA ALA E 71 27.11 15.41 -0.89
C ALA E 71 28.49 14.81 -1.15
N GLY E 72 28.70 14.21 -2.31
CA GLY E 72 30.05 13.83 -2.69
C GLY E 72 30.99 15.02 -2.69
N LEU E 73 30.53 16.18 -3.16
CA LEU E 73 31.42 17.33 -3.22
C LEU E 73 31.75 17.82 -1.81
N ALA E 74 30.84 17.64 -0.86
CA ALA E 74 31.13 18.05 0.51
C ALA E 74 32.24 17.20 1.11
N ILE E 75 32.21 15.89 0.88
CA ILE E 75 33.31 15.03 1.30
C ILE E 75 34.60 15.44 0.60
N TYR E 76 34.55 15.60 -0.73
CA TYR E 76 35.74 16.03 -1.47
C TYR E 76 36.35 17.27 -0.82
N ASP E 77 35.53 18.30 -0.56
CA ASP E 77 36.10 19.53 -0.03
C ASP E 77 36.74 19.30 1.33
N THR E 78 36.21 18.34 2.11
CA THR E 78 36.78 18.08 3.42
C THR E 78 38.10 17.34 3.29
N MET E 79 38.18 16.38 2.36
CA MET E 79 39.45 15.72 2.06
C MET E 79 40.53 16.74 1.70
N GLN E 80 40.18 17.69 0.83
CA GLN E 80 41.17 18.71 0.45
C GLN E 80 41.48 19.64 1.62
N TYR E 81 40.48 19.94 2.47
CA TYR E 81 40.71 20.90 3.55
C TYR E 81 41.68 20.36 4.60
N ILE E 82 41.58 19.06 4.96
CA ILE E 82 42.43 18.53 6.01
C ILE E 82 43.84 18.34 5.48
N LEU E 83 44.82 18.53 6.36
CA LEU E 83 46.24 18.40 6.02
C LEU E 83 46.72 16.96 5.91
N ASN E 84 45.99 16.00 6.48
CA ASN E 84 46.49 14.64 6.59
C ASN E 84 46.71 13.99 5.23
N PRO E 85 47.64 13.05 5.14
CA PRO E 85 47.61 12.11 4.02
C PRO E 85 46.37 11.24 4.10
N ILE E 86 45.73 11.08 2.95
CA ILE E 86 44.54 10.25 2.83
C ILE E 86 44.84 9.16 1.81
N CYS E 87 44.85 7.90 2.25
CA CYS E 87 44.95 6.75 1.37
C CYS E 87 43.54 6.26 1.03
N THR E 88 43.20 6.28 -0.25
CA THR E 88 41.91 5.80 -0.71
C THR E 88 42.08 4.38 -1.24
N TRP E 89 41.13 3.53 -0.92
CA TRP E 89 41.16 2.11 -1.26
C TRP E 89 39.82 1.73 -1.86
N CYS E 90 39.82 1.32 -3.11
CA CYS E 90 38.61 0.86 -3.77
C CYS E 90 38.46 -0.65 -3.64
N VAL E 91 37.42 -1.11 -2.96
CA VAL E 91 37.04 -2.52 -3.02
C VAL E 91 35.64 -2.62 -3.58
N GLY E 92 35.41 -3.63 -4.40
CA GLY E 92 34.12 -3.81 -5.04
C GLY E 92 33.92 -2.88 -6.22
N GLN E 93 33.58 -1.62 -5.94
CA GLN E 93 33.48 -0.64 -7.00
C GLN E 93 33.55 0.77 -6.43
N ALA E 94 33.85 1.71 -7.32
CA ALA E 94 33.82 3.14 -7.05
C ALA E 94 33.30 3.77 -8.33
N ALA E 95 32.02 4.09 -8.37
CA ALA E 95 31.36 4.63 -9.55
C ALA E 95 30.87 6.04 -9.29
N SER E 96 30.93 6.87 -10.32
CA SER E 96 30.41 8.24 -10.26
C SER E 96 31.09 8.94 -9.09
N MET E 97 30.35 9.57 -8.16
CA MET E 97 31.00 10.34 -7.10
C MET E 97 31.98 9.50 -6.29
N GLY E 98 31.76 8.19 -6.19
CA GLY E 98 32.71 7.36 -5.49
C GLY E 98 34.08 7.32 -6.15
N SER E 99 34.11 7.40 -7.48
CA SER E 99 35.42 7.42 -8.14
C SER E 99 36.05 8.80 -8.08
N LEU E 100 35.25 9.85 -7.90
CA LEU E 100 35.81 11.17 -7.62
C LEU E 100 36.58 11.16 -6.30
N LEU E 101 36.00 10.58 -5.24
CA LEU E 101 36.69 10.51 -3.95
C LEU E 101 37.94 9.63 -4.03
N LEU E 102 37.85 8.48 -4.71
CA LEU E 102 39.03 7.63 -4.88
C LEU E 102 40.16 8.44 -5.55
N ALA E 103 39.85 9.16 -6.62
CA ALA E 103 40.89 9.91 -7.32
C ALA E 103 41.41 11.06 -6.48
N ALA E 104 40.70 11.45 -5.42
CA ALA E 104 41.06 12.61 -4.62
C ALA E 104 41.96 12.26 -3.44
N GLY E 105 42.37 10.99 -3.33
CA GLY E 105 43.34 10.63 -2.33
C GLY E 105 44.67 11.32 -2.57
N THR E 106 45.48 11.31 -1.54
CA THR E 106 46.78 11.91 -1.62
C THR E 106 47.60 11.29 -2.75
N PRO E 107 48.27 12.08 -3.58
CA PRO E 107 49.00 11.51 -4.73
C PRO E 107 49.98 10.45 -4.28
N GLY E 108 49.98 9.33 -4.99
CA GLY E 108 50.76 8.17 -4.58
C GLY E 108 50.06 7.25 -3.59
N MET E 109 48.90 7.64 -3.07
CA MET E 109 48.26 6.91 -1.99
C MET E 109 46.85 6.46 -2.36
N ARG E 110 46.62 6.22 -3.65
CA ARG E 110 45.32 5.84 -4.18
C ARG E 110 45.41 4.42 -4.68
N HIS E 111 44.62 3.53 -4.09
CA HIS E 111 44.77 2.10 -4.32
C HIS E 111 43.45 1.49 -4.76
N SER E 112 43.58 0.36 -5.46
CA SER E 112 42.45 -0.52 -5.73
C SER E 112 42.87 -1.98 -5.54
N LEU E 113 41.97 -2.77 -4.94
CA LEU E 113 42.14 -4.22 -4.96
C LEU E 113 41.92 -4.76 -6.37
N PRO E 114 42.36 -6.01 -6.64
CA PRO E 114 42.48 -6.46 -8.04
C PRO E 114 41.18 -6.56 -8.82
N ASN E 115 40.05 -6.84 -8.19
CA ASN E 115 38.83 -7.13 -8.92
C ASN E 115 37.78 -6.01 -8.83
N SER E 116 38.12 -4.89 -8.22
CA SER E 116 37.22 -3.74 -8.22
C SER E 116 36.99 -3.25 -9.65
N ARG E 117 35.93 -2.47 -9.82
CA ARG E 117 35.67 -1.78 -11.07
C ARG E 117 35.43 -0.30 -10.80
N ILE E 118 35.89 0.55 -11.72
CA ILE E 118 35.93 1.99 -11.51
C ILE E 118 35.18 2.66 -12.66
N MET E 119 34.24 3.55 -12.32
CA MET E 119 33.42 4.26 -13.29
C MET E 119 33.45 5.76 -13.01
N ILE E 120 33.92 6.54 -14.00
CA ILE E 120 33.79 8.01 -13.98
C ILE E 120 32.53 8.48 -14.69
N HIS E 121 31.90 7.61 -15.46
CA HIS E 121 30.59 7.88 -16.04
C HIS E 121 29.59 8.21 -14.95
N GLN E 122 28.74 9.22 -15.20
CA GLN E 122 27.67 9.59 -14.29
C GLN E 122 26.38 8.93 -14.72
N PRO E 123 26.06 7.72 -14.29
CA PRO E 123 24.71 7.22 -14.51
C PRO E 123 23.74 8.23 -13.91
N ALA E 135 15.09 19.85 -6.86
CA ALA E 135 15.05 19.83 -8.32
C ALA E 135 15.66 21.11 -8.89
N ILE E 136 16.42 20.97 -9.99
CA ILE E 136 17.28 22.06 -10.47
C ILE E 136 17.22 22.20 -11.99
N GLN E 137 17.47 23.42 -12.45
CA GLN E 137 17.38 23.75 -13.87
C GLN E 137 18.53 23.12 -14.65
N ALA E 138 18.34 23.08 -15.98
CA ALA E 138 19.35 22.57 -16.89
C ALA E 138 20.70 23.24 -16.68
N GLU E 139 20.72 24.58 -16.62
CA GLU E 139 21.98 25.28 -16.44
C GLU E 139 22.72 24.82 -15.19
N GLU E 140 21.99 24.56 -14.11
CA GLU E 140 22.61 24.13 -12.85
C GLU E 140 23.16 22.71 -12.93
N ILE E 141 22.39 21.80 -13.52
CA ILE E 141 22.92 20.48 -13.82
C ILE E 141 24.25 20.62 -14.56
N MET E 142 24.31 21.52 -15.53
CA MET E 142 25.54 21.60 -16.32
C MET E 142 26.68 22.20 -15.50
N LYS E 143 26.38 23.14 -14.61
CA LYS E 143 27.43 23.72 -13.78
C LYS E 143 28.05 22.66 -12.87
N LEU E 144 27.22 21.81 -12.24
CA LEU E 144 27.75 20.73 -11.42
C LEU E 144 28.59 19.77 -12.27
N LYS E 145 28.15 19.46 -13.49
CA LYS E 145 28.90 18.56 -14.35
C LYS E 145 30.27 19.14 -14.70
N LYS E 146 30.33 20.44 -15.01
CA LYS E 146 31.61 21.09 -15.25
C LYS E 146 32.50 21.08 -14.00
N GLN E 147 31.92 21.22 -12.81
CA GLN E 147 32.71 21.08 -11.60
C GLN E 147 33.32 19.68 -11.50
N LEU E 148 32.63 18.67 -12.03
CA LEU E 148 33.16 17.31 -11.96
C LEU E 148 34.31 17.16 -12.94
N TYR E 149 34.16 17.71 -14.15
CA TYR E 149 35.27 17.71 -15.11
C TYR E 149 36.51 18.36 -14.51
N ASN E 150 36.36 19.53 -13.90
CA ASN E 150 37.50 20.23 -13.35
C ASN E 150 38.20 19.40 -12.30
N ILE E 151 37.43 18.80 -11.38
CA ILE E 151 38.05 18.06 -10.29
C ILE E 151 38.76 16.82 -10.82
N TYR E 152 38.12 16.09 -11.74
CA TYR E 152 38.76 14.90 -12.30
C TYR E 152 40.02 15.29 -13.06
N ALA E 153 39.98 16.42 -13.78
CA ALA E 153 41.15 16.86 -14.54
C ALA E 153 42.31 17.16 -13.61
N LYS E 154 42.02 17.81 -12.47
CA LYS E 154 43.09 18.11 -11.53
C LYS E 154 43.75 16.85 -11.00
N HIS E 155 42.95 15.87 -10.56
CA HIS E 155 43.55 14.73 -9.87
C HIS E 155 44.04 13.64 -10.81
N THR E 156 43.48 13.53 -12.01
CA THR E 156 43.97 12.57 -12.99
C THR E 156 45.06 13.14 -13.89
N LYS E 157 45.22 14.47 -13.93
CA LYS E 157 46.12 15.19 -14.82
C LYS E 157 45.76 14.98 -16.28
N GLN E 158 44.57 14.47 -16.57
CA GLN E 158 44.07 14.44 -17.94
C GLN E 158 43.46 15.79 -18.30
N SER E 159 43.45 16.09 -19.59
CA SER E 159 42.85 17.33 -20.07
C SER E 159 41.34 17.31 -19.87
N LEU E 160 40.73 18.48 -19.97
CA LEU E 160 39.28 18.58 -19.87
C LEU E 160 38.59 17.90 -21.05
N GLN E 161 39.19 17.97 -22.24
CA GLN E 161 38.61 17.27 -23.38
C GLN E 161 38.62 15.75 -23.14
N VAL E 162 39.69 15.22 -22.54
CA VAL E 162 39.78 13.78 -22.31
C VAL E 162 38.80 13.35 -21.22
N ILE E 163 38.77 14.07 -20.09
CA ILE E 163 37.79 13.77 -19.05
C ILE E 163 36.38 13.76 -19.64
N GLU E 164 36.00 14.84 -20.31
CA GLU E 164 34.64 14.96 -20.78
C GLU E 164 34.30 13.87 -21.79
N SER E 165 35.20 13.62 -22.73
CA SER E 165 34.93 12.58 -23.70
C SER E 165 34.77 11.22 -23.02
N ALA E 166 35.62 10.92 -22.05
CA ALA E 166 35.56 9.62 -21.36
C ALA E 166 34.27 9.47 -20.55
N MET E 167 33.82 10.54 -19.89
CA MET E 167 32.65 10.40 -19.02
C MET E 167 31.37 10.17 -19.80
N GLU E 168 31.35 10.46 -21.09
CA GLU E 168 30.19 10.17 -21.94
C GLU E 168 29.98 8.67 -22.12
N ARG E 169 31.05 7.86 -22.06
CA ARG E 169 30.96 6.45 -22.39
C ARG E 169 30.53 5.67 -21.15
N ASP E 170 29.41 4.97 -21.26
CA ASP E 170 28.85 4.20 -20.15
C ASP E 170 29.58 2.87 -20.08
N ARG E 171 30.68 2.87 -19.32
CA ARG E 171 31.55 1.71 -19.22
C ARG E 171 32.36 1.83 -17.94
N TYR E 172 32.87 0.69 -17.48
CA TYR E 172 33.73 0.60 -16.32
C TYR E 172 35.18 0.43 -16.74
N MET E 173 36.06 0.89 -15.87
CA MET E 173 37.49 0.74 -16.01
C MET E 173 37.95 -0.36 -15.07
N SER E 174 38.92 -1.16 -15.53
CA SER E 174 39.62 -2.07 -14.64
C SER E 174 40.55 -1.28 -13.73
N PRO E 175 41.02 -1.89 -12.64
CA PRO E 175 42.01 -1.21 -11.81
C PRO E 175 43.22 -0.74 -12.61
N MET E 176 43.71 -1.57 -13.53
CA MET E 176 44.87 -1.21 -14.35
C MET E 176 44.55 -0.02 -15.26
N GLU E 177 43.46 -0.12 -16.03
CA GLU E 177 43.04 1.04 -16.83
C GLU E 177 42.90 2.30 -15.97
N ALA E 178 42.34 2.16 -14.78
CA ALA E 178 42.14 3.33 -13.93
C ALA E 178 43.47 3.90 -13.45
N GLN E 179 44.45 3.03 -13.21
CA GLN E 179 45.81 3.51 -12.94
C GLN E 179 46.38 4.26 -14.14
N GLU E 180 46.25 3.70 -15.35
CA GLU E 180 46.82 4.41 -16.50
C GLU E 180 46.15 5.76 -16.69
N PHE E 181 44.87 5.85 -16.29
CA PHE E 181 44.11 7.05 -16.56
C PHE E 181 44.37 8.15 -15.53
N GLY E 182 45.08 7.84 -14.46
CA GLY E 182 45.33 8.81 -13.42
C GLY E 182 44.34 8.80 -12.27
N ILE E 183 43.46 7.80 -12.20
CA ILE E 183 42.48 7.75 -11.11
C ILE E 183 43.09 7.18 -9.84
N LEU E 184 43.99 6.19 -9.97
CA LEU E 184 44.67 5.60 -8.82
C LEU E 184 46.14 5.36 -9.15
N ASP E 185 46.92 5.08 -8.10
CA ASP E 185 48.37 4.90 -8.18
C ASP E 185 48.82 3.45 -8.15
N LYS E 186 48.21 2.61 -7.32
CA LYS E 186 48.69 1.25 -7.09
C LYS E 186 47.53 0.27 -7.08
N VAL E 187 47.70 -0.83 -7.81
CA VAL E 187 46.81 -1.98 -7.76
C VAL E 187 47.57 -3.10 -7.05
N LEU E 188 47.08 -3.53 -5.90
CA LEU E 188 47.86 -4.45 -5.09
C LEU E 188 47.07 -5.68 -4.72
N VAL E 189 47.78 -6.81 -4.66
CA VAL E 189 47.17 -8.09 -4.34
C VAL E 189 47.24 -8.38 -2.84
N HIS E 190 48.44 -8.31 -2.28
CA HIS E 190 48.69 -8.60 -0.86
C HIS E 190 49.47 -7.44 -0.27
N PRO E 191 49.62 -7.42 1.06
CA PRO E 191 50.40 -6.33 1.66
C PRO E 191 51.91 -6.57 1.44
N ILE F 2 26.28 5.28 13.47
CA ILE F 2 26.93 6.35 14.22
C ILE F 2 28.12 5.82 15.01
N PRO F 3 29.35 6.05 14.55
CA PRO F 3 30.52 5.58 15.30
C PRO F 3 30.59 6.17 16.70
N ILE F 4 31.40 5.53 17.53
CA ILE F 4 31.76 6.02 18.86
C ILE F 4 33.24 6.39 18.86
N VAL F 5 33.60 7.40 19.66
CA VAL F 5 34.99 7.84 19.80
C VAL F 5 35.26 8.22 21.25
N VAL F 6 36.54 8.35 21.57
CA VAL F 6 36.98 8.70 22.92
C VAL F 6 38.26 9.52 22.88
N TYR F 16 29.96 7.44 23.51
CA TYR F 16 30.27 8.78 22.99
C TYR F 16 30.21 8.84 21.47
N ASP F 17 29.00 8.95 20.91
CA ASP F 17 28.85 9.02 19.47
C ASP F 17 29.54 10.27 18.91
N ILE F 18 29.79 10.26 17.61
CA ILE F 18 30.69 11.27 17.04
C ILE F 18 30.02 12.63 16.93
N TYR F 19 28.68 12.68 16.78
CA TYR F 19 27.99 13.96 16.73
C TYR F 19 27.97 14.63 18.10
N SER F 20 27.77 13.85 19.16
CA SER F 20 27.91 14.42 20.50
C SER F 20 29.34 14.88 20.79
N ARG F 21 30.33 14.23 20.20
CA ARG F 21 31.71 14.66 20.38
C ARG F 21 31.97 15.99 19.68
N LEU F 22 31.50 16.14 18.45
CA LEU F 22 31.60 17.44 17.80
C LEU F 22 30.85 18.50 18.59
N LEU F 23 29.75 18.10 19.23
CA LEU F 23 29.02 19.05 20.07
C LEU F 23 29.88 19.50 21.25
N ARG F 24 30.71 18.59 21.77
CA ARG F 24 31.59 18.98 22.86
C ARG F 24 32.60 20.02 22.40
N GLU F 25 32.91 20.03 21.09
CA GLU F 25 33.80 21.04 20.51
C GLU F 25 33.04 22.23 19.96
N ARG F 26 31.80 22.43 20.38
CA ARG F 26 31.00 23.58 19.98
C ARG F 26 30.67 23.57 18.48
N ILE F 27 30.52 22.40 17.88
CA ILE F 27 30.05 22.29 16.50
C ILE F 27 28.60 21.83 16.54
N VAL F 28 27.73 22.60 15.86
CA VAL F 28 26.32 22.26 15.69
C VAL F 28 26.09 21.92 14.23
N CYS F 29 25.44 20.79 13.98
CA CYS F 29 25.23 20.31 12.62
C CYS F 29 23.80 20.60 12.18
N VAL F 30 23.67 21.25 11.02
CA VAL F 30 22.40 21.44 10.31
C VAL F 30 22.61 20.81 8.94
N MET F 31 22.55 19.48 8.85
CA MET F 31 23.05 18.75 7.69
C MET F 31 21.95 18.06 6.87
N GLY F 32 20.71 18.52 6.95
CA GLY F 32 19.65 18.01 6.09
C GLY F 32 18.48 18.95 6.03
N PRO F 33 17.28 18.43 5.73
CA PRO F 33 16.12 19.30 5.65
C PRO F 33 15.81 19.87 7.02
N ILE F 34 15.18 21.03 7.04
CA ILE F 34 14.93 21.76 8.28
C ILE F 34 13.44 21.65 8.60
N ASP F 35 13.12 20.99 9.70
CA ASP F 35 11.75 20.96 10.17
C ASP F 35 11.71 21.29 11.65
N ASP F 36 10.52 21.13 12.26
CA ASP F 36 10.34 21.52 13.65
C ASP F 36 11.28 20.77 14.58
N SER F 37 11.46 19.46 14.37
CA SER F 37 12.30 18.72 15.29
C SER F 37 13.77 19.05 15.10
N VAL F 38 14.20 19.35 13.87
CA VAL F 38 15.56 19.83 13.67
C VAL F 38 15.76 21.18 14.35
N ALA F 39 14.85 22.12 14.14
CA ALA F 39 14.93 23.41 14.85
C ALA F 39 15.01 23.20 16.36
N SER F 40 14.12 22.35 16.90
CA SER F 40 14.14 22.04 18.33
C SER F 40 15.53 21.59 18.78
N LEU F 41 16.13 20.65 18.05
CA LEU F 41 17.46 20.13 18.40
C LEU F 41 18.53 21.22 18.32
N VAL F 42 18.58 21.93 17.20
CA VAL F 42 19.62 22.95 17.03
C VAL F 42 19.47 24.03 18.09
N ILE F 43 18.24 24.47 18.36
CA ILE F 43 18.01 25.51 19.36
C ILE F 43 18.52 25.05 20.72
N ALA F 44 18.19 23.82 21.11
CA ALA F 44 18.65 23.28 22.37
C ALA F 44 20.17 23.32 22.46
N GLN F 45 20.86 22.83 21.43
CA GLN F 45 22.33 22.85 21.45
C GLN F 45 22.87 24.29 21.53
N LEU F 46 22.24 25.23 20.83
CA LEU F 46 22.72 26.61 20.85
C LEU F 46 22.59 27.22 22.24
N LEU F 47 21.43 27.07 22.88
CA LEU F 47 21.27 27.57 24.23
C LEU F 47 22.25 26.91 25.17
N PHE F 48 22.46 25.61 25.02
CA PHE F 48 23.37 24.91 25.90
C PHE F 48 24.79 25.41 25.70
N LEU F 49 25.24 25.49 24.44
CA LEU F 49 26.59 26.01 24.20
C LEU F 49 26.74 27.44 24.73
N GLN F 50 25.69 28.26 24.63
CA GLN F 50 25.79 29.56 25.29
C GLN F 50 25.98 29.41 26.79
N SER F 51 25.28 28.46 27.42
CA SER F 51 25.40 28.29 28.86
C SER F 51 26.81 27.88 29.28
N GLU F 52 27.53 27.16 28.42
CA GLU F 52 28.90 26.76 28.75
C GLU F 52 29.88 27.91 28.59
N SER F 53 29.68 28.79 27.61
CA SER F 53 30.47 30.00 27.45
C SER F 53 29.70 30.92 26.51
N ASN F 54 29.47 32.15 26.93
CA ASN F 54 28.77 33.08 26.05
C ASN F 54 29.73 33.93 25.23
N LYS F 55 31.03 33.66 25.30
CA LYS F 55 32.06 34.32 24.49
C LYS F 55 32.67 33.41 23.43
N LYS F 56 32.86 32.12 23.74
CA LYS F 56 33.48 31.20 22.81
C LYS F 56 32.65 31.05 21.55
N PRO F 57 33.25 31.10 20.36
CA PRO F 57 32.47 30.95 19.13
C PRO F 57 31.83 29.57 19.03
N ILE F 58 30.73 29.53 18.30
CA ILE F 58 30.00 28.33 17.99
C ILE F 58 30.10 28.12 16.49
N HIS F 59 30.40 26.89 16.08
CA HIS F 59 30.45 26.54 14.67
C HIS F 59 29.17 25.84 14.24
N MET F 60 28.47 26.43 13.28
CA MET F 60 27.29 25.84 12.66
C MET F 60 27.71 25.32 11.28
N TYR F 61 27.69 24.01 11.12
CA TYR F 61 27.93 23.38 9.82
C TYR F 61 26.61 23.24 9.09
N ILE F 62 26.57 23.67 7.84
CA ILE F 62 25.32 23.72 7.09
C ILE F 62 25.51 22.99 5.78
N ASN F 63 24.66 21.99 5.54
CA ASN F 63 24.54 21.29 4.26
C ASN F 63 23.06 20.96 4.17
N SER F 64 22.27 21.87 3.61
CA SER F 64 20.86 21.72 3.73
C SER F 64 20.12 22.21 2.50
N PRO F 65 19.09 21.49 2.07
CA PRO F 65 18.23 21.96 0.99
C PRO F 65 17.15 22.92 1.42
N GLY F 66 17.16 23.36 2.68
CA GLY F 66 16.09 24.22 3.15
C GLY F 66 15.09 23.43 3.99
N GLY F 67 13.84 23.88 4.03
CA GLY F 67 12.84 23.25 4.85
C GLY F 67 11.80 24.26 5.29
N VAL F 68 11.08 23.90 6.35
CA VAL F 68 9.92 24.69 6.78
C VAL F 68 10.38 26.07 7.23
N VAL F 69 9.68 27.10 6.77
CA VAL F 69 10.16 28.47 6.96
C VAL F 69 10.10 28.88 8.43
N THR F 70 8.99 28.56 9.12
CA THR F 70 8.87 28.92 10.54
C THR F 70 9.92 28.19 11.39
N ALA F 71 10.28 26.97 11.01
CA ALA F 71 11.35 26.29 11.74
C ALA F 71 12.70 26.92 11.46
N GLY F 72 12.96 27.31 10.21
CA GLY F 72 14.15 28.08 9.92
C GLY F 72 14.19 29.39 10.67
N LEU F 73 13.05 30.10 10.68
CA LEU F 73 13.00 31.37 11.40
C LEU F 73 13.23 31.17 12.90
N ALA F 74 12.86 30.00 13.45
CA ALA F 74 13.11 29.75 14.87
C ALA F 74 14.60 29.57 15.16
N ILE F 75 15.32 28.85 14.30
CA ILE F 75 16.77 28.76 14.44
C ILE F 75 17.39 30.15 14.27
N TYR F 76 16.96 30.87 13.24
CA TYR F 76 17.51 32.21 13.00
C TYR F 76 17.37 33.08 14.25
N ASP F 77 16.15 33.16 14.80
CA ASP F 77 15.93 34.00 15.98
C ASP F 77 16.81 33.58 17.13
N THR F 78 17.07 32.28 17.26
CA THR F 78 17.92 31.83 18.34
C THR F 78 19.36 32.27 18.10
N MET F 79 19.83 32.18 16.84
CA MET F 79 21.17 32.64 16.49
C MET F 79 21.36 34.10 16.85
N GLN F 80 20.36 34.94 16.52
CA GLN F 80 20.45 36.35 16.85
C GLN F 80 20.30 36.59 18.34
N TYR F 81 19.61 35.70 19.07
CA TYR F 81 19.41 35.90 20.50
C TYR F 81 20.70 35.65 21.28
N ILE F 82 21.49 34.63 20.90
CA ILE F 82 22.62 34.27 21.74
C ILE F 82 23.77 35.24 21.49
N LEU F 83 24.54 35.49 22.54
CA LEU F 83 25.58 36.50 22.48
C LEU F 83 26.76 36.03 21.67
N ASN F 84 26.91 34.73 21.52
CA ASN F 84 28.13 34.18 20.97
C ASN F 84 28.33 34.64 19.53
N PRO F 85 29.59 34.77 19.10
CA PRO F 85 29.86 34.80 17.67
C PRO F 85 29.56 33.42 17.12
N ILE F 86 28.85 33.38 16.00
CA ILE F 86 28.49 32.13 15.36
C ILE F 86 29.19 32.11 14.01
N CYS F 87 30.13 31.18 13.84
CA CYS F 87 30.73 30.91 12.53
C CYS F 87 29.89 29.90 11.76
N THR F 88 29.46 30.28 10.56
CA THR F 88 28.67 29.38 9.71
C THR F 88 29.55 28.83 8.60
N TRP F 89 29.33 27.56 8.27
CA TRP F 89 30.17 26.83 7.32
C TRP F 89 29.27 26.10 6.33
N CYS F 90 29.33 26.51 5.07
CA CYS F 90 28.54 25.85 4.03
C CYS F 90 29.37 24.73 3.42
N VAL F 91 28.96 23.47 3.68
CA VAL F 91 29.54 22.34 2.98
C VAL F 91 28.44 21.68 2.16
N GLY F 92 28.78 21.32 0.92
CA GLY F 92 27.80 20.74 0.03
C GLY F 92 26.88 21.80 -0.56
N GLN F 93 25.86 22.21 0.20
CA GLN F 93 24.95 23.24 -0.29
C GLN F 93 24.23 23.90 0.88
N ALA F 94 23.81 25.16 0.68
CA ALA F 94 22.86 25.81 1.56
C ALA F 94 21.78 26.44 0.69
N ALA F 95 20.60 25.83 0.65
CA ALA F 95 19.54 26.29 -0.24
C ALA F 95 18.36 26.78 0.59
N SER F 96 17.68 27.81 0.08
CA SER F 96 16.44 28.34 0.68
C SER F 96 16.74 28.72 2.13
N MET F 97 15.99 28.21 3.12
CA MET F 97 16.24 28.57 4.51
C MET F 97 17.64 28.20 4.96
N GLY F 98 18.29 27.23 4.31
CA GLY F 98 19.65 26.91 4.67
C GLY F 98 20.59 28.07 4.39
N SER F 99 20.40 28.75 3.26
CA SER F 99 21.23 29.91 2.97
C SER F 99 20.92 31.08 3.90
N LEU F 100 19.65 31.25 4.30
CA LEU F 100 19.33 32.28 5.29
C LEU F 100 20.16 32.09 6.54
N LEU F 101 20.29 30.84 6.99
CA LEU F 101 21.05 30.60 8.20
C LEU F 101 22.51 30.90 7.97
N LEU F 102 23.05 30.41 6.85
CA LEU F 102 24.40 30.74 6.43
C LEU F 102 24.65 32.25 6.52
N ALA F 103 23.79 33.05 5.90
CA ALA F 103 23.95 34.49 5.90
C ALA F 103 23.87 35.09 7.28
N ALA F 104 23.25 34.39 8.23
CA ALA F 104 22.97 34.89 9.57
C ALA F 104 24.10 34.61 10.54
N GLY F 105 25.20 34.03 10.11
CA GLY F 105 26.35 33.94 10.97
C GLY F 105 26.90 35.31 11.29
N THR F 106 27.80 35.33 12.26
CA THR F 106 28.37 36.58 12.72
C THR F 106 29.15 37.29 11.60
N PRO F 107 28.99 38.61 11.43
CA PRO F 107 29.70 39.31 10.33
C PRO F 107 31.18 38.98 10.34
N GLY F 108 31.69 38.59 9.19
CA GLY F 108 33.08 38.18 9.05
C GLY F 108 33.35 36.70 9.28
N MET F 109 32.38 35.96 9.80
CA MET F 109 32.59 34.58 10.21
C MET F 109 31.72 33.61 9.44
N ARG F 110 31.24 34.03 8.28
CA ARG F 110 30.38 33.19 7.44
C ARG F 110 31.24 32.66 6.29
N HIS F 111 31.36 31.32 6.21
CA HIS F 111 32.30 30.65 5.34
C HIS F 111 31.61 29.70 4.38
N SER F 112 32.34 29.36 3.31
CA SER F 112 31.94 28.27 2.45
C SER F 112 33.20 27.53 1.99
N LEU F 113 33.07 26.22 1.85
CA LEU F 113 34.10 25.43 1.17
C LEU F 113 34.04 25.66 -0.33
N PRO F 114 35.10 25.34 -1.08
CA PRO F 114 35.19 25.87 -2.45
C PRO F 114 34.10 25.37 -3.39
N ASN F 115 33.62 24.14 -3.20
CA ASN F 115 32.74 23.51 -4.17
C ASN F 115 31.28 23.54 -3.76
N SER F 116 30.94 24.27 -2.71
CA SER F 116 29.55 24.39 -2.29
C SER F 116 28.73 25.17 -3.30
N ARG F 117 27.41 25.02 -3.19
CA ARG F 117 26.44 25.76 -3.99
C ARG F 117 25.49 26.47 -3.06
N ILE F 118 25.20 27.75 -3.32
CA ILE F 118 24.30 28.54 -2.49
C ILE F 118 23.07 28.94 -3.30
N MET F 119 21.90 28.83 -2.68
CA MET F 119 20.64 29.19 -3.33
C MET F 119 19.77 29.96 -2.34
N ILE F 120 19.39 31.19 -2.71
CA ILE F 120 18.41 31.94 -1.91
C ILE F 120 17.02 31.81 -2.49
N HIS F 121 16.89 31.40 -3.74
CA HIS F 121 15.59 31.02 -4.27
C HIS F 121 14.91 30.04 -3.31
N GLN F 122 13.57 30.07 -3.28
CA GLN F 122 12.80 29.10 -2.51
C GLN F 122 12.10 28.14 -3.46
N PRO F 123 12.62 26.93 -3.69
CA PRO F 123 12.04 25.93 -4.60
C PRO F 123 10.74 25.34 -4.04
N ILE F 136 -1.55 29.74 5.80
CA ILE F 136 -1.85 29.02 4.57
C ILE F 136 -2.54 29.94 3.58
N GLN F 137 -3.08 31.07 4.05
CA GLN F 137 -3.72 32.01 3.15
C GLN F 137 -2.69 32.77 2.31
N ALA F 138 -3.12 33.22 1.12
CA ALA F 138 -2.22 33.90 0.21
C ALA F 138 -1.53 35.08 0.86
N GLU F 139 -2.27 35.83 1.69
CA GLU F 139 -1.73 37.00 2.37
C GLU F 139 -0.63 36.61 3.36
N GLU F 140 -0.79 35.48 4.04
CA GLU F 140 0.21 35.07 5.01
C GLU F 140 1.45 34.49 4.35
N ILE F 141 1.30 33.76 3.24
CA ILE F 141 2.45 33.39 2.42
C ILE F 141 3.25 34.63 2.05
N MET F 142 2.58 35.63 1.48
CA MET F 142 3.25 36.87 1.10
C MET F 142 3.90 37.55 2.30
N LYS F 143 3.33 37.37 3.50
CA LYS F 143 3.88 37.97 4.71
C LYS F 143 5.17 37.27 5.14
N LEU F 144 5.19 35.94 5.06
CA LEU F 144 6.44 35.23 5.34
C LEU F 144 7.52 35.61 4.32
N LYS F 145 7.17 35.62 3.05
CA LYS F 145 8.16 36.01 2.03
C LYS F 145 8.80 37.35 2.36
N LYS F 146 7.96 38.36 2.64
CA LYS F 146 8.45 39.69 2.99
C LYS F 146 9.43 39.63 4.15
N GLN F 147 9.12 38.84 5.18
CA GLN F 147 10.03 38.65 6.31
C GLN F 147 11.39 38.15 5.88
N LEU F 148 11.41 37.22 4.92
CA LEU F 148 12.68 36.73 4.41
C LEU F 148 13.42 37.84 3.68
N TYR F 149 12.71 38.62 2.87
CA TYR F 149 13.35 39.75 2.21
C TYR F 149 14.07 40.64 3.22
N ASN F 150 13.41 40.93 4.35
CA ASN F 150 13.99 41.88 5.31
C ASN F 150 15.15 41.25 6.05
N ILE F 151 15.10 39.95 6.30
CA ILE F 151 16.20 39.30 6.99
C ILE F 151 17.41 39.22 6.09
N TYR F 152 17.19 38.89 4.81
CA TYR F 152 18.30 38.87 3.87
C TYR F 152 18.87 40.28 3.67
N ALA F 153 18.01 41.29 3.58
CA ALA F 153 18.55 42.65 3.44
C ALA F 153 19.37 43.03 4.67
N LYS F 154 18.92 42.62 5.86
CA LYS F 154 19.68 42.93 7.07
C LYS F 154 21.07 42.32 7.04
N HIS F 155 21.22 41.08 6.57
CA HIS F 155 22.52 40.43 6.70
C HIS F 155 23.37 40.50 5.44
N THR F 156 22.76 40.56 4.27
CA THR F 156 23.53 40.67 3.03
C THR F 156 23.79 42.12 2.63
N LYS F 157 23.02 43.07 3.16
CA LYS F 157 23.07 44.51 2.85
C LYS F 157 22.54 44.85 1.46
N GLN F 158 21.90 43.92 0.76
CA GLN F 158 21.31 44.26 -0.53
C GLN F 158 19.92 44.90 -0.34
N SER F 159 19.51 45.65 -1.35
CA SER F 159 18.20 46.28 -1.30
C SER F 159 17.07 45.25 -1.40
N LEU F 160 15.92 45.61 -0.83
CA LEU F 160 14.73 44.76 -0.95
C LEU F 160 14.44 44.41 -2.41
N GLN F 161 14.61 45.40 -3.30
CA GLN F 161 14.35 45.19 -4.72
C GLN F 161 15.31 44.15 -5.31
N VAL F 162 16.59 44.21 -4.92
CA VAL F 162 17.58 43.25 -5.40
C VAL F 162 17.31 41.86 -4.81
N ILE F 163 17.07 41.79 -3.50
CA ILE F 163 16.69 40.52 -2.85
C ILE F 163 15.53 39.87 -3.60
N GLU F 164 14.49 40.66 -3.86
CA GLU F 164 13.29 40.13 -4.49
C GLU F 164 13.61 39.59 -5.88
N SER F 165 14.32 40.39 -6.68
CA SER F 165 14.71 39.92 -8.01
C SER F 165 15.48 38.62 -7.90
N ALA F 166 16.47 38.58 -7.02
CA ALA F 166 17.35 37.41 -6.94
C ALA F 166 16.58 36.17 -6.48
N MET F 167 15.66 36.32 -5.52
CA MET F 167 14.96 35.15 -4.99
C MET F 167 13.98 34.56 -5.99
N GLU F 168 13.53 35.32 -6.99
CA GLU F 168 12.61 34.68 -7.93
C GLU F 168 13.35 33.92 -9.05
N ARG F 169 14.68 33.93 -9.05
CA ARG F 169 15.44 33.23 -10.09
C ARG F 169 15.83 31.84 -9.59
N ASP F 170 15.44 30.83 -10.35
CA ASP F 170 15.72 29.44 -9.98
C ASP F 170 17.13 29.09 -10.44
N ARG F 171 18.11 29.37 -9.59
CA ARG F 171 19.51 29.15 -9.93
C ARG F 171 20.34 29.07 -8.65
N TYR F 172 21.55 28.57 -8.78
CA TYR F 172 22.51 28.51 -7.68
C TYR F 172 23.59 29.58 -7.84
N MET F 173 24.19 29.92 -6.71
CA MET F 173 25.35 30.79 -6.62
C MET F 173 26.56 29.97 -6.22
N SER F 174 27.67 30.20 -6.93
CA SER F 174 28.96 29.75 -6.48
C SER F 174 29.31 30.42 -5.15
N PRO F 175 30.29 29.88 -4.43
CA PRO F 175 30.69 30.54 -3.17
C PRO F 175 31.11 31.98 -3.38
N MET F 176 31.93 32.26 -4.38
CA MET F 176 32.38 33.62 -4.62
C MET F 176 31.22 34.52 -5.00
N GLU F 177 30.26 34.00 -5.76
CA GLU F 177 29.10 34.81 -6.09
C GLU F 177 28.28 35.11 -4.84
N ALA F 178 28.15 34.11 -3.95
CA ALA F 178 27.45 34.30 -2.67
C ALA F 178 28.18 35.30 -1.79
N GLN F 179 29.52 35.28 -1.80
CA GLN F 179 30.28 36.27 -1.07
C GLN F 179 30.00 37.66 -1.62
N GLU F 180 29.99 37.80 -2.95
CA GLU F 180 29.70 39.11 -3.52
C GLU F 180 28.30 39.57 -3.16
N PHE F 181 27.38 38.63 -2.95
CA PHE F 181 26.00 38.99 -2.62
C PHE F 181 25.89 39.47 -1.19
N GLY F 182 26.89 39.19 -0.35
CA GLY F 182 26.79 39.44 1.07
C GLY F 182 26.24 38.30 1.89
N ILE F 183 26.14 37.10 1.31
CA ILE F 183 25.67 35.93 2.05
C ILE F 183 26.77 35.35 2.91
N LEU F 184 28.01 35.39 2.44
CA LEU F 184 29.10 34.88 3.25
C LEU F 184 30.28 35.81 3.10
N ASP F 185 31.30 35.60 3.93
CA ASP F 185 32.48 36.45 3.99
C ASP F 185 33.74 35.82 3.40
N LYS F 186 33.92 34.50 3.52
CA LYS F 186 35.17 33.88 3.07
C LYS F 186 34.91 32.56 2.36
N VAL F 187 35.55 32.39 1.22
CA VAL F 187 35.52 31.12 0.45
C VAL F 187 36.85 30.47 0.81
N LEU F 188 36.79 29.37 1.55
CA LEU F 188 38.01 28.81 2.16
C LEU F 188 38.54 27.55 1.49
N LEU G 1 18.73 11.76 15.56
CA LEU G 1 19.86 11.65 16.47
C LEU G 1 19.79 12.74 17.53
N ILE G 2 19.72 12.35 18.80
CA ILE G 2 19.70 13.28 19.92
C ILE G 2 21.11 13.30 20.53
N PRO G 3 21.80 14.43 20.54
CA PRO G 3 23.11 14.48 21.19
C PRO G 3 23.05 14.24 22.69
N ILE G 4 24.16 13.74 23.21
CA ILE G 4 24.37 13.54 24.63
C ILE G 4 25.31 14.61 25.14
N VAL G 5 24.99 15.20 26.29
CA VAL G 5 25.92 16.09 26.99
C VAL G 5 26.07 15.59 28.42
N ALA G 15 25.79 11.90 31.74
CA ALA G 15 25.55 11.85 30.30
C ALA G 15 24.07 11.97 29.94
N TYR G 16 23.55 13.20 29.91
CA TYR G 16 22.15 13.45 29.59
C TYR G 16 21.95 13.58 28.09
N ASP G 17 20.78 13.14 27.62
CA ASP G 17 20.30 13.62 26.34
C ASP G 17 19.94 15.10 26.46
N ILE G 18 20.07 15.82 25.35
CA ILE G 18 20.01 17.27 25.41
C ILE G 18 18.67 17.74 25.98
N TYR G 19 17.57 17.04 25.65
CA TYR G 19 16.26 17.43 26.15
C TYR G 19 16.14 17.20 27.65
N SER G 20 16.66 16.07 28.15
CA SER G 20 16.73 15.90 29.60
C SER G 20 17.62 16.97 30.25
N ARG G 21 18.68 17.39 29.54
CA ARG G 21 19.57 18.44 30.03
C ARG G 21 18.81 19.74 30.24
N LEU G 22 17.96 20.11 29.29
CA LEU G 22 17.18 21.33 29.42
C LEU G 22 16.14 21.21 30.53
N LEU G 23 15.59 20.01 30.75
CA LEU G 23 14.62 19.83 31.83
C LEU G 23 15.25 20.14 33.18
N ARG G 24 16.48 19.68 33.41
CA ARG G 24 17.19 20.04 34.65
C ARG G 24 17.25 21.54 34.87
N GLU G 25 17.25 22.33 33.80
CA GLU G 25 17.23 23.78 33.90
C GLU G 25 15.80 24.33 33.93
N ARG G 26 14.79 23.46 34.05
CA ARG G 26 13.39 23.84 34.21
C ARG G 26 12.79 24.34 32.91
N ILE G 27 13.30 23.84 31.79
CA ILE G 27 12.75 24.13 30.47
C ILE G 27 11.92 22.95 30.02
N VAL G 28 10.71 23.24 29.56
CA VAL G 28 9.78 22.23 29.05
C VAL G 28 9.47 22.60 27.61
N CYS G 29 9.71 21.67 26.69
CA CYS G 29 9.54 21.94 25.27
C CYS G 29 8.17 21.49 24.81
N VAL G 30 7.46 22.40 24.14
CA VAL G 30 6.24 22.09 23.42
C VAL G 30 6.45 22.40 21.95
N MET G 31 7.04 21.47 21.22
CA MET G 31 7.29 21.67 19.79
C MET G 31 6.52 20.63 18.98
N GLY G 32 5.97 21.07 17.88
CA GLY G 32 5.23 20.18 17.04
C GLY G 32 3.81 20.07 17.52
N PRO G 33 3.06 19.17 16.91
CA PRO G 33 1.63 19.09 17.19
C PRO G 33 1.38 18.65 18.62
N ILE G 34 0.25 19.07 19.16
CA ILE G 34 -0.15 18.75 20.52
C ILE G 34 -1.15 17.61 20.45
N ASP G 35 -0.79 16.47 21.02
CA ASP G 35 -1.77 15.40 21.11
C ASP G 35 -1.70 14.84 22.51
N ASP G 36 -2.37 13.71 22.75
CA ASP G 36 -2.45 13.22 24.12
C ASP G 36 -1.10 12.75 24.63
N SER G 37 -0.23 12.20 23.76
CA SER G 37 1.06 11.78 24.28
C SER G 37 1.95 12.99 24.62
N VAL G 38 1.88 14.07 23.85
CA VAL G 38 2.59 15.29 24.23
C VAL G 38 2.02 15.85 25.53
N ALA G 39 0.70 16.00 25.58
CA ALA G 39 0.05 16.45 26.82
C ALA G 39 0.57 15.69 28.02
N SER G 40 0.57 14.36 27.93
CA SER G 40 1.03 13.51 29.02
C SER G 40 2.46 13.84 29.45
N LEU G 41 3.36 14.00 28.49
CA LEU G 41 4.75 14.26 28.82
C LEU G 41 4.92 15.66 29.41
N VAL G 42 4.19 16.64 28.89
CA VAL G 42 4.31 18.01 29.38
C VAL G 42 3.74 18.12 30.80
N ILE G 43 2.58 17.50 31.03
CA ILE G 43 2.01 17.47 32.40
C ILE G 43 2.97 16.78 33.37
N ALA G 44 3.55 15.64 32.98
CA ALA G 44 4.50 14.97 33.87
C ALA G 44 5.68 15.88 34.21
N GLN G 45 6.23 16.58 33.22
CA GLN G 45 7.38 17.46 33.48
C GLN G 45 6.99 18.62 34.37
N LEU G 46 5.81 19.21 34.15
CA LEU G 46 5.34 20.34 34.95
C LEU G 46 5.12 19.96 36.41
N LEU G 47 4.39 18.85 36.64
CA LEU G 47 4.19 18.39 38.01
C LEU G 47 5.53 18.09 38.66
N PHE G 48 6.45 17.46 37.92
CA PHE G 48 7.76 17.14 38.48
C PHE G 48 8.54 18.40 38.83
N LEU G 49 8.52 19.39 37.94
CA LEU G 49 9.28 20.61 38.23
C LEU G 49 8.72 21.30 39.46
N GLN G 50 7.39 21.31 39.60
CA GLN G 50 6.78 21.89 40.80
C GLN G 50 7.26 21.17 42.05
N SER G 51 7.35 19.85 42.01
CA SER G 51 7.81 19.08 43.16
C SER G 51 9.25 19.44 43.53
N GLU G 52 10.10 19.68 42.53
CA GLU G 52 11.46 20.12 42.85
C GLU G 52 11.45 21.49 43.50
N SER G 53 10.56 22.38 43.05
CA SER G 53 10.38 23.70 43.66
C SER G 53 9.03 24.25 43.21
N ASN G 54 8.21 24.74 44.14
CA ASN G 54 6.95 25.30 43.70
C ASN G 54 7.02 26.80 43.51
N LYS G 55 8.22 27.38 43.64
CA LYS G 55 8.38 28.81 43.41
C LYS G 55 9.35 29.17 42.29
N LYS G 56 10.37 28.34 42.00
CA LYS G 56 11.27 28.63 40.87
C LYS G 56 10.51 28.71 39.55
N PRO G 57 10.72 29.74 38.74
CA PRO G 57 10.08 29.78 37.43
C PRO G 57 10.30 28.51 36.60
N ILE G 58 9.37 28.28 35.68
CA ILE G 58 9.47 27.21 34.68
C ILE G 58 9.35 27.85 33.31
N HIS G 59 10.16 27.40 32.36
CA HIS G 59 10.17 27.90 31.00
C HIS G 59 9.52 26.90 30.07
N MET G 60 8.52 27.36 29.32
CA MET G 60 7.79 26.58 28.34
C MET G 60 8.12 27.12 26.96
N TYR G 61 8.81 26.32 26.15
CA TYR G 61 9.20 26.69 24.79
C TYR G 61 8.11 26.23 23.83
N ILE G 62 7.48 27.16 23.14
CA ILE G 62 6.35 26.85 22.26
C ILE G 62 6.78 27.12 20.82
N ASN G 63 6.85 26.05 20.02
CA ASN G 63 6.87 26.13 18.56
C ASN G 63 5.92 25.03 18.06
N SER G 64 4.67 25.42 17.78
CA SER G 64 3.64 24.42 17.59
C SER G 64 2.50 24.90 16.70
N PRO G 65 2.01 24.05 15.79
CA PRO G 65 0.82 24.38 15.01
C PRO G 65 -0.49 24.15 15.72
N GLY G 66 -0.47 23.75 17.00
CA GLY G 66 -1.69 23.43 17.69
C GLY G 66 -1.90 21.94 17.71
N GLY G 67 -3.14 21.48 17.65
CA GLY G 67 -3.40 20.06 17.73
C GLY G 67 -4.70 19.80 18.48
N VAL G 68 -4.76 18.66 19.16
CA VAL G 68 -6.00 18.18 19.75
C VAL G 68 -6.44 19.12 20.88
N VAL G 69 -7.68 19.61 20.78
CA VAL G 69 -8.14 20.62 21.72
C VAL G 69 -8.12 20.10 23.16
N THR G 70 -8.72 18.93 23.42
CA THR G 70 -8.74 18.46 24.80
C THR G 70 -7.33 18.27 25.34
N ALA G 71 -6.38 17.87 24.48
CA ALA G 71 -5.00 17.73 24.95
C ALA G 71 -4.43 19.08 25.32
N GLY G 72 -4.69 20.10 24.51
CA GLY G 72 -4.19 21.43 24.81
C GLY G 72 -4.80 21.98 26.09
N LEU G 73 -6.08 21.69 26.33
CA LEU G 73 -6.71 22.10 27.58
C LEU G 73 -6.16 21.33 28.78
N ALA G 74 -5.75 20.07 28.58
CA ALA G 74 -5.15 19.32 29.68
C ALA G 74 -3.87 20.02 30.17
N ILE G 75 -3.04 20.46 29.23
CA ILE G 75 -1.83 21.23 29.54
C ILE G 75 -2.18 22.58 30.15
N TYR G 76 -3.11 23.30 29.53
CA TYR G 76 -3.57 24.56 30.08
C TYR G 76 -3.96 24.42 31.55
N ASP G 77 -4.86 23.48 31.86
CA ASP G 77 -5.31 23.32 33.24
C ASP G 77 -4.13 23.03 34.18
N THR G 78 -3.17 22.22 33.71
CA THR G 78 -2.00 21.93 34.54
C THR G 78 -1.19 23.21 34.83
N MET G 79 -1.02 24.06 33.81
CA MET G 79 -0.35 25.34 34.01
C MET G 79 -1.07 26.17 35.06
N GLN G 80 -2.40 26.26 34.96
CA GLN G 80 -3.20 27.00 35.93
C GLN G 80 -3.23 26.33 37.29
N TYR G 81 -2.96 25.02 37.35
CA TYR G 81 -2.95 24.32 38.62
C TYR G 81 -1.64 24.52 39.38
N ILE G 82 -0.50 24.46 38.70
CA ILE G 82 0.76 24.57 39.43
C ILE G 82 0.95 26.01 39.85
N LEU G 83 1.71 26.20 40.92
CA LEU G 83 1.85 27.52 41.52
C LEU G 83 3.03 28.31 40.96
N ASN G 84 3.94 27.64 40.26
CA ASN G 84 5.11 28.31 39.76
C ASN G 84 4.71 29.41 38.77
N PRO G 85 5.49 30.50 38.71
CA PRO G 85 5.42 31.35 37.52
C PRO G 85 5.87 30.55 36.31
N ILE G 86 5.14 30.68 35.22
CA ILE G 86 5.52 30.00 33.98
C ILE G 86 5.87 31.07 32.95
N CYS G 87 7.10 31.07 32.50
CA CYS G 87 7.50 31.94 31.40
C CYS G 87 7.25 31.19 30.09
N THR G 88 6.44 31.78 29.21
CA THR G 88 6.18 31.17 27.92
C THR G 88 7.02 31.86 26.85
N TRP G 89 7.53 31.05 25.92
CA TRP G 89 8.46 31.50 24.88
C TRP G 89 8.03 30.95 23.52
N CYS G 90 7.59 31.83 22.64
CA CYS G 90 7.22 31.45 21.28
C CYS G 90 8.42 31.63 20.34
N VAL G 91 8.95 30.52 19.81
CA VAL G 91 9.86 30.54 18.67
C VAL G 91 9.17 29.83 17.51
N GLY G 92 9.37 30.36 16.32
CA GLY G 92 8.79 29.75 15.14
C GLY G 92 7.34 30.16 15.02
N GLN G 93 6.44 29.41 15.68
CA GLN G 93 5.03 29.75 15.66
C GLN G 93 4.33 29.18 16.88
N ALA G 94 3.15 29.72 17.11
CA ALA G 94 2.19 29.28 18.13
C ALA G 94 0.82 29.50 17.49
N ALA G 95 0.23 28.44 16.92
CA ALA G 95 -1.07 28.55 16.30
C ALA G 95 -2.06 27.68 17.07
N SER G 96 -3.34 28.01 16.94
N SER G 96 -3.33 28.06 17.00
CA SER G 96 -4.43 27.25 17.58
CA SER G 96 -4.43 27.27 17.59
C SER G 96 -4.07 27.03 19.04
C SER G 96 -4.09 27.04 19.06
N MET G 97 -4.11 25.80 19.55
CA MET G 97 -3.83 25.57 20.95
C MET G 97 -2.41 25.97 21.37
N GLY G 98 -1.48 26.13 20.44
CA GLY G 98 -0.16 26.65 20.82
C GLY G 98 -0.22 28.08 21.35
N SER G 99 -1.04 28.93 20.74
CA SER G 99 -1.17 30.31 21.21
C SER G 99 -1.99 30.40 22.49
N LEU G 100 -2.96 29.50 22.70
CA LEU G 100 -3.62 29.45 24.00
C LEU G 100 -2.60 29.24 25.12
N LEU G 101 -1.70 28.27 24.94
CA LEU G 101 -0.70 28.00 25.98
C LEU G 101 0.25 29.17 26.16
N LEU G 102 0.71 29.77 25.05
CA LEU G 102 1.56 30.96 25.14
C LEU G 102 0.88 32.06 25.96
N ALA G 103 -0.39 32.32 25.67
CA ALA G 103 -1.15 33.37 26.36
C ALA G 103 -1.49 33.00 27.81
N ALA G 104 -1.39 31.73 28.19
CA ALA G 104 -1.63 31.28 29.55
C ALA G 104 -0.40 31.39 30.44
N GLY G 105 0.73 31.84 29.91
CA GLY G 105 1.87 32.08 30.77
C GLY G 105 1.55 33.05 31.90
N THR G 106 2.42 33.08 32.90
CA THR G 106 2.19 33.98 34.04
C THR G 106 2.19 35.43 33.56
N PRO G 107 1.18 36.23 33.94
CA PRO G 107 1.13 37.62 33.50
C PRO G 107 2.48 38.28 33.68
N GLY G 108 2.91 39.02 32.66
CA GLY G 108 4.22 39.64 32.62
C GLY G 108 5.36 38.79 32.09
N MET G 109 5.13 37.50 31.80
CA MET G 109 6.21 36.58 31.46
C MET G 109 5.95 35.79 30.17
N ARG G 110 5.07 36.29 29.32
CA ARG G 110 4.80 35.71 28.02
C ARG G 110 5.62 36.44 26.94
N HIS G 111 6.48 35.70 26.24
CA HIS G 111 7.46 36.26 25.31
C HIS G 111 7.32 35.68 23.92
N SER G 112 7.92 36.39 22.95
CA SER G 112 8.16 35.83 21.63
C SER G 112 9.47 36.38 21.06
N LEU G 113 10.18 35.53 20.31
CA LEU G 113 11.31 36.02 19.52
C LEU G 113 10.77 36.84 18.34
N PRO G 114 11.62 37.67 17.71
CA PRO G 114 11.09 38.74 16.85
C PRO G 114 10.41 38.24 15.60
N ASN G 115 10.72 37.04 15.11
CA ASN G 115 10.17 36.61 13.84
C ASN G 115 9.15 35.50 13.97
N SER G 116 8.66 35.22 15.18
CA SER G 116 7.63 34.21 15.31
C SER G 116 6.31 34.71 14.73
N ARG G 117 5.40 33.78 14.46
CA ARG G 117 4.05 34.15 14.04
C ARG G 117 3.02 33.48 14.96
N ILE G 118 1.96 34.22 15.25
CA ILE G 118 1.00 33.83 16.28
C ILE G 118 -0.39 33.81 15.67
N MET G 119 -1.11 32.69 15.84
CA MET G 119 -2.45 32.56 15.28
C MET G 119 -3.40 32.02 16.35
N ILE G 120 -4.51 32.72 16.56
CA ILE G 120 -5.55 32.24 17.46
C ILE G 120 -6.71 31.61 16.69
N HIS G 121 -6.76 31.80 15.38
CA HIS G 121 -7.64 31.04 14.51
C HIS G 121 -7.39 29.55 14.73
N GLN G 122 -8.44 28.76 14.60
CA GLN G 122 -8.31 27.30 14.62
C GLN G 122 -8.57 26.83 13.19
N PRO G 123 -7.54 26.57 12.39
CA PRO G 123 -7.66 26.23 10.97
C PRO G 123 -8.74 25.19 10.64
N ILE G 136 -17.20 14.19 17.18
CA ILE G 136 -18.21 14.64 18.14
C ILE G 136 -19.34 15.36 17.42
N GLN G 137 -20.41 15.61 18.16
CA GLN G 137 -21.59 16.26 17.65
C GLN G 137 -21.35 17.76 17.49
N ALA G 138 -22.18 18.39 16.65
CA ALA G 138 -22.10 19.84 16.48
C ALA G 138 -22.12 20.57 17.82
N GLU G 139 -23.02 20.16 18.73
CA GLU G 139 -23.12 20.88 20.00
C GLU G 139 -21.82 20.77 20.80
N GLU G 140 -21.15 19.62 20.76
CA GLU G 140 -19.92 19.44 21.51
C GLU G 140 -18.77 20.27 20.94
N ILE G 141 -18.72 20.40 19.62
CA ILE G 141 -17.70 21.24 18.99
C ILE G 141 -17.87 22.68 19.43
N MET G 142 -19.10 23.18 19.38
CA MET G 142 -19.39 24.54 19.81
C MET G 142 -19.05 24.74 21.28
N LYS G 143 -19.27 23.71 22.10
CA LYS G 143 -18.99 23.85 23.53
C LYS G 143 -17.49 24.01 23.78
N LEU G 144 -16.68 23.22 23.08
CA LEU G 144 -15.24 23.39 23.17
C LEU G 144 -14.84 24.77 22.70
N LYS G 145 -15.44 25.24 21.60
CA LYS G 145 -15.07 26.53 21.04
C LYS G 145 -15.32 27.64 22.06
N LYS G 146 -16.42 27.54 22.81
CA LYS G 146 -16.72 28.53 23.83
C LYS G 146 -15.68 28.52 24.94
N GLN G 147 -15.25 27.32 25.36
CA GLN G 147 -14.18 27.23 26.34
C GLN G 147 -12.93 27.99 25.88
N LEU G 148 -12.56 27.82 24.61
CA LEU G 148 -11.39 28.56 24.12
C LEU G 148 -11.64 30.07 24.15
N TYR G 149 -12.81 30.52 23.66
CA TYR G 149 -13.17 31.94 23.78
C TYR G 149 -12.96 32.44 25.20
N ASN G 150 -13.53 31.73 26.18
CA ASN G 150 -13.47 32.15 27.58
C ASN G 150 -12.03 32.22 28.07
N ILE G 151 -11.20 31.26 27.67
CA ILE G 151 -9.82 31.23 28.14
C ILE G 151 -9.02 32.38 27.51
N TYR G 152 -9.22 32.61 26.21
CA TYR G 152 -8.54 33.73 25.55
C TYR G 152 -9.01 35.07 26.12
N ALA G 153 -10.32 35.25 26.24
CA ALA G 153 -10.84 36.48 26.87
C ALA G 153 -10.14 36.74 28.20
N LYS G 154 -9.99 35.71 29.01
CA LYS G 154 -9.42 35.91 30.34
C LYS G 154 -7.97 36.35 30.27
N HIS G 155 -7.13 35.63 29.50
CA HIS G 155 -5.70 35.90 29.55
C HIS G 155 -5.25 37.06 28.68
N THR G 156 -6.01 37.40 27.63
CA THR G 156 -5.70 38.58 26.82
C THR G 156 -6.40 39.85 27.32
N LYS G 157 -7.42 39.75 28.18
CA LYS G 157 -8.16 40.93 28.64
C LYS G 157 -8.99 41.58 27.52
N GLN G 158 -9.52 40.76 26.60
CA GLN G 158 -10.42 41.22 25.56
C GLN G 158 -11.80 40.63 25.79
N SER G 159 -12.81 41.31 25.24
CA SER G 159 -14.17 40.83 25.40
C SER G 159 -14.38 39.52 24.63
N LEU G 160 -15.35 38.74 25.08
CA LEU G 160 -15.75 37.56 24.35
C LEU G 160 -15.99 37.87 22.87
N GLN G 161 -16.64 39.00 22.61
CA GLN G 161 -17.02 39.31 21.24
C GLN G 161 -15.81 39.71 20.40
N VAL G 162 -14.76 40.24 21.04
CA VAL G 162 -13.53 40.57 20.34
C VAL G 162 -12.75 39.29 20.01
N ILE G 163 -12.66 38.37 20.97
CA ILE G 163 -12.01 37.07 20.72
C ILE G 163 -12.74 36.35 19.59
N GLU G 164 -14.07 36.32 19.63
CA GLU G 164 -14.83 35.52 18.67
C GLU G 164 -14.69 36.07 17.24
N SER G 165 -14.88 37.37 17.07
CA SER G 165 -14.68 37.99 15.75
C SER G 165 -13.25 37.81 15.28
N ALA G 166 -12.29 37.92 16.19
CA ALA G 166 -10.89 37.68 15.85
C ALA G 166 -10.68 36.29 15.28
N MET G 167 -11.04 35.23 16.03
CA MET G 167 -10.70 33.86 15.64
C MET G 167 -11.40 33.42 14.36
N GLU G 168 -12.42 34.14 13.93
CA GLU G 168 -13.01 33.89 12.62
C GLU G 168 -12.04 34.17 11.47
N ARG G 169 -11.00 34.97 11.69
CA ARG G 169 -10.12 35.43 10.63
C ARG G 169 -8.90 34.52 10.53
N ASP G 170 -8.74 33.88 9.37
CA ASP G 170 -7.63 32.96 9.07
C ASP G 170 -6.40 33.79 8.70
N ARG G 171 -5.73 34.28 9.73
CA ARG G 171 -4.57 35.14 9.56
C ARG G 171 -3.66 34.94 10.75
N TYR G 172 -2.41 35.36 10.58
CA TYR G 172 -1.45 35.37 11.67
C TYR G 172 -1.24 36.77 12.20
N MET G 173 -0.65 36.82 13.39
CA MET G 173 -0.25 38.03 14.08
C MET G 173 1.25 38.05 14.24
N SER G 174 1.88 39.17 13.89
CA SER G 174 3.26 39.37 14.23
C SER G 174 3.42 39.40 15.74
N PRO G 175 4.65 39.24 16.25
CA PRO G 175 4.85 39.35 17.70
C PRO G 175 4.31 40.65 18.30
N MET G 176 4.45 41.77 17.62
CA MET G 176 3.96 43.03 18.16
C MET G 176 2.43 43.10 18.12
N GLU G 177 1.80 42.64 17.03
CA GLU G 177 0.34 42.60 16.99
C GLU G 177 -0.21 41.75 18.13
N ALA G 178 0.50 40.66 18.49
CA ALA G 178 0.01 39.77 19.54
C ALA G 178 0.21 40.39 20.92
N GLN G 179 1.27 41.20 21.07
CA GLN G 179 1.47 41.91 22.32
C GLN G 179 0.38 42.96 22.55
N GLU G 180 0.04 43.73 21.52
CA GLU G 180 -1.02 44.71 21.72
C GLU G 180 -2.36 44.02 21.92
N PHE G 181 -2.52 42.82 21.34
CA PHE G 181 -3.73 42.03 21.56
C PHE G 181 -3.81 41.46 22.96
N GLY G 182 -2.69 41.37 23.68
CA GLY G 182 -2.71 40.76 24.98
C GLY G 182 -2.33 39.29 25.01
N ILE G 183 -1.87 38.72 23.89
CA ILE G 183 -1.43 37.33 23.92
C ILE G 183 -0.08 37.20 24.60
N LEU G 184 0.74 38.24 24.59
CA LEU G 184 2.05 38.15 25.22
C LEU G 184 2.47 39.53 25.69
N ASP G 185 3.58 39.56 26.44
CA ASP G 185 4.01 40.74 27.16
C ASP G 185 5.24 41.41 26.58
N LYS G 186 6.15 40.64 25.98
CA LYS G 186 7.42 41.16 25.51
C LYS G 186 7.86 40.41 24.26
N VAL G 187 8.43 41.15 23.31
CA VAL G 187 9.06 40.60 22.10
C VAL G 187 10.56 40.79 22.25
N LEU G 188 11.29 39.70 22.42
CA LEU G 188 12.69 39.75 22.82
C LEU G 188 13.61 39.59 21.62
N VAL G 189 14.41 40.62 21.36
CA VAL G 189 15.49 40.54 20.38
C VAL G 189 16.68 39.80 20.98
N HIS G 190 17.37 40.44 21.92
CA HIS G 190 18.49 39.87 22.65
C HIS G 190 18.16 39.90 24.12
N PRO G 191 18.85 39.09 24.93
CA PRO G 191 18.65 39.15 26.39
C PRO G 191 19.08 40.51 26.93
N LEU H 1 -7.87 -9.87 -23.90
CA LEU H 1 -9.17 -9.44 -24.40
C LEU H 1 -9.75 -10.48 -25.35
N ILE H 2 -11.07 -10.41 -25.52
CA ILE H 2 -11.85 -11.53 -26.05
C ILE H 2 -12.18 -11.27 -27.52
N PRO H 3 -11.79 -12.15 -28.42
CA PRO H 3 -12.13 -11.98 -29.85
C PRO H 3 -13.62 -12.15 -30.11
N ILE H 4 -14.04 -11.57 -31.25
CA ILE H 4 -15.40 -11.67 -31.75
C ILE H 4 -15.40 -12.58 -32.97
N VAL H 5 -16.46 -13.36 -33.15
CA VAL H 5 -16.57 -14.25 -34.30
C VAL H 5 -17.90 -14.01 -34.99
N ASP H 17 -18.83 -12.82 -28.90
CA ASP H 17 -17.53 -13.16 -28.34
C ASP H 17 -17.32 -14.67 -28.39
N ILE H 18 -16.05 -15.07 -28.32
CA ILE H 18 -15.72 -16.48 -28.52
C ILE H 18 -16.35 -17.37 -27.46
N TYR H 19 -16.69 -16.83 -26.29
CA TYR H 19 -17.31 -17.65 -25.26
C TYR H 19 -18.79 -17.85 -25.54
N SER H 20 -19.52 -16.75 -25.71
CA SER H 20 -20.91 -16.88 -26.11
C SER H 20 -21.06 -17.79 -27.31
N ARG H 21 -20.11 -17.73 -28.25
CA ARG H 21 -20.16 -18.58 -29.43
C ARG H 21 -20.15 -20.05 -29.04
N LEU H 22 -19.24 -20.44 -28.15
CA LEU H 22 -19.18 -21.82 -27.73
C LEU H 22 -20.43 -22.23 -26.96
N LEU H 23 -21.06 -21.27 -26.26
CA LEU H 23 -22.32 -21.53 -25.58
C LEU H 23 -23.43 -21.87 -26.56
N ARG H 24 -23.47 -21.17 -27.71
CA ARG H 24 -24.45 -21.50 -28.74
C ARG H 24 -24.31 -22.92 -29.25
N GLU H 25 -23.18 -23.56 -29.01
CA GLU H 25 -22.97 -24.96 -29.37
C GLU H 25 -22.95 -25.86 -28.13
N ARG H 26 -23.54 -25.41 -27.03
CA ARG H 26 -23.74 -26.23 -25.84
C ARG H 26 -22.43 -26.61 -25.17
N ILE H 27 -21.41 -25.75 -25.26
CA ILE H 27 -20.17 -25.94 -24.50
C ILE H 27 -20.21 -24.93 -23.36
N VAL H 28 -19.81 -25.39 -22.17
CA VAL H 28 -19.85 -24.58 -20.96
C VAL H 28 -18.47 -24.66 -20.35
N CYS H 29 -17.86 -23.52 -20.09
CA CYS H 29 -16.48 -23.48 -19.64
C CYS H 29 -16.43 -23.40 -18.12
N VAL H 30 -15.73 -24.34 -17.50
CA VAL H 30 -15.38 -24.27 -16.09
C VAL H 30 -13.86 -24.24 -16.03
N MET H 31 -13.27 -23.12 -16.40
CA MET H 31 -11.82 -22.98 -16.41
C MET H 31 -11.43 -21.96 -15.35
N GLY H 32 -10.46 -22.31 -14.51
CA GLY H 32 -10.04 -21.44 -13.45
C GLY H 32 -10.58 -21.86 -12.09
N PRO H 33 -10.39 -21.00 -11.09
CA PRO H 33 -10.88 -21.33 -9.74
C PRO H 33 -12.39 -21.19 -9.64
N ILE H 34 -12.98 -22.07 -8.84
CA ILE H 34 -14.42 -22.12 -8.69
C ILE H 34 -14.80 -21.32 -7.44
N ASP H 35 -15.52 -20.22 -7.64
CA ASP H 35 -16.14 -19.48 -6.55
C ASP H 35 -17.62 -19.28 -6.83
N ASP H 36 -18.28 -18.47 -6.00
CA ASP H 36 -19.72 -18.30 -6.12
C ASP H 36 -20.08 -17.65 -7.44
N SER H 37 -19.32 -16.65 -7.87
CA SER H 37 -19.57 -16.04 -9.17
C SER H 37 -19.45 -17.06 -10.30
N VAL H 38 -18.40 -17.87 -10.31
CA VAL H 38 -18.27 -18.91 -11.33
C VAL H 38 -19.46 -19.86 -11.26
N ALA H 39 -19.80 -20.33 -10.06
CA ALA H 39 -20.92 -21.25 -9.90
C ALA H 39 -22.20 -20.68 -10.51
N SER H 40 -22.53 -19.41 -10.23
CA SER H 40 -23.82 -18.96 -10.72
C SER H 40 -23.82 -18.76 -12.23
N LEU H 41 -22.65 -18.47 -12.83
CA LEU H 41 -22.58 -18.43 -14.29
C LEU H 41 -22.77 -19.83 -14.88
N VAL H 42 -22.05 -20.82 -14.37
CA VAL H 42 -22.14 -22.17 -14.89
C VAL H 42 -23.56 -22.70 -14.75
N ILE H 43 -24.17 -22.45 -13.59
CA ILE H 43 -25.54 -22.87 -13.35
C ILE H 43 -26.50 -22.17 -14.29
N ALA H 44 -26.36 -20.85 -14.44
CA ALA H 44 -27.22 -20.15 -15.38
C ALA H 44 -27.06 -20.71 -16.79
N GLN H 45 -25.89 -21.22 -17.13
CA GLN H 45 -25.70 -21.76 -18.48
C GLN H 45 -26.24 -23.18 -18.60
N LEU H 46 -26.03 -24.01 -17.58
CA LEU H 46 -26.66 -25.34 -17.57
C LEU H 46 -28.18 -25.24 -17.66
N LEU H 47 -28.79 -24.31 -16.94
CA LEU H 47 -30.24 -24.23 -16.95
C LEU H 47 -30.75 -23.72 -18.29
N PHE H 48 -30.06 -22.73 -18.88
CA PHE H 48 -30.44 -22.25 -20.20
C PHE H 48 -30.25 -23.34 -21.24
N LEU H 49 -29.16 -24.11 -21.13
CA LEU H 49 -28.88 -25.17 -22.09
C LEU H 49 -29.94 -26.26 -22.02
N GLN H 50 -30.31 -26.69 -20.81
CA GLN H 50 -31.40 -27.66 -20.67
C GLN H 50 -32.69 -27.10 -21.24
N SER H 51 -32.94 -25.80 -21.04
CA SER H 51 -34.15 -25.18 -21.54
C SER H 51 -34.21 -25.17 -23.06
N GLU H 52 -33.05 -25.09 -23.73
CA GLU H 52 -33.06 -25.14 -25.20
C GLU H 52 -33.45 -26.53 -25.69
N SER H 53 -33.01 -27.56 -24.96
CA SER H 53 -33.35 -28.94 -25.25
C SER H 53 -32.92 -29.81 -24.06
N ASN H 54 -33.86 -30.57 -23.49
CA ASN H 54 -33.48 -31.43 -22.39
C ASN H 54 -32.88 -32.75 -22.84
N LYS H 55 -32.52 -32.87 -24.12
CA LYS H 55 -32.05 -34.15 -24.67
C LYS H 55 -30.63 -34.08 -25.19
N LYS H 56 -30.30 -33.14 -26.07
CA LYS H 56 -28.98 -33.15 -26.65
C LYS H 56 -27.93 -32.84 -25.59
N PRO H 57 -26.73 -33.39 -25.74
CA PRO H 57 -25.76 -33.34 -24.65
C PRO H 57 -25.19 -31.94 -24.46
N ILE H 58 -24.58 -31.77 -23.30
CA ILE H 58 -23.88 -30.55 -22.93
C ILE H 58 -22.45 -30.95 -22.64
N HIS H 59 -21.52 -30.17 -23.16
CA HIS H 59 -20.10 -30.39 -22.89
C HIS H 59 -19.66 -29.42 -21.81
N MET H 60 -18.92 -29.92 -20.83
CA MET H 60 -18.40 -29.12 -19.74
C MET H 60 -16.89 -29.17 -19.86
N TYR H 61 -16.29 -28.04 -20.19
CA TYR H 61 -14.86 -27.92 -20.30
C TYR H 61 -14.30 -27.52 -18.93
N ILE H 62 -13.30 -28.27 -18.47
CA ILE H 62 -12.83 -28.17 -17.11
C ILE H 62 -11.31 -28.12 -17.11
N ASN H 63 -10.76 -26.97 -16.73
CA ASN H 63 -9.36 -26.83 -16.32
C ASN H 63 -9.38 -26.00 -15.04
N SER H 64 -9.46 -26.66 -13.90
CA SER H 64 -9.65 -25.94 -12.66
C SER H 64 -8.76 -26.52 -11.58
N PRO H 65 -8.15 -25.66 -10.74
CA PRO H 65 -7.45 -26.13 -9.56
C PRO H 65 -8.37 -26.35 -8.37
N GLY H 66 -9.67 -26.23 -8.56
CA GLY H 66 -10.60 -26.37 -7.46
C GLY H 66 -11.25 -25.04 -7.12
N GLY H 67 -11.63 -24.87 -5.86
CA GLY H 67 -12.22 -23.64 -5.43
C GLY H 67 -13.06 -23.80 -4.17
N VAL H 68 -14.18 -23.09 -4.11
CA VAL H 68 -15.01 -23.10 -2.92
C VAL H 68 -15.90 -24.33 -2.93
N VAL H 69 -15.87 -25.10 -1.85
CA VAL H 69 -16.57 -26.37 -1.85
C VAL H 69 -18.07 -26.17 -2.07
N THR H 70 -18.71 -25.23 -1.36
CA THR H 70 -20.14 -25.02 -1.57
C THR H 70 -20.43 -24.46 -2.96
N ALA H 71 -19.51 -23.70 -3.54
CA ALA H 71 -19.70 -23.29 -4.94
C ALA H 71 -19.66 -24.51 -5.84
N GLY H 72 -18.68 -25.39 -5.61
CA GLY H 72 -18.61 -26.62 -6.39
C GLY H 72 -19.88 -27.45 -6.26
N LEU H 73 -20.35 -27.65 -5.02
CA LEU H 73 -21.51 -28.52 -4.81
C LEU H 73 -22.75 -27.94 -5.48
N ALA H 74 -22.86 -26.62 -5.52
CA ALA H 74 -23.95 -25.99 -6.23
C ALA H 74 -23.93 -26.37 -7.71
N ILE H 75 -22.73 -26.32 -8.32
CA ILE H 75 -22.59 -26.80 -9.70
C ILE H 75 -22.89 -28.29 -9.77
N TYR H 76 -22.31 -29.08 -8.88
CA TYR H 76 -22.57 -30.51 -8.88
C TYR H 76 -24.07 -30.79 -8.84
N ASP H 77 -24.79 -30.16 -7.91
CA ASP H 77 -26.22 -30.45 -7.76
C ASP H 77 -26.99 -30.09 -9.02
N THR H 78 -26.57 -29.05 -9.74
CA THR H 78 -27.28 -28.66 -10.96
C THR H 78 -27.00 -29.64 -12.10
N MET H 79 -25.79 -30.17 -12.16
CA MET H 79 -25.46 -31.24 -13.10
C MET H 79 -26.36 -32.46 -12.88
N GLN H 80 -26.49 -32.90 -11.63
CA GLN H 80 -27.42 -33.97 -11.30
C GLN H 80 -28.85 -33.59 -11.68
N TYR H 81 -29.23 -32.33 -11.46
CA TYR H 81 -30.63 -31.96 -11.65
C TYR H 81 -31.04 -32.04 -13.12
N ILE H 82 -30.28 -31.41 -14.02
CA ILE H 82 -30.70 -31.38 -15.42
C ILE H 82 -30.67 -32.78 -16.00
N LEU H 83 -31.54 -33.01 -16.99
CA LEU H 83 -31.73 -34.32 -17.58
C LEU H 83 -30.82 -34.58 -18.77
N ASN H 84 -30.37 -33.53 -19.46
CA ASN H 84 -29.44 -33.67 -20.59
C ASN H 84 -28.29 -34.56 -20.19
N PRO H 85 -27.70 -35.33 -21.10
CA PRO H 85 -26.40 -35.92 -20.81
C PRO H 85 -25.34 -34.82 -20.77
N ILE H 86 -24.28 -35.08 -20.00
CA ILE H 86 -23.22 -34.11 -19.78
C ILE H 86 -21.91 -34.82 -20.07
N CYS H 87 -21.25 -34.44 -21.16
CA CYS H 87 -19.87 -34.85 -21.38
C CYS H 87 -18.98 -33.87 -20.64
N THR H 88 -18.14 -34.40 -19.74
CA THR H 88 -17.09 -33.63 -19.10
C THR H 88 -15.77 -33.90 -19.80
N TRP H 89 -14.93 -32.88 -19.90
CA TRP H 89 -13.63 -33.01 -20.51
C TRP H 89 -12.59 -32.30 -19.64
N CYS H 90 -11.46 -32.95 -19.41
CA CYS H 90 -10.39 -32.37 -18.59
C CYS H 90 -9.24 -31.93 -19.48
N VAL H 91 -9.06 -30.62 -19.62
CA VAL H 91 -7.91 -30.02 -20.31
C VAL H 91 -7.01 -29.40 -19.26
N GLY H 92 -5.74 -29.80 -19.25
CA GLY H 92 -4.80 -29.27 -18.29
C GLY H 92 -4.87 -29.93 -16.93
N GLN H 93 -5.83 -29.53 -16.12
CA GLN H 93 -5.92 -30.10 -14.78
C GLN H 93 -7.35 -30.05 -14.31
N ALA H 94 -7.68 -30.99 -13.42
CA ALA H 94 -8.93 -30.97 -12.66
C ALA H 94 -8.55 -31.39 -11.24
N ALA H 95 -8.41 -30.41 -10.35
CA ALA H 95 -7.96 -30.68 -8.99
C ALA H 95 -9.07 -30.32 -8.02
N SER H 96 -9.08 -31.02 -6.87
N SER H 96 -9.09 -31.02 -6.88
CA SER H 96 -10.07 -30.79 -5.83
CA SER H 96 -10.08 -30.78 -5.84
C SER H 96 -11.47 -30.76 -6.43
C SER H 96 -11.49 -30.76 -6.44
N MET H 97 -12.21 -29.66 -6.22
CA MET H 97 -13.58 -29.58 -6.72
C MET H 97 -13.65 -29.77 -8.23
N GLY H 98 -12.59 -29.41 -8.96
CA GLY H 98 -12.59 -29.63 -10.39
C GLY H 98 -12.74 -31.09 -10.77
N SER H 99 -12.03 -31.97 -10.07
CA SER H 99 -12.08 -33.40 -10.37
C SER H 99 -13.40 -34.02 -9.90
N LEU H 100 -14.05 -33.40 -8.91
CA LEU H 100 -15.39 -33.84 -8.54
C LEU H 100 -16.39 -33.54 -9.66
N LEU H 101 -16.28 -32.37 -10.29
CA LEU H 101 -17.18 -32.09 -11.40
C LEU H 101 -16.85 -32.96 -12.61
N LEU H 102 -15.59 -33.37 -12.74
CA LEU H 102 -15.21 -34.24 -13.85
C LEU H 102 -15.86 -35.60 -13.68
N ALA H 103 -15.58 -36.26 -12.57
CA ALA H 103 -16.24 -37.53 -12.25
C ALA H 103 -17.76 -37.44 -12.28
N ALA H 104 -18.31 -36.24 -12.17
CA ALA H 104 -19.76 -36.05 -12.03
C ALA H 104 -20.50 -36.04 -13.36
N GLY H 105 -19.80 -36.12 -14.50
CA GLY H 105 -20.48 -36.20 -15.77
C GLY H 105 -21.08 -37.58 -16.02
N THR H 106 -21.96 -37.64 -17.02
CA THR H 106 -22.69 -38.85 -17.35
C THR H 106 -21.73 -40.02 -17.54
N PRO H 107 -22.04 -41.19 -16.95
CA PRO H 107 -21.14 -42.36 -17.09
C PRO H 107 -20.93 -42.68 -18.55
N GLY H 108 -19.70 -43.05 -18.90
CA GLY H 108 -19.33 -43.21 -20.29
C GLY H 108 -19.14 -41.91 -21.05
N MET H 109 -19.42 -40.76 -20.43
CA MET H 109 -19.33 -39.46 -21.10
C MET H 109 -18.30 -38.54 -20.44
N ARG H 110 -17.34 -39.12 -19.73
CA ARG H 110 -16.36 -38.39 -18.95
C ARG H 110 -14.99 -38.62 -19.58
N HIS H 111 -14.32 -37.54 -19.99
CA HIS H 111 -13.12 -37.61 -20.83
C HIS H 111 -11.96 -36.82 -20.24
N SER H 112 -10.77 -37.18 -20.70
CA SER H 112 -9.55 -36.44 -20.38
C SER H 112 -8.64 -36.44 -21.61
N LEU H 113 -7.98 -35.31 -21.88
CA LEU H 113 -6.94 -35.29 -22.90
C LEU H 113 -5.64 -35.86 -22.34
N PRO H 114 -4.68 -36.19 -23.21
CA PRO H 114 -3.65 -37.16 -22.82
C PRO H 114 -2.69 -36.64 -21.76
N ASN H 115 -2.46 -35.34 -21.67
CA ASN H 115 -1.45 -34.82 -20.74
C ASN H 115 -2.08 -34.16 -19.50
N SER H 116 -3.40 -34.22 -19.33
CA SER H 116 -4.06 -33.59 -18.17
C SER H 116 -3.52 -34.14 -16.85
N ARG H 117 -3.83 -33.40 -15.77
CA ARG H 117 -3.49 -33.78 -14.39
C ARG H 117 -4.77 -33.80 -13.56
N ILE H 118 -4.97 -34.87 -12.78
CA ILE H 118 -6.20 -35.05 -12.02
C ILE H 118 -5.88 -35.27 -10.54
N MET H 119 -6.58 -34.55 -9.67
CA MET H 119 -6.31 -34.63 -8.24
C MET H 119 -7.60 -34.61 -7.43
N ILE H 120 -7.79 -35.64 -6.60
CA ILE H 120 -8.93 -35.73 -5.70
C ILE H 120 -8.60 -35.23 -4.29
N HIS H 121 -7.31 -35.20 -3.93
CA HIS H 121 -6.84 -34.49 -2.76
C HIS H 121 -7.37 -33.06 -2.73
N GLN H 122 -7.72 -32.61 -1.52
CA GLN H 122 -8.11 -31.23 -1.23
C GLN H 122 -6.93 -30.55 -0.60
N PRO H 123 -6.14 -29.79 -1.35
CA PRO H 123 -5.05 -29.04 -0.72
C PRO H 123 -5.60 -28.08 0.32
N SER H 124 -4.87 -27.96 1.43
CA SER H 124 -5.24 -27.15 2.59
C SER H 124 -6.39 -26.15 2.37
N ILE H 136 -15.96 -21.36 9.60
CA ILE H 136 -16.89 -22.39 10.04
C ILE H 136 -16.21 -23.36 11.00
N GLN H 137 -17.02 -23.96 11.88
CA GLN H 137 -16.56 -24.85 12.94
C GLN H 137 -15.90 -26.11 12.38
N ALA H 138 -15.06 -26.73 13.21
CA ALA H 138 -14.42 -27.98 12.84
C ALA H 138 -15.44 -29.01 12.34
N GLU H 139 -16.54 -29.20 13.08
CA GLU H 139 -17.54 -30.19 12.67
C GLU H 139 -18.13 -29.87 11.31
N GLU H 140 -18.34 -28.59 10.99
CA GLU H 140 -18.83 -28.28 9.65
C GLU H 140 -17.79 -28.58 8.58
N ILE H 141 -16.50 -28.42 8.89
CA ILE H 141 -15.47 -28.79 7.92
C ILE H 141 -15.60 -30.29 7.60
N MET H 142 -15.72 -31.11 8.63
CA MET H 142 -15.81 -32.55 8.46
C MET H 142 -17.10 -32.96 7.77
N LYS H 143 -18.22 -32.28 8.06
CA LYS H 143 -19.45 -32.60 7.34
C LYS H 143 -19.28 -32.42 5.84
N LEU H 144 -18.68 -31.29 5.42
CA LEU H 144 -18.45 -31.09 4.00
C LEU H 144 -17.56 -32.19 3.45
N LYS H 145 -16.44 -32.42 4.11
CA LYS H 145 -15.50 -33.44 3.67
C LYS H 145 -16.17 -34.79 3.43
N LYS H 146 -17.19 -35.12 4.25
CA LYS H 146 -17.90 -36.39 4.11
C LYS H 146 -18.89 -36.37 2.96
N GLN H 147 -19.48 -35.22 2.67
CA GLN H 147 -20.23 -35.05 1.42
C GLN H 147 -19.36 -35.42 0.24
N LEU H 148 -18.08 -35.00 0.27
CA LEU H 148 -17.21 -35.25 -0.88
C LEU H 148 -16.89 -36.74 -0.98
N TYR H 149 -16.50 -37.36 0.14
CA TYR H 149 -16.34 -38.82 0.18
C TYR H 149 -17.51 -39.52 -0.48
N ASN H 150 -18.73 -39.12 -0.14
CA ASN H 150 -19.90 -39.81 -0.65
C ASN H 150 -20.09 -39.57 -2.15
N ILE H 151 -19.96 -38.31 -2.58
CA ILE H 151 -20.12 -38.01 -4.01
C ILE H 151 -19.08 -38.75 -4.82
N TYR H 152 -17.83 -38.77 -4.35
CA TYR H 152 -16.77 -39.50 -5.06
C TYR H 152 -17.05 -41.01 -5.07
N ALA H 153 -17.53 -41.54 -3.94
CA ALA H 153 -17.86 -42.96 -3.87
C ALA H 153 -18.94 -43.32 -4.89
N LYS H 154 -20.06 -42.59 -4.87
CA LYS H 154 -21.07 -42.72 -5.92
C LYS H 154 -20.44 -42.83 -7.30
N HIS H 155 -19.81 -41.74 -7.77
CA HIS H 155 -19.54 -41.63 -9.21
C HIS H 155 -18.36 -42.45 -9.67
N THR H 156 -17.44 -42.81 -8.78
CA THR H 156 -16.33 -43.69 -9.12
C THR H 156 -16.59 -45.16 -8.82
N LYS H 157 -17.69 -45.49 -8.12
CA LYS H 157 -17.97 -46.86 -7.68
C LYS H 157 -16.82 -47.44 -6.86
N GLN H 158 -16.15 -46.60 -6.08
CA GLN H 158 -15.17 -47.03 -5.10
C GLN H 158 -15.81 -47.02 -3.72
N SER H 159 -15.14 -47.63 -2.75
CA SER H 159 -15.65 -47.63 -1.39
C SER H 159 -15.24 -46.35 -0.67
N LEU H 160 -16.08 -45.94 0.28
CA LEU H 160 -15.77 -44.78 1.09
C LEU H 160 -14.38 -44.92 1.73
N GLN H 161 -13.98 -46.14 2.06
CA GLN H 161 -12.66 -46.32 2.66
C GLN H 161 -11.55 -45.97 1.69
N VAL H 162 -11.63 -46.45 0.44
CA VAL H 162 -10.57 -46.15 -0.53
C VAL H 162 -10.61 -44.68 -0.92
N ILE H 163 -11.80 -44.11 -1.08
CA ILE H 163 -11.92 -42.68 -1.36
C ILE H 163 -11.19 -41.87 -0.29
N GLU H 164 -11.35 -42.24 0.98
CA GLU H 164 -10.77 -41.45 2.05
C GLU H 164 -9.25 -41.61 2.11
N SER H 165 -8.77 -42.85 2.01
CA SER H 165 -7.33 -43.07 1.94
C SER H 165 -6.72 -42.41 0.72
N ALA H 166 -7.48 -42.35 -0.38
CA ALA H 166 -6.95 -41.74 -1.59
C ALA H 166 -6.87 -40.23 -1.46
N MET H 167 -7.92 -39.61 -0.89
CA MET H 167 -7.96 -38.16 -0.74
C MET H 167 -6.91 -37.64 0.23
N GLU H 168 -6.34 -38.51 1.06
CA GLU H 168 -5.29 -38.11 1.99
C GLU H 168 -3.95 -37.87 1.30
N ARG H 169 -3.68 -38.52 0.16
CA ARG H 169 -2.38 -38.39 -0.49
C ARG H 169 -2.35 -37.13 -1.35
N ASP H 170 -1.31 -36.33 -1.17
CA ASP H 170 -1.13 -35.10 -1.95
C ASP H 170 -0.36 -35.45 -3.22
N ARG H 171 -1.10 -35.77 -4.27
CA ARG H 171 -0.51 -36.30 -5.50
C ARG H 171 -1.55 -36.19 -6.60
N TYR H 172 -1.05 -36.20 -7.83
CA TYR H 172 -1.89 -36.18 -9.00
C TYR H 172 -1.98 -37.57 -9.61
N MET H 173 -3.02 -37.78 -10.40
CA MET H 173 -3.21 -38.99 -11.18
C MET H 173 -3.09 -38.65 -12.66
N SER H 174 -2.39 -39.51 -13.42
CA SER H 174 -2.46 -39.43 -14.87
C SER H 174 -3.89 -39.71 -15.31
N PRO H 175 -4.26 -39.32 -16.53
CA PRO H 175 -5.61 -39.65 -16.99
C PRO H 175 -5.87 -41.14 -16.94
N MET H 176 -4.87 -41.97 -17.26
N MET H 176 -4.86 -41.97 -17.22
CA MET H 176 -5.06 -43.42 -17.19
CA MET H 176 -5.06 -43.41 -17.20
C MET H 176 -5.47 -43.84 -15.80
C MET H 176 -5.41 -43.91 -15.81
N GLU H 177 -4.74 -43.38 -14.78
CA GLU H 177 -5.11 -43.71 -13.41
C GLU H 177 -6.53 -43.27 -13.11
N ALA H 178 -6.85 -42.02 -13.43
CA ALA H 178 -8.20 -41.53 -13.20
C ALA H 178 -9.23 -42.41 -13.88
N GLN H 179 -8.85 -43.04 -15.00
CA GLN H 179 -9.73 -44.00 -15.64
C GLN H 179 -9.85 -45.27 -14.79
N GLU H 180 -8.73 -45.87 -14.45
CA GLU H 180 -8.74 -47.04 -13.56
C GLU H 180 -9.53 -46.76 -12.30
N PHE H 181 -9.31 -45.58 -11.69
CA PHE H 181 -9.95 -45.20 -10.44
C PHE H 181 -11.44 -45.03 -10.59
N GLY H 182 -11.95 -44.78 -11.79
CA GLY H 182 -13.34 -44.48 -11.97
C GLY H 182 -13.67 -43.01 -12.02
N ILE H 183 -12.66 -42.13 -12.09
CA ILE H 183 -12.94 -40.70 -12.20
C ILE H 183 -13.43 -40.34 -13.60
N LEU H 184 -12.89 -40.99 -14.62
CA LEU H 184 -13.37 -40.77 -15.98
C LEU H 184 -13.34 -42.07 -16.77
N ASP H 185 -13.90 -42.01 -17.98
CA ASP H 185 -14.13 -43.16 -18.84
C ASP H 185 -13.17 -43.27 -20.03
N LYS H 186 -12.84 -42.15 -20.69
CA LYS H 186 -12.12 -42.17 -21.95
C LYS H 186 -10.98 -41.14 -21.95
N VAL H 187 -9.77 -41.60 -22.29
CA VAL H 187 -8.61 -40.74 -22.47
C VAL H 187 -8.39 -40.46 -23.95
N LEU H 188 -9.08 -39.46 -24.50
CA LEU H 188 -9.06 -39.23 -25.93
C LEU H 188 -7.67 -38.76 -26.38
N LEU I 1 -16.55 -12.96 -17.35
CA LEU I 1 -17.34 -12.23 -18.34
C LEU I 1 -18.64 -12.97 -18.55
N ILE I 2 -19.71 -12.23 -18.76
CA ILE I 2 -21.07 -12.79 -18.74
C ILE I 2 -21.44 -13.20 -20.16
N PRO I 3 -21.64 -14.49 -20.42
CA PRO I 3 -22.08 -14.92 -21.75
C PRO I 3 -23.30 -14.13 -22.21
N ILE I 4 -23.41 -13.98 -23.52
CA ILE I 4 -24.58 -13.38 -24.15
C ILE I 4 -25.34 -14.50 -24.85
N VAL I 5 -26.65 -14.33 -24.98
CA VAL I 5 -27.48 -15.29 -25.69
C VAL I 5 -28.55 -14.52 -26.45
N VAL I 6 -29.12 -15.19 -27.45
CA VAL I 6 -30.18 -14.63 -28.27
C VAL I 6 -31.50 -15.28 -27.89
N GLU I 7 -32.56 -14.48 -27.89
CA GLU I 7 -33.84 -14.92 -27.35
C GLU I 7 -34.91 -14.76 -28.42
N ALA I 15 -27.59 -9.11 -27.29
CA ALA I 15 -28.99 -9.41 -27.05
C ALA I 15 -29.26 -9.46 -25.55
N TYR I 16 -28.86 -10.57 -24.91
CA TYR I 16 -29.12 -10.77 -23.48
C TYR I 16 -27.87 -11.37 -22.84
N ASP I 17 -27.32 -10.68 -21.84
CA ASP I 17 -26.43 -11.39 -20.94
C ASP I 17 -27.24 -12.43 -20.18
N ILE I 18 -26.60 -13.54 -19.81
CA ILE I 18 -27.39 -14.69 -19.37
C ILE I 18 -28.19 -14.41 -18.11
N TYR I 19 -27.79 -13.41 -17.30
CA TYR I 19 -28.59 -13.06 -16.14
C TYR I 19 -29.88 -12.37 -16.54
N SER I 20 -29.78 -11.39 -17.44
CA SER I 20 -30.97 -10.74 -17.98
C SER I 20 -31.89 -11.74 -18.66
N ARG I 21 -31.31 -12.75 -19.30
CA ARG I 21 -32.10 -13.82 -19.88
C ARG I 21 -32.90 -14.56 -18.81
N LEU I 22 -32.22 -15.00 -17.74
CA LEU I 22 -32.92 -15.63 -16.63
C LEU I 22 -34.04 -14.75 -16.09
N LEU I 23 -33.78 -13.45 -15.96
CA LEU I 23 -34.81 -12.54 -15.45
C LEU I 23 -36.05 -12.53 -16.34
N ARG I 24 -35.88 -12.72 -17.66
CA ARG I 24 -37.05 -12.76 -18.52
C ARG I 24 -37.94 -13.96 -18.20
N GLU I 25 -37.35 -15.03 -17.65
CA GLU I 25 -38.09 -16.21 -17.17
C GLU I 25 -38.45 -16.10 -15.69
N ARG I 26 -38.51 -14.89 -15.13
CA ARG I 26 -38.90 -14.66 -13.74
C ARG I 26 -37.99 -15.40 -12.75
N ILE I 27 -36.70 -15.44 -13.05
CA ILE I 27 -35.68 -15.89 -12.10
C ILE I 27 -34.91 -14.68 -11.60
N VAL I 28 -34.84 -14.54 -10.28
CA VAL I 28 -34.07 -13.48 -9.64
C VAL I 28 -32.94 -14.15 -8.88
N CYS I 29 -31.71 -13.73 -9.17
CA CYS I 29 -30.55 -14.31 -8.50
C CYS I 29 -30.22 -13.50 -7.26
N VAL I 30 -29.85 -14.21 -6.20
CA VAL I 30 -29.40 -13.62 -4.95
C VAL I 30 -28.25 -14.50 -4.52
N MET I 31 -27.17 -14.47 -5.30
CA MET I 31 -26.15 -15.50 -5.23
C MET I 31 -24.80 -14.93 -4.82
N GLY I 32 -24.82 -14.02 -3.85
CA GLY I 32 -23.60 -13.47 -3.31
C GLY I 32 -23.86 -12.84 -1.96
N PRO I 33 -22.85 -12.15 -1.40
CA PRO I 33 -23.07 -11.40 -0.15
C PRO I 33 -24.18 -10.37 -0.35
N ILE I 34 -25.05 -10.25 0.66
CA ILE I 34 -26.17 -9.33 0.57
C ILE I 34 -25.76 -8.00 1.16
N ASP I 35 -25.89 -6.94 0.38
CA ASP I 35 -25.65 -5.58 0.83
C ASP I 35 -26.69 -4.68 0.20
N ASP I 36 -26.59 -3.38 0.48
CA ASP I 36 -27.57 -2.43 -0.02
C ASP I 36 -27.68 -2.48 -1.54
N SER I 37 -26.55 -2.67 -2.22
CA SER I 37 -26.56 -2.67 -3.67
C SER I 37 -27.29 -3.89 -4.22
N VAL I 38 -27.03 -5.07 -3.64
CA VAL I 38 -27.75 -6.28 -4.07
C VAL I 38 -29.24 -6.12 -3.81
N ALA I 39 -29.60 -5.74 -2.57
CA ALA I 39 -31.01 -5.51 -2.24
C ALA I 39 -31.66 -4.57 -3.23
N SER I 40 -31.00 -3.48 -3.59
CA SER I 40 -31.60 -2.55 -4.54
C SER I 40 -31.94 -3.24 -5.86
N LEU I 41 -31.03 -4.04 -6.38
CA LEU I 41 -31.27 -4.77 -7.62
C LEU I 41 -32.41 -5.78 -7.47
N VAL I 42 -32.38 -6.56 -6.40
CA VAL I 42 -33.39 -7.60 -6.20
C VAL I 42 -34.77 -6.98 -6.07
N ILE I 43 -34.90 -5.92 -5.28
CA ILE I 43 -36.18 -5.25 -5.12
C ILE I 43 -36.67 -4.70 -6.46
N ALA I 44 -35.77 -4.10 -7.23
CA ALA I 44 -36.17 -3.56 -8.52
C ALA I 44 -36.70 -4.67 -9.44
N GLN I 45 -36.02 -5.81 -9.47
CA GLN I 45 -36.51 -6.92 -10.28
C GLN I 45 -37.83 -7.48 -9.73
N LEU I 46 -37.95 -7.66 -8.41
CA LEU I 46 -39.21 -8.19 -7.87
C LEU I 46 -40.37 -7.28 -8.24
N LEU I 47 -40.21 -5.97 -8.02
CA LEU I 47 -41.26 -5.03 -8.39
C LEU I 47 -41.56 -5.09 -9.87
N PHE I 48 -40.53 -5.28 -10.70
CA PHE I 48 -40.74 -5.33 -12.15
C PHE I 48 -41.46 -6.61 -12.56
N LEU I 49 -41.04 -7.74 -12.00
CA LEU I 49 -41.71 -9.00 -12.32
C LEU I 49 -43.17 -8.96 -11.87
N GLN I 50 -43.47 -8.30 -10.74
CA GLN I 50 -44.86 -8.18 -10.33
C GLN I 50 -45.64 -7.37 -11.36
N SER I 51 -45.07 -6.27 -11.85
CA SER I 51 -45.78 -5.44 -12.82
C SER I 51 -46.07 -6.20 -14.10
N GLU I 52 -45.17 -7.09 -14.51
CA GLU I 52 -45.40 -7.87 -15.71
C GLU I 52 -46.55 -8.85 -15.51
N SER I 53 -46.73 -9.35 -14.28
CA SER I 53 -47.80 -10.27 -13.94
C SER I 53 -47.81 -10.51 -12.44
N ASN I 54 -48.86 -10.07 -11.76
CA ASN I 54 -48.92 -10.19 -10.30
C ASN I 54 -49.47 -11.55 -9.85
N LYS I 55 -49.58 -12.52 -10.76
CA LYS I 55 -50.01 -13.89 -10.49
C LYS I 55 -48.91 -14.90 -10.79
N LYS I 56 -48.18 -14.72 -11.88
CA LYS I 56 -47.16 -15.68 -12.29
C LYS I 56 -46.11 -15.84 -11.19
N PRO I 57 -45.73 -17.06 -10.84
CA PRO I 57 -44.74 -17.22 -9.78
C PRO I 57 -43.39 -16.61 -10.17
N ILE I 58 -42.63 -16.24 -9.15
CA ILE I 58 -41.28 -15.70 -9.29
C ILE I 58 -40.34 -16.68 -8.63
N HIS I 59 -39.24 -17.02 -9.32
CA HIS I 59 -38.23 -17.90 -8.77
C HIS I 59 -37.06 -17.08 -8.24
N MET I 60 -36.67 -17.36 -7.00
CA MET I 60 -35.59 -16.63 -6.35
C MET I 60 -34.51 -17.64 -5.99
N TYR I 61 -33.37 -17.51 -6.68
CA TYR I 61 -32.23 -18.39 -6.46
C TYR I 61 -31.36 -17.81 -5.34
N ILE I 62 -30.95 -18.67 -4.42
CA ILE I 62 -30.23 -18.22 -3.22
C ILE I 62 -28.97 -19.05 -3.09
N ASN I 63 -27.82 -18.39 -3.16
CA ASN I 63 -26.53 -18.98 -2.80
C ASN I 63 -25.75 -17.87 -2.11
N SER I 64 -25.96 -17.73 -0.80
CA SER I 64 -25.46 -16.51 -0.15
C SER I 64 -25.00 -16.81 1.27
N PRO I 65 -23.89 -16.22 1.69
CA PRO I 65 -23.43 -16.36 3.09
C PRO I 65 -24.09 -15.41 4.07
N GLY I 66 -25.11 -14.67 3.67
CA GLY I 66 -25.62 -13.59 4.48
C GLY I 66 -25.18 -12.24 3.96
N GLY I 67 -25.24 -11.26 4.86
CA GLY I 67 -24.86 -9.89 4.53
C GLY I 67 -25.52 -8.92 5.51
N VAL I 68 -25.67 -7.68 5.06
CA VAL I 68 -26.17 -6.61 5.91
C VAL I 68 -27.63 -6.88 6.29
N VAL I 69 -27.91 -6.86 7.59
CA VAL I 69 -29.24 -7.24 8.07
C VAL I 69 -30.31 -6.36 7.44
N THR I 70 -30.16 -5.03 7.55
CA THR I 70 -31.18 -4.12 7.04
C THR I 70 -31.38 -4.28 5.53
N ALA I 71 -30.33 -4.65 4.79
CA ALA I 71 -30.50 -4.90 3.36
C ALA I 71 -31.30 -6.18 3.14
N GLY I 72 -31.00 -7.22 3.92
CA GLY I 72 -31.78 -8.45 3.84
C GLY I 72 -33.23 -8.26 4.24
N LEU I 73 -33.48 -7.40 5.23
CA LEU I 73 -34.87 -7.16 5.64
C LEU I 73 -35.63 -6.38 4.58
N ALA I 74 -34.93 -5.55 3.79
CA ALA I 74 -35.60 -4.80 2.74
C ALA I 74 -36.04 -5.74 1.63
N ILE I 75 -35.20 -6.72 1.28
CA ILE I 75 -35.64 -7.75 0.35
C ILE I 75 -36.83 -8.52 0.92
N TYR I 76 -36.73 -8.93 2.19
CA TYR I 76 -37.82 -9.68 2.83
C TYR I 76 -39.14 -8.93 2.72
N ASP I 77 -39.15 -7.65 3.12
CA ASP I 77 -40.40 -6.88 3.13
C ASP I 77 -40.99 -6.79 1.73
N THR I 78 -40.12 -6.73 0.71
CA THR I 78 -40.60 -6.66 -0.67
C THR I 78 -41.24 -7.98 -1.09
N MET I 79 -40.60 -9.11 -0.76
CA MET I 79 -41.23 -10.41 -0.99
C MET I 79 -42.63 -10.45 -0.39
N GLN I 80 -42.76 -10.02 0.87
CA GLN I 80 -44.08 -10.05 1.52
C GLN I 80 -45.04 -9.05 0.90
N TYR I 81 -44.52 -7.99 0.26
CA TYR I 81 -45.40 -6.98 -0.32
C TYR I 81 -45.96 -7.43 -1.66
N ILE I 82 -45.16 -8.08 -2.49
CA ILE I 82 -45.66 -8.51 -3.79
C ILE I 82 -46.60 -9.70 -3.61
N LEU I 83 -47.69 -9.70 -4.36
CA LEU I 83 -48.70 -10.73 -4.25
C LEU I 83 -48.28 -12.05 -4.87
N ASN I 84 -47.27 -12.04 -5.76
CA ASN I 84 -46.90 -13.24 -6.49
C ASN I 84 -46.47 -14.36 -5.55
N PRO I 85 -46.65 -15.61 -5.98
CA PRO I 85 -45.95 -16.72 -5.32
C PRO I 85 -44.46 -16.63 -5.56
N ILE I 86 -43.67 -16.88 -4.53
CA ILE I 86 -42.22 -16.80 -4.63
C ILE I 86 -41.66 -18.16 -4.24
N CYS I 87 -41.27 -18.94 -5.25
CA CYS I 87 -40.52 -20.16 -5.02
C CYS I 87 -39.09 -19.80 -4.71
N THR I 88 -38.59 -20.27 -3.58
CA THR I 88 -37.22 -20.04 -3.19
C THR I 88 -36.43 -21.32 -3.40
N TRP I 89 -35.21 -21.17 -3.92
CA TRP I 89 -34.36 -22.31 -4.21
C TRP I 89 -32.97 -22.07 -3.65
N CYS I 90 -32.48 -22.99 -2.83
CA CYS I 90 -31.17 -22.88 -2.23
C CYS I 90 -30.19 -23.82 -2.92
N VAL I 91 -29.14 -23.25 -3.50
N VAL I 91 -29.17 -23.25 -3.56
CA VAL I 91 -28.06 -24.00 -4.13
CA VAL I 91 -28.05 -24.01 -4.11
C VAL I 91 -26.75 -23.57 -3.48
C VAL I 91 -26.80 -23.58 -3.37
N GLY I 92 -25.90 -24.53 -3.13
CA GLY I 92 -24.68 -24.25 -2.41
C GLY I 92 -24.91 -23.97 -0.93
N GLN I 93 -25.33 -22.75 -0.58
CA GLN I 93 -25.61 -22.48 0.83
C GLN I 93 -26.52 -21.29 0.95
N ALA I 94 -27.31 -21.27 2.03
CA ALA I 94 -28.08 -20.11 2.48
C ALA I 94 -27.79 -19.91 3.97
N ALA I 95 -26.96 -18.92 4.28
CA ALA I 95 -26.50 -18.70 5.64
C ALA I 95 -26.92 -17.32 6.12
N SER I 96 -27.22 -17.22 7.41
CA SER I 96 -27.60 -15.95 8.03
C SER I 96 -28.77 -15.37 7.22
N MET I 97 -28.72 -14.10 6.78
CA MET I 97 -29.84 -13.49 6.09
C MET I 97 -30.29 -14.29 4.86
N GLY I 98 -29.38 -15.03 4.24
CA GLY I 98 -29.78 -15.85 3.10
C GLY I 98 -30.84 -16.88 3.47
N SER I 99 -30.68 -17.50 4.63
CA SER I 99 -31.65 -18.50 5.06
C SER I 99 -33.00 -17.88 5.41
N LEU I 100 -33.01 -16.61 5.85
CA LEU I 100 -34.25 -15.90 6.12
C LEU I 100 -35.08 -15.71 4.86
N LEU I 101 -34.42 -15.31 3.77
CA LEU I 101 -35.11 -15.16 2.48
C LEU I 101 -35.60 -16.51 1.96
N LEU I 102 -34.75 -17.54 2.06
CA LEU I 102 -35.17 -18.90 1.73
C LEU I 102 -36.45 -19.26 2.46
N ALA I 103 -36.47 -19.10 3.78
CA ALA I 103 -37.64 -19.44 4.56
C ALA I 103 -38.82 -18.51 4.28
N ALA I 104 -38.60 -17.39 3.60
CA ALA I 104 -39.66 -16.43 3.36
C ALA I 104 -40.38 -16.66 2.03
N GLY I 105 -40.05 -17.69 1.28
CA GLY I 105 -40.81 -18.01 0.09
C GLY I 105 -42.22 -18.48 0.43
N THR I 106 -43.03 -18.62 -0.62
CA THR I 106 -44.43 -18.95 -0.44
C THR I 106 -44.57 -20.35 0.16
N PRO I 107 -45.44 -20.55 1.15
CA PRO I 107 -45.60 -21.89 1.76
C PRO I 107 -45.73 -22.98 0.70
N GLY I 108 -44.91 -24.01 0.84
CA GLY I 108 -44.90 -25.13 -0.08
C GLY I 108 -44.00 -24.95 -1.28
N MET I 109 -43.38 -23.79 -1.42
CA MET I 109 -42.57 -23.47 -2.58
C MET I 109 -41.13 -23.13 -2.19
N ARG I 110 -40.70 -23.57 -1.01
CA ARG I 110 -39.31 -23.38 -0.56
C ARG I 110 -38.55 -24.66 -0.79
N HIS I 111 -37.55 -24.60 -1.66
CA HIS I 111 -36.81 -25.80 -2.06
C HIS I 111 -35.33 -25.67 -1.77
N SER I 112 -34.67 -26.83 -1.66
CA SER I 112 -33.23 -26.90 -1.60
C SER I 112 -32.73 -28.03 -2.48
N LEU I 113 -31.54 -27.85 -3.06
CA LEU I 113 -30.86 -28.93 -3.75
C LEU I 113 -30.18 -29.83 -2.72
N PRO I 114 -29.93 -31.09 -3.07
CA PRO I 114 -29.60 -32.08 -2.02
C PRO I 114 -28.37 -31.73 -1.21
N ASN I 115 -27.39 -31.04 -1.79
CA ASN I 115 -26.12 -30.84 -1.11
C ASN I 115 -25.93 -29.43 -0.55
N SER I 116 -26.93 -28.57 -0.67
CA SER I 116 -26.87 -27.25 -0.03
C SER I 116 -26.63 -27.37 1.48
N ARG I 117 -26.20 -26.27 2.10
CA ARG I 117 -26.03 -26.15 3.55
C ARG I 117 -26.80 -24.93 4.03
N ILE I 118 -27.55 -25.06 5.13
CA ILE I 118 -28.41 -23.99 5.60
C ILE I 118 -28.05 -23.60 7.02
N MET I 119 -27.95 -22.29 7.29
CA MET I 119 -27.57 -21.79 8.61
C MET I 119 -28.42 -20.58 8.98
N ILE I 120 -29.09 -20.65 10.14
CA ILE I 120 -29.80 -19.49 10.68
C ILE I 120 -28.94 -18.74 11.68
N HIS I 121 -27.87 -19.35 12.17
CA HIS I 121 -26.91 -18.67 13.03
C HIS I 121 -26.46 -17.36 12.39
N GLN I 122 -26.20 -16.36 13.20
CA GLN I 122 -25.66 -15.10 12.67
C GLN I 122 -24.16 -15.08 12.92
N PRO I 123 -23.34 -15.45 11.94
CA PRO I 123 -21.89 -15.40 12.16
C PRO I 123 -21.51 -14.03 12.68
N ALA I 135 -22.37 0.58 12.67
CA ALA I 135 -21.93 1.49 13.73
C ALA I 135 -23.08 1.83 14.67
N ILE I 136 -23.65 0.84 15.36
CA ILE I 136 -24.87 1.03 16.13
C ILE I 136 -24.69 0.52 17.55
N GLN I 137 -25.60 0.96 18.42
CA GLN I 137 -25.51 0.73 19.85
C GLN I 137 -26.00 -0.67 20.21
N ALA I 138 -25.57 -1.15 21.39
CA ALA I 138 -25.99 -2.46 21.87
C ALA I 138 -27.50 -2.62 21.79
N GLU I 139 -28.24 -1.56 22.11
CA GLU I 139 -29.69 -1.66 22.14
C GLU I 139 -30.25 -1.95 20.75
N GLU I 140 -29.71 -1.28 19.73
CA GLU I 140 -30.21 -1.42 18.37
C GLU I 140 -29.85 -2.76 17.75
N ILE I 141 -28.70 -3.33 18.12
CA ILE I 141 -28.35 -4.66 17.62
C ILE I 141 -29.33 -5.71 18.18
N MET I 142 -29.67 -5.61 19.47
CA MET I 142 -30.69 -6.49 20.03
C MET I 142 -32.02 -6.35 19.30
N LYS I 143 -32.43 -5.12 18.99
CA LYS I 143 -33.69 -4.92 18.29
C LYS I 143 -33.71 -5.68 16.98
N LEU I 144 -32.62 -5.59 16.22
CA LEU I 144 -32.54 -6.27 14.93
C LEU I 144 -32.64 -7.78 15.11
N LYS I 145 -31.87 -8.33 16.05
CA LYS I 145 -31.93 -9.76 16.32
C LYS I 145 -33.34 -10.20 16.72
N LYS I 146 -34.06 -9.34 17.45
CA LYS I 146 -35.44 -9.65 17.82
C LYS I 146 -36.33 -9.76 16.59
N GLN I 147 -36.20 -8.83 15.64
CA GLN I 147 -36.98 -8.93 14.42
C GLN I 147 -36.67 -10.20 13.65
N LEU I 148 -35.43 -10.68 13.71
CA LEU I 148 -35.10 -11.93 13.04
C LEU I 148 -35.76 -13.11 13.75
N TYR I 149 -35.70 -13.15 15.08
CA TYR I 149 -36.47 -14.16 15.82
C TYR I 149 -37.92 -14.18 15.36
N ASN I 150 -38.55 -13.01 15.32
CA ASN I 150 -39.96 -12.92 14.94
C ASN I 150 -40.18 -13.40 13.52
N ILE I 151 -39.32 -12.96 12.60
CA ILE I 151 -39.47 -13.39 11.22
C ILE I 151 -39.25 -14.89 11.09
N TYR I 152 -38.24 -15.44 11.77
CA TYR I 152 -38.01 -16.88 11.66
C TYR I 152 -39.14 -17.67 12.31
N ALA I 153 -39.62 -17.21 13.47
CA ALA I 153 -40.73 -17.88 14.14
C ALA I 153 -41.96 -17.94 13.23
N LYS I 154 -42.28 -16.81 12.59
CA LYS I 154 -43.45 -16.78 11.73
C LYS I 154 -43.39 -17.81 10.61
N HIS I 155 -42.22 -17.97 9.98
CA HIS I 155 -42.16 -18.74 8.74
C HIS I 155 -41.74 -20.19 8.95
N THR I 156 -40.99 -20.48 10.01
CA THR I 156 -40.71 -21.87 10.35
C THR I 156 -41.83 -22.49 11.20
N LYS I 157 -42.63 -21.65 11.86
CA LYS I 157 -43.69 -22.02 12.77
C LYS I 157 -43.14 -22.46 14.11
N GLN I 158 -41.83 -22.30 14.36
CA GLN I 158 -41.28 -22.67 15.65
C GLN I 158 -41.55 -21.56 16.67
N SER I 159 -41.42 -21.91 17.94
CA SER I 159 -41.57 -20.94 19.00
C SER I 159 -40.37 -20.00 19.03
N LEU I 160 -40.57 -18.80 19.58
CA LEU I 160 -39.47 -17.86 19.73
C LEU I 160 -38.32 -18.46 20.55
N GLN I 161 -38.64 -19.24 21.59
CA GLN I 161 -37.59 -19.89 22.37
C GLN I 161 -36.76 -20.83 21.51
N VAL I 162 -37.40 -21.58 20.63
CA VAL I 162 -36.66 -22.57 19.85
C VAL I 162 -35.79 -21.87 18.82
N ILE I 163 -36.32 -20.84 18.15
CA ILE I 163 -35.53 -20.06 17.21
C ILE I 163 -34.30 -19.49 17.90
N GLU I 164 -34.49 -18.87 19.07
CA GLU I 164 -33.41 -18.18 19.76
C GLU I 164 -32.28 -19.13 20.13
N SER I 165 -32.61 -20.29 20.75
CA SER I 165 -31.54 -21.19 21.16
C SER I 165 -30.92 -21.90 19.98
N ALA I 166 -31.65 -22.10 18.88
CA ALA I 166 -31.04 -22.72 17.72
C ALA I 166 -30.10 -21.74 17.01
N MET I 167 -30.42 -20.44 17.02
CA MET I 167 -29.58 -19.46 16.34
C MET I 167 -28.29 -19.16 17.08
N GLU I 168 -28.21 -19.58 18.34
CA GLU I 168 -26.99 -19.48 19.13
C GLU I 168 -25.93 -20.50 18.72
N ARG I 169 -26.32 -21.57 18.03
CA ARG I 169 -25.39 -22.64 17.71
C ARG I 169 -24.75 -22.35 16.36
N ASP I 170 -23.43 -22.37 16.33
CA ASP I 170 -22.67 -22.08 15.11
C ASP I 170 -22.56 -23.38 14.32
N ARG I 171 -23.53 -23.60 13.44
CA ARG I 171 -23.65 -24.88 12.78
C ARG I 171 -24.59 -24.73 11.59
N TYR I 172 -24.41 -25.62 10.63
CA TYR I 172 -25.27 -25.72 9.46
C TYR I 172 -26.24 -26.88 9.60
N MET I 173 -27.44 -26.70 9.04
CA MET I 173 -28.41 -27.76 8.85
C MET I 173 -28.23 -28.34 7.44
N SER I 174 -28.49 -29.64 7.32
CA SER I 174 -28.66 -30.26 6.02
C SER I 174 -30.00 -29.83 5.43
N PRO I 175 -30.25 -30.13 4.15
CA PRO I 175 -31.57 -29.79 3.60
C PRO I 175 -32.72 -30.48 4.32
N MET I 176 -32.54 -31.73 4.78
CA MET I 176 -33.62 -32.42 5.47
C MET I 176 -33.85 -31.84 6.86
N GLU I 177 -32.77 -31.58 7.60
CA GLU I 177 -32.91 -30.87 8.86
C GLU I 177 -33.67 -29.57 8.68
N ALA I 178 -33.28 -28.78 7.69
CA ALA I 178 -33.95 -27.50 7.48
C ALA I 178 -35.41 -27.67 7.11
N GLN I 179 -35.71 -28.71 6.32
CA GLN I 179 -37.10 -29.00 5.98
C GLN I 179 -37.91 -29.33 7.23
N GLU I 180 -37.36 -30.17 8.11
CA GLU I 180 -38.12 -30.52 9.32
C GLU I 180 -38.12 -29.37 10.31
N PHE I 181 -37.10 -28.50 10.27
CA PHE I 181 -37.14 -27.32 11.10
C PHE I 181 -38.19 -26.33 10.61
N GLY I 182 -38.68 -26.48 9.38
CA GLY I 182 -39.61 -25.53 8.81
C GLY I 182 -39.00 -24.38 8.04
N ILE I 183 -37.73 -24.46 7.66
CA ILE I 183 -37.17 -23.40 6.81
C ILE I 183 -37.52 -23.63 5.34
N LEU I 184 -37.72 -24.88 4.91
CA LEU I 184 -38.05 -25.15 3.53
C LEU I 184 -38.96 -26.37 3.43
N ASP I 185 -39.61 -26.48 2.28
CA ASP I 185 -40.68 -27.43 2.07
C ASP I 185 -40.25 -28.68 1.31
N LYS I 186 -39.25 -28.60 0.44
CA LYS I 186 -38.93 -29.72 -0.43
C LYS I 186 -37.42 -29.79 -0.70
N VAL I 187 -36.90 -31.02 -0.70
CA VAL I 187 -35.53 -31.32 -1.11
C VAL I 187 -35.63 -32.19 -2.35
N LEU I 188 -34.98 -31.77 -3.45
CA LEU I 188 -35.17 -32.53 -4.68
C LEU I 188 -33.89 -32.69 -5.49
N VAL I 189 -33.71 -33.90 -6.01
CA VAL I 189 -32.54 -34.24 -6.82
C VAL I 189 -32.71 -33.72 -8.25
N HIS I 190 -33.80 -34.11 -8.92
CA HIS I 190 -34.17 -33.63 -10.23
C HIS I 190 -35.68 -33.66 -10.39
N LEU J 1 -23.39 -6.72 -12.70
CA LEU J 1 -23.86 -5.62 -13.51
C LEU J 1 -25.38 -5.52 -13.38
N ILE J 2 -25.96 -4.56 -14.10
CA ILE J 2 -27.40 -4.32 -14.04
C ILE J 2 -28.07 -5.15 -15.12
N PRO J 3 -29.15 -5.85 -14.81
CA PRO J 3 -29.86 -6.60 -15.85
C PRO J 3 -30.67 -5.68 -16.76
N ILE J 4 -30.94 -6.19 -17.95
CA ILE J 4 -31.68 -5.49 -18.99
C ILE J 4 -33.09 -6.07 -19.08
N VAL J 5 -34.08 -5.20 -19.24
CA VAL J 5 -35.47 -5.59 -19.42
C VAL J 5 -36.05 -4.82 -20.60
N VAL J 6 -37.18 -5.31 -21.12
CA VAL J 6 -37.84 -4.66 -22.26
C VAL J 6 -39.31 -4.34 -21.96
N ALA J 15 -35.49 -1.60 -24.66
CA ALA J 15 -34.55 -2.25 -23.74
C ALA J 15 -33.87 -1.24 -22.79
N TYR J 16 -34.00 -1.50 -21.48
CA TYR J 16 -33.43 -0.66 -20.45
C TYR J 16 -32.62 -1.48 -19.49
N ASP J 17 -31.73 -0.77 -18.78
CA ASP J 17 -31.29 -1.31 -17.52
C ASP J 17 -32.43 -1.13 -16.52
N ILE J 18 -32.48 -2.00 -15.51
CA ILE J 18 -33.67 -2.04 -14.66
C ILE J 18 -33.86 -0.73 -13.89
N TYR J 19 -32.77 0.00 -13.62
CA TYR J 19 -32.92 1.28 -12.92
C TYR J 19 -33.59 2.32 -13.81
N SER J 20 -33.21 2.36 -15.08
CA SER J 20 -33.86 3.29 -16.02
C SER J 20 -35.31 2.91 -16.26
N ARG J 21 -35.63 1.61 -16.22
CA ARG J 21 -37.01 1.16 -16.39
C ARG J 21 -37.89 1.55 -15.21
N LEU J 22 -37.34 1.55 -13.99
CA LEU J 22 -38.09 2.07 -12.84
C LEU J 22 -38.25 3.59 -12.93
N LEU J 23 -37.28 4.27 -13.56
CA LEU J 23 -37.40 5.70 -13.77
C LEU J 23 -38.50 6.04 -14.76
N ARG J 24 -38.67 5.22 -15.81
CA ARG J 24 -39.76 5.44 -16.73
C ARG J 24 -41.11 5.34 -16.02
N GLU J 25 -41.21 4.50 -14.99
CA GLU J 25 -42.39 4.43 -14.13
C GLU J 25 -42.34 5.45 -13.00
N ARG J 26 -41.47 6.45 -13.09
CA ARG J 26 -41.43 7.59 -12.18
C ARG J 26 -40.92 7.22 -10.78
N ILE J 27 -40.07 6.20 -10.69
CA ILE J 27 -39.44 5.81 -9.43
C ILE J 27 -38.02 6.34 -9.42
N VAL J 28 -37.63 6.97 -8.31
CA VAL J 28 -36.28 7.49 -8.15
C VAL J 28 -35.67 6.84 -6.92
N CYS J 29 -34.55 6.15 -7.12
CA CYS J 29 -33.89 5.43 -6.04
C CYS J 29 -32.87 6.31 -5.34
N VAL J 30 -32.99 6.38 -4.02
CA VAL J 30 -31.95 6.95 -3.19
C VAL J 30 -31.46 5.84 -2.28
N MET J 31 -30.74 4.89 -2.87
CA MET J 31 -30.15 3.81 -2.09
C MET J 31 -28.67 4.11 -1.91
N GLY J 32 -28.17 3.81 -0.72
CA GLY J 32 -26.77 3.99 -0.45
C GLY J 32 -26.52 5.37 0.11
N PRO J 33 -25.27 5.65 0.46
CA PRO J 33 -24.94 6.94 1.03
C PRO J 33 -25.26 8.07 0.06
N ILE J 34 -25.51 9.24 0.60
CA ILE J 34 -25.77 10.42 -0.19
C ILE J 34 -24.49 11.24 -0.25
N ASP J 35 -24.01 11.47 -1.45
CA ASP J 35 -22.93 12.43 -1.66
C ASP J 35 -23.28 13.32 -2.83
N ASP J 36 -22.35 14.19 -3.22
CA ASP J 36 -22.63 15.14 -4.29
C ASP J 36 -23.02 14.48 -5.60
N SER J 37 -22.41 13.33 -5.94
CA SER J 37 -22.83 12.68 -7.18
C SER J 37 -24.20 12.02 -7.05
N VAL J 38 -24.54 11.45 -5.89
CA VAL J 38 -25.91 10.98 -5.68
C VAL J 38 -26.89 12.12 -5.80
N ALA J 39 -26.61 13.24 -5.13
CA ALA J 39 -27.47 14.41 -5.22
C ALA J 39 -27.66 14.86 -6.66
N SER J 40 -26.58 14.90 -7.44
CA SER J 40 -26.67 15.36 -8.82
C SER J 40 -27.60 14.48 -9.65
N LEU J 41 -27.50 13.16 -9.51
CA LEU J 41 -28.37 12.27 -10.29
C LEU J 41 -29.81 12.35 -9.83
N VAL J 42 -30.04 12.36 -8.52
CA VAL J 42 -31.40 12.45 -7.99
C VAL J 42 -32.06 13.73 -8.46
N ILE J 43 -31.35 14.85 -8.36
CA ILE J 43 -31.93 16.12 -8.77
C ILE J 43 -32.26 16.10 -10.26
N ALA J 44 -31.34 15.59 -11.10
CA ALA J 44 -31.60 15.48 -12.53
C ALA J 44 -32.85 14.66 -12.80
N GLN J 45 -32.97 13.51 -12.15
CA GLN J 45 -34.18 12.70 -12.31
C GLN J 45 -35.42 13.44 -11.85
N LEU J 46 -35.35 14.12 -10.70
CA LEU J 46 -36.52 14.83 -10.19
C LEU J 46 -37.02 15.89 -11.17
N LEU J 47 -36.11 16.71 -11.73
CA LEU J 47 -36.51 17.73 -12.68
C LEU J 47 -36.99 17.12 -14.00
N PHE J 48 -36.31 16.07 -14.46
CA PHE J 48 -36.81 15.35 -15.64
C PHE J 48 -38.24 14.86 -15.40
N LEU J 49 -38.47 14.18 -14.28
CA LEU J 49 -39.81 13.65 -14.02
C LEU J 49 -40.85 14.76 -13.96
N GLN J 50 -40.50 15.92 -13.40
CA GLN J 50 -41.43 17.03 -13.41
C GLN J 50 -41.73 17.52 -14.82
N SER J 51 -40.73 17.52 -15.70
CA SER J 51 -40.95 17.97 -17.07
C SER J 51 -41.83 17.00 -17.84
N GLU J 52 -41.75 15.71 -17.52
CA GLU J 52 -42.63 14.72 -18.14
C GLU J 52 -44.05 14.86 -17.66
N SER J 53 -44.25 15.49 -16.50
CA SER J 53 -45.58 15.70 -15.92
C SER J 53 -45.38 16.43 -14.60
N ASN J 54 -45.91 17.64 -14.50
CA ASN J 54 -45.82 18.41 -13.28
C ASN J 54 -46.91 18.07 -12.27
N LYS J 55 -47.67 16.99 -12.51
CA LYS J 55 -48.74 16.55 -11.63
C LYS J 55 -48.61 15.08 -11.24
N LYS J 56 -48.20 14.21 -12.15
CA LYS J 56 -48.12 12.80 -11.80
C LYS J 56 -47.14 12.63 -10.63
N PRO J 57 -47.52 11.93 -9.57
CA PRO J 57 -46.62 11.82 -8.41
C PRO J 57 -45.33 11.12 -8.79
N ILE J 58 -44.31 11.33 -7.95
CA ILE J 58 -43.04 10.64 -8.08
C ILE J 58 -42.83 9.79 -6.84
N HIS J 59 -42.29 8.60 -7.04
CA HIS J 59 -41.98 7.68 -5.96
C HIS J 59 -40.47 7.70 -5.71
N MET J 60 -40.08 8.06 -4.51
CA MET J 60 -38.66 8.07 -4.13
C MET J 60 -38.44 6.93 -3.14
N TYR J 61 -37.64 5.95 -3.55
CA TYR J 61 -37.27 4.83 -2.70
C TYR J 61 -36.01 5.16 -1.90
N ILE J 62 -36.08 4.97 -0.60
CA ILE J 62 -35.01 5.40 0.29
C ILE J 62 -34.52 4.20 1.09
N ASN J 63 -33.29 3.76 0.80
CA ASN J 63 -32.55 2.80 1.64
C ASN J 63 -31.16 3.38 1.80
N SER J 64 -30.96 4.15 2.87
CA SER J 64 -29.77 4.98 2.94
C SER J 64 -29.30 5.19 4.37
N PRO J 65 -27.99 5.11 4.60
CA PRO J 65 -27.45 5.47 5.91
C PRO J 65 -27.20 6.96 6.11
N GLY J 66 -27.58 7.80 5.16
CA GLY J 66 -27.25 9.21 5.21
C GLY J 66 -26.07 9.54 4.33
N GLY J 67 -25.48 10.72 4.57
CA GLY J 67 -24.35 11.13 3.78
C GLY J 67 -24.05 12.60 4.01
N VAL J 68 -23.47 13.23 2.99
CA VAL J 68 -23.04 14.61 3.16
C VAL J 68 -24.27 15.48 3.38
N VAL J 69 -24.17 16.39 4.34
CA VAL J 69 -25.34 17.17 4.74
C VAL J 69 -25.77 18.11 3.61
N THR J 70 -24.81 18.87 3.04
CA THR J 70 -25.20 19.83 2.00
C THR J 70 -25.72 19.11 0.76
N ALA J 71 -25.20 17.91 0.47
CA ALA J 71 -25.78 17.09 -0.58
C ALA J 71 -27.22 16.72 -0.24
N GLY J 72 -27.44 16.19 0.97
CA GLY J 72 -28.80 15.95 1.40
C GLY J 72 -29.69 17.16 1.23
N LEU J 73 -29.20 18.35 1.59
CA LEU J 73 -30.05 19.53 1.54
C LEU J 73 -30.38 19.91 0.10
N ALA J 74 -29.45 19.67 -0.83
CA ALA J 74 -29.72 19.91 -2.25
C ALA J 74 -30.85 19.03 -2.75
N ILE J 75 -30.88 17.76 -2.36
CA ILE J 75 -32.01 16.92 -2.72
C ILE J 75 -33.28 17.47 -2.09
N TYR J 76 -33.21 17.82 -0.81
CA TYR J 76 -34.38 18.31 -0.10
C TYR J 76 -34.98 19.53 -0.81
N ASP J 77 -34.13 20.50 -1.16
CA ASP J 77 -34.61 21.72 -1.78
C ASP J 77 -35.21 21.44 -3.16
N THR J 78 -34.71 20.44 -3.88
CA THR J 78 -35.33 20.10 -5.16
C THR J 78 -36.69 19.47 -4.94
N MET J 79 -36.82 18.65 -3.89
CA MET J 79 -38.10 18.08 -3.51
C MET J 79 -39.13 19.17 -3.23
N GLN J 80 -38.75 20.16 -2.43
CA GLN J 80 -39.63 21.28 -2.12
C GLN J 80 -39.84 22.18 -3.33
N TYR J 81 -38.93 22.14 -4.31
CA TYR J 81 -39.03 23.06 -5.43
C TYR J 81 -40.04 22.60 -6.47
N ILE J 82 -40.05 21.30 -6.78
CA ILE J 82 -40.94 20.82 -7.82
C ILE J 82 -42.38 20.78 -7.33
N LEU J 83 -43.32 20.75 -8.28
CA LEU J 83 -44.74 20.74 -7.96
C LEU J 83 -45.28 19.36 -7.64
N ASN J 84 -44.69 18.31 -8.20
CA ASN J 84 -45.29 17.00 -8.10
C ASN J 84 -45.45 16.59 -6.63
N PRO J 85 -46.50 15.83 -6.33
CA PRO J 85 -46.49 15.07 -5.08
C PRO J 85 -45.38 14.02 -5.13
N ILE J 86 -44.66 13.89 -4.03
CA ILE J 86 -43.61 12.89 -3.91
C ILE J 86 -44.00 11.91 -2.82
N CYS J 87 -44.08 10.62 -3.18
CA CYS J 87 -44.30 9.55 -2.23
C CYS J 87 -42.95 9.00 -1.81
N THR J 88 -42.59 9.18 -0.54
CA THR J 88 -41.36 8.61 -0.05
C THR J 88 -41.64 7.23 0.53
N TRP J 89 -40.71 6.31 0.28
CA TRP J 89 -40.81 4.92 0.74
C TRP J 89 -39.51 4.51 1.42
N CYS J 90 -39.61 4.18 2.71
CA CYS J 90 -38.44 3.70 3.45
C CYS J 90 -38.38 2.19 3.39
N VAL J 91 -37.32 1.65 2.78
CA VAL J 91 -37.09 0.21 2.75
C VAL J 91 -35.69 -0.04 3.28
N GLY J 92 -35.57 -1.02 4.18
CA GLY J 92 -34.30 -1.19 4.84
C GLY J 92 -34.05 -0.16 5.93
N GLN J 93 -33.58 1.04 5.56
CA GLN J 93 -33.29 2.03 6.60
C GLN J 93 -33.25 3.43 5.99
N ALA J 94 -33.52 4.40 6.86
CA ALA J 94 -33.40 5.83 6.54
C ALA J 94 -32.79 6.51 7.75
N ALA J 95 -31.47 6.67 7.74
CA ALA J 95 -30.75 7.25 8.85
C ALA J 95 -30.14 8.59 8.43
N SER J 96 -30.18 9.56 9.35
CA SER J 96 -29.55 10.85 9.13
C SER J 96 -30.22 11.59 7.97
N MET J 97 -29.47 12.07 6.97
CA MET J 97 -30.15 12.78 5.89
C MET J 97 -31.19 11.90 5.20
N GLY J 98 -30.99 10.58 5.21
CA GLY J 98 -31.96 9.69 4.58
C GLY J 98 -33.33 9.86 5.18
N SER J 99 -33.41 10.04 6.49
CA SER J 99 -34.67 10.25 7.17
C SER J 99 -35.18 11.68 7.00
N LEU J 100 -34.28 12.66 6.78
CA LEU J 100 -34.75 13.98 6.38
C LEU J 100 -35.52 13.89 5.07
N LEU J 101 -34.98 13.18 4.09
CA LEU J 101 -35.67 13.07 2.80
C LEU J 101 -36.99 12.31 2.93
N LEU J 102 -36.98 11.17 3.64
CA LEU J 102 -38.21 10.43 3.93
C LEU J 102 -39.29 11.34 4.51
N ALA J 103 -38.96 12.04 5.60
CA ALA J 103 -39.91 12.96 6.24
C ALA J 103 -40.39 14.07 5.33
N ALA J 104 -39.63 14.41 4.28
CA ALA J 104 -39.96 15.55 3.44
C ALA J 104 -40.86 15.18 2.25
N GLY J 105 -41.35 13.95 2.19
CA GLY J 105 -42.36 13.63 1.20
C GLY J 105 -43.63 14.43 1.41
N THR J 106 -44.47 14.43 0.39
CA THR J 106 -45.71 15.18 0.47
C THR J 106 -46.58 14.64 1.60
N PRO J 107 -47.19 15.49 2.42
CA PRO J 107 -47.94 14.99 3.59
C PRO J 107 -49.03 14.02 3.18
N GLY J 108 -49.00 12.83 3.78
CA GLY J 108 -49.93 11.77 3.48
C GLY J 108 -49.33 10.66 2.66
N MET J 109 -48.17 10.90 2.05
CA MET J 109 -47.58 9.95 1.11
C MET J 109 -46.19 9.51 1.57
N ARG J 110 -45.88 9.64 2.84
CA ARG J 110 -44.62 9.18 3.42
C ARG J 110 -44.85 7.81 4.04
N HIS J 111 -44.22 6.78 3.47
CA HIS J 111 -44.46 5.41 3.86
C HIS J 111 -43.18 4.74 4.34
N SER J 112 -43.35 3.66 5.09
CA SER J 112 -42.25 2.75 5.39
C SER J 112 -42.75 1.33 5.30
N LEU J 113 -41.85 0.42 4.93
CA LEU J 113 -42.16 -1.00 4.97
C LEU J 113 -42.06 -1.52 6.40
N PRO J 114 -42.63 -2.70 6.68
CA PRO J 114 -42.83 -3.09 8.09
C PRO J 114 -41.56 -3.18 8.90
N ASN J 115 -40.44 -3.59 8.30
CA ASN J 115 -39.24 -3.90 9.06
C ASN J 115 -38.14 -2.84 8.93
N SER J 116 -38.43 -1.69 8.35
CA SER J 116 -37.43 -0.65 8.20
C SER J 116 -37.03 -0.06 9.57
N ARG J 117 -35.83 0.49 9.62
CA ARG J 117 -35.33 1.26 10.77
C ARG J 117 -35.12 2.71 10.34
N ILE J 118 -35.56 3.65 11.19
CA ILE J 118 -35.46 5.07 10.92
C ILE J 118 -34.66 5.75 12.03
N MET J 119 -33.72 6.60 11.65
CA MET J 119 -32.88 7.32 12.63
C MET J 119 -32.71 8.78 12.23
N ILE J 120 -33.06 9.69 13.15
CA ILE J 120 -32.82 11.12 12.95
C ILE J 120 -31.54 11.61 13.63
N HIS J 121 -30.96 10.81 14.52
CA HIS J 121 -29.62 11.08 15.01
C HIS J 121 -28.66 11.25 13.84
N GLN J 122 -27.71 12.17 13.98
CA GLN J 122 -26.63 12.28 13.00
C GLN J 122 -25.40 11.68 13.64
N PRO J 123 -24.95 10.51 13.22
CA PRO J 123 -23.72 9.95 13.79
C PRO J 123 -22.57 10.94 13.72
N ILE J 136 -14.57 23.05 8.09
CA ILE J 136 -15.49 24.11 8.50
C ILE J 136 -15.41 24.38 10.00
N GLN J 137 -15.63 25.65 10.38
CA GLN J 137 -15.53 26.10 11.75
C GLN J 137 -16.71 25.60 12.58
N ALA J 138 -16.52 25.61 13.91
CA ALA J 138 -17.56 25.14 14.83
C ALA J 138 -18.89 25.85 14.57
N GLU J 139 -18.86 27.16 14.38
CA GLU J 139 -20.07 27.92 14.13
C GLU J 139 -20.83 27.41 12.90
N GLU J 140 -20.11 27.00 11.85
CA GLU J 140 -20.82 26.61 10.63
C GLU J 140 -21.47 25.24 10.76
N ILE J 141 -20.84 24.32 11.50
CA ILE J 141 -21.47 23.03 11.70
C ILE J 141 -22.72 23.17 12.56
N MET J 142 -22.73 24.11 13.52
CA MET J 142 -23.94 24.43 14.27
C MET J 142 -25.00 25.04 13.35
N LYS J 143 -24.59 25.93 12.43
CA LYS J 143 -25.54 26.51 11.50
C LYS J 143 -26.19 25.43 10.65
N LEU J 144 -25.40 24.48 10.15
CA LEU J 144 -25.98 23.37 9.40
C LEU J 144 -26.93 22.58 10.29
N LYS J 145 -26.51 22.26 11.51
CA LYS J 145 -27.37 21.44 12.37
C LYS J 145 -28.68 22.16 12.69
N LYS J 146 -28.64 23.48 12.92
CA LYS J 146 -29.87 24.21 13.17
C LYS J 146 -30.81 24.15 11.97
N GLN J 147 -30.27 24.12 10.75
CA GLN J 147 -31.10 23.97 9.55
C GLN J 147 -31.80 22.62 9.52
N LEU J 148 -31.15 21.58 10.03
CA LEU J 148 -31.80 20.28 10.11
C LEU J 148 -32.94 20.33 11.13
N TYR J 149 -32.68 20.88 12.31
CA TYR J 149 -33.74 21.04 13.31
C TYR J 149 -34.97 21.70 12.73
N ASN J 150 -34.77 22.79 12.00
CA ASN J 150 -35.91 23.55 11.49
C ASN J 150 -36.66 22.74 10.45
N ILE J 151 -35.95 22.09 9.56
CA ILE J 151 -36.60 21.27 8.53
C ILE J 151 -37.37 20.12 9.18
N TYR J 152 -36.76 19.50 10.19
CA TYR J 152 -37.40 18.37 10.86
C TYR J 152 -38.65 18.81 11.61
N ALA J 153 -38.58 19.97 12.26
CA ALA J 153 -39.73 20.50 13.00
C ALA J 153 -40.88 20.76 12.06
N LYS J 154 -40.59 21.35 10.90
CA LYS J 154 -41.62 21.72 9.94
C LYS J 154 -42.34 20.51 9.37
N HIS J 155 -41.62 19.42 9.11
CA HIS J 155 -42.27 18.29 8.44
C HIS J 155 -42.85 17.27 9.41
N THR J 156 -42.31 17.15 10.62
CA THR J 156 -42.93 16.28 11.64
C THR J 156 -43.94 17.02 12.49
N LYS J 157 -43.83 18.36 12.53
CA LYS J 157 -44.71 19.24 13.30
C LYS J 157 -44.47 19.11 14.80
N GLN J 158 -43.24 18.76 15.17
CA GLN J 158 -42.78 18.79 16.55
C GLN J 158 -42.02 20.10 16.83
N SER J 159 -41.85 20.39 18.11
CA SER J 159 -41.12 21.58 18.50
C SER J 159 -39.65 21.46 18.18
N LEU J 160 -38.98 22.61 18.04
CA LEU J 160 -37.52 22.62 17.89
C LEU J 160 -36.84 21.88 19.06
N GLN J 161 -37.37 22.05 20.26
N GLN J 161 -37.33 22.06 20.29
CA GLN J 161 -36.75 21.45 21.44
CA GLN J 161 -36.64 21.41 21.39
C GLN J 161 -36.89 19.93 21.43
C GLN J 161 -36.84 19.90 21.38
N VAL J 162 -37.97 19.42 20.83
CA VAL J 162 -38.19 17.99 20.76
C VAL J 162 -37.30 17.36 19.68
N ILE J 163 -37.32 17.94 18.47
CA ILE J 163 -36.35 17.58 17.45
C ILE J 163 -34.95 17.48 18.08
N GLU J 164 -34.53 18.55 18.76
CA GLU J 164 -33.15 18.66 19.24
C GLU J 164 -32.82 17.56 20.24
N SER J 165 -33.70 17.34 21.24
CA SER J 165 -33.45 16.26 22.19
C SER J 165 -33.49 14.92 21.49
N ALA J 166 -34.48 14.73 20.61
CA ALA J 166 -34.59 13.48 19.86
C ALA J 166 -33.29 13.18 19.09
N MET J 167 -32.69 14.19 18.44
CA MET J 167 -31.49 13.91 17.65
C MET J 167 -30.22 13.73 18.46
N GLU J 168 -30.26 14.05 19.75
CA GLU J 168 -29.17 13.70 20.67
C GLU J 168 -29.03 12.19 20.85
N ARG J 169 -30.13 11.45 20.78
CA ARG J 169 -30.16 10.06 21.19
C ARG J 169 -29.73 9.17 20.04
N ASP J 170 -28.74 8.33 20.27
CA ASP J 170 -28.22 7.46 19.22
C ASP J 170 -28.98 6.15 19.24
N ARG J 171 -30.13 6.17 18.58
CA ARG J 171 -31.03 5.03 18.53
C ARG J 171 -31.85 5.12 17.26
N TYR J 172 -32.42 4.00 16.88
CA TYR J 172 -33.32 3.91 15.74
C TYR J 172 -34.77 3.92 16.21
N MET J 173 -35.66 4.36 15.34
CA MET J 173 -37.09 4.23 15.56
C MET J 173 -37.63 3.11 14.70
N SER J 174 -38.66 2.45 15.22
CA SER J 174 -39.47 1.56 14.43
C SER J 174 -40.35 2.38 13.50
N PRO J 175 -40.87 1.78 12.45
CA PRO J 175 -41.82 2.51 11.60
C PRO J 175 -42.97 3.14 12.38
N MET J 176 -43.60 2.40 13.30
CA MET J 176 -44.76 2.95 14.03
C MET J 176 -44.36 4.13 14.91
N GLU J 177 -43.22 4.03 15.60
CA GLU J 177 -42.74 5.18 16.38
C GLU J 177 -42.42 6.35 15.45
N ALA J 178 -41.83 6.05 14.28
CA ALA J 178 -41.57 7.09 13.30
C ALA J 178 -42.87 7.69 12.77
N GLN J 179 -43.91 6.86 12.60
CA GLN J 179 -45.20 7.45 12.23
C GLN J 179 -45.72 8.36 13.34
N GLU J 180 -45.66 7.91 14.59
CA GLU J 180 -46.18 8.76 15.65
C GLU J 180 -45.33 10.00 15.83
N PHE J 181 -44.03 9.92 15.52
CA PHE J 181 -43.19 11.10 15.66
C PHE J 181 -43.52 12.15 14.61
N GLY J 182 -44.14 11.74 13.50
CA GLY J 182 -44.43 12.65 12.40
C GLY J 182 -43.50 12.53 11.20
N ILE J 183 -42.63 11.51 11.18
CA ILE J 183 -41.66 11.35 10.10
C ILE J 183 -42.30 10.72 8.88
N LEU J 184 -43.34 9.94 9.07
CA LEU J 184 -44.03 9.27 7.98
C LEU J 184 -45.49 9.11 8.35
N ASP J 185 -46.29 8.71 7.36
CA ASP J 185 -47.74 8.69 7.52
C ASP J 185 -48.34 7.30 7.47
N LYS J 186 -47.70 6.33 6.82
CA LYS J 186 -48.26 4.98 6.72
C LYS J 186 -47.17 3.93 6.84
N VAL J 187 -47.45 2.88 7.62
CA VAL J 187 -46.61 1.67 7.64
C VAL J 187 -47.32 0.60 6.84
N LEU J 188 -46.72 0.19 5.73
CA LEU J 188 -47.36 -0.66 4.74
C LEU J 188 -46.91 -2.10 4.94
N VAL J 189 -47.84 -3.03 4.74
CA VAL J 189 -47.55 -4.46 4.76
C VAL J 189 -47.62 -5.06 3.37
N ILE K 2 -25.65 5.78 -14.53
CA ILE K 2 -26.37 6.97 -14.99
C ILE K 2 -27.57 6.52 -15.81
N PRO K 3 -28.78 6.84 -15.38
CA PRO K 3 -29.99 6.41 -16.10
C PRO K 3 -30.11 6.96 -17.51
N ILE K 4 -30.83 6.19 -18.35
CA ILE K 4 -31.21 6.58 -19.71
C ILE K 4 -32.66 7.05 -19.71
N VAL K 5 -32.94 8.15 -20.43
CA VAL K 5 -34.29 8.60 -20.69
C VAL K 5 -34.49 8.72 -22.20
N VAL K 6 -35.75 8.89 -22.61
CA VAL K 6 -36.19 8.55 -23.96
C VAL K 6 -36.50 9.77 -24.83
N GLU K 7 -36.34 9.57 -26.15
CA GLU K 7 -36.56 10.58 -27.16
C GLU K 7 -38.06 10.82 -27.42
N GLN K 8 -38.34 11.80 -28.28
CA GLN K 8 -39.65 11.99 -28.90
C GLN K 8 -39.57 13.10 -29.93
N ALA K 15 -32.99 8.12 -27.02
CA ALA K 15 -32.40 7.76 -25.73
C ALA K 15 -31.12 8.54 -25.43
N TYR K 16 -31.04 9.07 -24.21
CA TYR K 16 -29.86 9.76 -23.72
C TYR K 16 -29.61 9.34 -22.29
N ASP K 17 -28.35 9.38 -21.88
CA ASP K 17 -28.09 9.46 -20.46
C ASP K 17 -28.66 10.78 -19.94
N ILE K 18 -29.13 10.78 -18.69
CA ILE K 18 -29.89 11.93 -18.22
C ILE K 18 -29.05 13.20 -18.23
N TYR K 19 -27.73 13.07 -18.05
CA TYR K 19 -26.88 14.25 -18.15
C TYR K 19 -26.91 14.83 -19.56
N SER K 20 -26.75 14.00 -20.57
CA SER K 20 -26.88 14.49 -21.93
C SER K 20 -28.30 15.00 -22.19
N ARG K 21 -29.30 14.39 -21.54
CA ARG K 21 -30.67 14.88 -21.66
C ARG K 21 -30.78 16.32 -21.18
N LEU K 22 -30.10 16.65 -20.07
CA LEU K 22 -30.19 18.00 -19.52
C LEU K 22 -29.38 18.99 -20.34
N LEU K 23 -28.25 18.57 -20.89
CA LEU K 23 -27.52 19.44 -21.80
C LEU K 23 -28.41 19.86 -22.98
N ARG K 24 -29.20 18.93 -23.51
CA ARG K 24 -30.15 19.26 -24.58
C ARG K 24 -31.18 20.31 -24.16
N GLU K 25 -31.45 20.47 -22.86
CA GLU K 25 -32.31 21.54 -22.38
C GLU K 25 -31.53 22.75 -21.89
N ARG K 26 -30.22 22.81 -22.18
CA ARG K 26 -29.39 23.97 -21.92
C ARG K 26 -28.97 24.08 -20.46
N ILE K 27 -28.90 22.95 -19.77
CA ILE K 27 -28.40 22.88 -18.40
C ILE K 27 -26.96 22.39 -18.43
N VAL K 28 -26.09 23.07 -17.70
CA VAL K 28 -24.69 22.67 -17.53
C VAL K 28 -24.46 22.43 -16.05
N CYS K 29 -23.96 21.24 -15.70
CA CYS K 29 -23.77 20.89 -14.31
C CYS K 29 -22.34 21.20 -13.90
N VAL K 30 -22.18 22.05 -12.88
CA VAL K 30 -20.88 22.22 -12.24
C VAL K 30 -21.04 21.67 -10.84
N MET K 31 -21.11 20.36 -10.75
CA MET K 31 -21.42 19.63 -9.53
C MET K 31 -20.15 18.89 -9.11
N GLY K 32 -19.48 19.40 -8.09
CA GLY K 32 -18.30 18.76 -7.59
C GLY K 32 -17.09 19.65 -7.67
N PRO K 33 -15.93 19.16 -7.23
CA PRO K 33 -14.72 19.98 -7.23
C PRO K 33 -14.32 20.39 -8.65
N ILE K 34 -13.87 21.62 -8.78
CA ILE K 34 -13.47 22.15 -10.07
C ILE K 34 -12.00 21.84 -10.27
N ASP K 35 -11.68 21.10 -11.33
CA ASP K 35 -10.29 20.96 -11.75
C ASP K 35 -10.22 21.17 -13.26
N ASP K 36 -9.05 20.89 -13.83
CA ASP K 36 -8.83 21.20 -15.24
C ASP K 36 -9.78 20.44 -16.15
N SER K 37 -10.04 19.16 -15.86
CA SER K 37 -10.92 18.42 -16.75
C SER K 37 -12.38 18.81 -16.56
N VAL K 38 -12.78 19.23 -15.35
CA VAL K 38 -14.10 19.85 -15.19
C VAL K 38 -14.18 21.12 -16.01
N ALA K 39 -13.19 22.00 -15.89
CA ALA K 39 -13.20 23.21 -16.71
C ALA K 39 -13.39 22.85 -18.18
N SER K 40 -12.61 21.90 -18.68
CA SER K 40 -12.63 21.62 -20.11
C SER K 40 -14.01 21.17 -20.56
N LEU K 41 -14.68 20.33 -19.77
CA LEU K 41 -16.01 19.88 -20.12
C LEU K 41 -17.01 21.03 -20.06
N VAL K 42 -16.95 21.86 -19.01
CA VAL K 42 -17.90 22.97 -18.87
C VAL K 42 -17.73 23.96 -20.01
N ILE K 43 -16.47 24.27 -20.34
CA ILE K 43 -16.22 25.19 -21.45
C ILE K 43 -16.76 24.61 -22.75
N ALA K 44 -16.46 23.34 -23.03
CA ALA K 44 -16.96 22.73 -24.25
C ALA K 44 -18.47 22.89 -24.35
N GLN K 45 -19.19 22.56 -23.26
CA GLN K 45 -20.64 22.68 -23.25
C GLN K 45 -21.11 24.11 -23.43
N LEU K 46 -20.47 25.06 -22.75
CA LEU K 46 -20.86 26.45 -22.93
C LEU K 46 -20.72 26.88 -24.38
N LEU K 47 -19.56 26.59 -24.98
CA LEU K 47 -19.37 27.01 -26.36
C LEU K 47 -20.34 26.28 -27.28
N PHE K 48 -20.60 25.01 -27.01
CA PHE K 48 -21.55 24.29 -27.84
C PHE K 48 -22.95 24.90 -27.73
N LEU K 49 -23.37 25.24 -26.51
CA LEU K 49 -24.69 25.85 -26.33
C LEU K 49 -24.78 27.20 -27.03
N GLN K 50 -23.73 28.02 -26.93
CA GLN K 50 -23.74 29.25 -27.69
C GLN K 50 -23.92 28.99 -29.18
N SER K 51 -23.28 27.94 -29.70
CA SER K 51 -23.36 27.67 -31.14
C SER K 51 -24.78 27.29 -31.56
N GLU K 52 -25.50 26.53 -30.73
CA GLU K 52 -26.88 26.21 -31.08
C GLU K 52 -27.77 27.44 -31.05
N SER K 53 -27.40 28.45 -30.27
CA SER K 53 -28.13 29.70 -30.19
C SER K 53 -27.41 30.64 -29.23
N ASN K 54 -27.04 31.83 -29.69
CA ASN K 54 -26.41 32.82 -28.84
C ASN K 54 -27.41 33.70 -28.12
N LYS K 55 -28.69 33.31 -28.10
CA LYS K 55 -29.72 34.08 -27.42
C LYS K 55 -30.38 33.30 -26.30
N LYS K 56 -30.81 32.06 -26.55
CA LYS K 56 -31.49 31.29 -25.53
C LYS K 56 -30.63 31.21 -24.26
N PRO K 57 -31.21 31.41 -23.08
CA PRO K 57 -30.44 31.34 -21.83
C PRO K 57 -29.76 30.00 -21.63
N ILE K 58 -28.71 30.02 -20.81
CA ILE K 58 -28.01 28.82 -20.37
C ILE K 58 -28.12 28.72 -18.85
N HIS K 59 -28.44 27.54 -18.36
CA HIS K 59 -28.55 27.30 -16.92
C HIS K 59 -27.30 26.59 -16.42
N MET K 60 -26.63 27.20 -15.45
CA MET K 60 -25.46 26.64 -14.78
C MET K 60 -25.87 26.16 -13.38
N TYR K 61 -25.83 24.85 -13.15
CA TYR K 61 -26.11 24.28 -11.84
C TYR K 61 -24.80 24.15 -11.08
N ILE K 62 -24.75 24.69 -9.86
CA ILE K 62 -23.50 24.78 -9.11
C ILE K 62 -23.72 24.18 -7.74
N ASN K 63 -23.10 23.01 -7.49
CA ASN K 63 -22.95 22.44 -6.15
C ASN K 63 -21.49 22.01 -6.04
N SER K 64 -20.66 22.89 -5.48
CA SER K 64 -19.23 22.76 -5.58
C SER K 64 -18.53 23.29 -4.34
N PRO K 65 -17.55 22.56 -3.81
CA PRO K 65 -16.68 23.10 -2.76
C PRO K 65 -15.59 24.02 -3.26
N GLY K 66 -15.48 24.23 -4.56
CA GLY K 66 -14.37 24.98 -5.13
C GLY K 66 -13.45 24.08 -5.94
N GLY K 67 -12.21 24.54 -6.11
CA GLY K 67 -11.20 23.74 -6.79
C GLY K 67 -10.08 24.63 -7.32
N VAL K 68 -9.44 24.12 -8.39
CA VAL K 68 -8.24 24.78 -8.94
C VAL K 68 -8.60 26.17 -9.45
N VAL K 69 -7.84 27.17 -8.99
CA VAL K 69 -8.20 28.55 -9.30
C VAL K 69 -8.11 28.82 -10.80
N THR K 70 -6.99 28.45 -11.44
CA THR K 70 -6.86 28.74 -12.87
C THR K 70 -7.96 28.04 -13.65
N ALA K 71 -8.32 26.82 -13.25
CA ALA K 71 -9.44 26.14 -13.90
C ALA K 71 -10.75 26.89 -13.65
N GLY K 72 -10.89 27.54 -12.50
CA GLY K 72 -12.12 28.26 -12.24
C GLY K 72 -12.19 29.52 -13.06
N LEU K 73 -11.05 30.20 -13.21
CA LEU K 73 -10.96 31.39 -14.04
C LEU K 73 -11.20 31.08 -15.52
N ALA K 74 -10.81 29.88 -15.97
CA ALA K 74 -11.07 29.49 -17.35
C ALA K 74 -12.57 29.43 -17.62
N ILE K 75 -13.32 28.81 -16.71
CA ILE K 75 -14.77 28.83 -16.79
C ILE K 75 -15.29 30.26 -16.71
N TYR K 76 -14.87 31.02 -15.70
CA TYR K 76 -15.32 32.41 -15.59
C TYR K 76 -15.13 33.17 -16.90
N ASP K 77 -13.92 33.11 -17.48
CA ASP K 77 -13.66 33.86 -18.72
C ASP K 77 -14.56 33.38 -19.84
N THR K 78 -14.86 32.08 -19.89
CA THR K 78 -15.75 31.58 -20.93
C THR K 78 -17.15 32.14 -20.74
N MET K 79 -17.64 32.19 -19.49
CA MET K 79 -18.98 32.75 -19.25
C MET K 79 -19.05 34.19 -19.74
N GLN K 80 -18.06 35.00 -19.38
CA GLN K 80 -18.01 36.38 -19.84
C GLN K 80 -17.90 36.46 -21.35
N TYR K 81 -17.24 35.49 -21.98
CA TYR K 81 -17.03 35.54 -23.43
C TYR K 81 -18.32 35.31 -24.19
N ILE K 82 -19.04 34.23 -23.86
CA ILE K 82 -20.25 33.90 -24.61
C ILE K 82 -21.28 35.01 -24.42
N LEU K 83 -22.21 35.10 -25.36
CA LEU K 83 -23.15 36.22 -25.33
C LEU K 83 -24.39 35.87 -24.54
N ASN K 84 -24.71 34.58 -24.45
CA ASN K 84 -25.96 34.15 -23.88
C ASN K 84 -26.11 34.66 -22.45
N PRO K 85 -27.32 35.00 -22.04
CA PRO K 85 -27.60 35.11 -20.60
C PRO K 85 -27.27 33.78 -19.94
N ILE K 86 -26.60 33.84 -18.80
CA ILE K 86 -26.30 32.64 -18.02
C ILE K 86 -27.01 32.78 -16.67
N CYS K 87 -27.88 31.81 -16.38
CA CYS K 87 -28.59 31.74 -15.10
C CYS K 87 -27.84 30.77 -14.18
N THR K 88 -27.34 31.27 -13.08
CA THR K 88 -26.58 30.47 -12.14
C THR K 88 -27.51 30.03 -11.02
N TRP K 89 -27.31 28.80 -10.55
CA TRP K 89 -28.20 28.18 -9.56
C TRP K 89 -27.38 27.48 -8.50
N CYS K 90 -27.44 27.97 -7.27
CA CYS K 90 -26.74 27.34 -6.17
C CYS K 90 -27.65 26.33 -5.48
N VAL K 91 -27.29 25.05 -5.57
CA VAL K 91 -27.97 23.99 -4.85
C VAL K 91 -26.92 23.28 -4.02
N GLY K 92 -27.19 23.08 -2.75
CA GLY K 92 -26.20 22.51 -1.86
C GLY K 92 -25.22 23.55 -1.34
N GLN K 93 -24.19 23.88 -2.13
CA GLN K 93 -23.19 24.85 -1.71
C GLN K 93 -22.46 25.41 -2.92
N ALA K 94 -21.82 26.55 -2.71
CA ALA K 94 -20.98 27.20 -3.70
C ALA K 94 -19.85 27.85 -2.92
N ALA K 95 -18.74 27.13 -2.78
CA ALA K 95 -17.61 27.58 -1.99
C ALA K 95 -16.45 27.94 -2.89
N SER K 96 -15.66 28.93 -2.46
CA SER K 96 -14.44 29.30 -3.15
C SER K 96 -14.79 29.54 -4.61
N MET K 97 -14.09 28.90 -5.57
CA MET K 97 -14.34 29.19 -6.98
C MET K 97 -15.79 28.98 -7.34
N GLY K 98 -16.49 28.10 -6.62
CA GLY K 98 -17.89 27.85 -6.94
C GLY K 98 -18.79 29.05 -6.72
N SER K 99 -18.45 29.90 -5.75
CA SER K 99 -19.24 31.10 -5.54
C SER K 99 -18.83 32.20 -6.50
N LEU K 100 -17.57 32.23 -6.91
CA LEU K 100 -17.20 33.11 -7.99
C LEU K 100 -18.03 32.82 -9.23
N LEU K 101 -18.21 31.55 -9.59
CA LEU K 101 -19.01 31.26 -10.79
C LEU K 101 -20.47 31.65 -10.58
N LEU K 102 -21.01 31.39 -9.39
CA LEU K 102 -22.38 31.79 -9.08
C LEU K 102 -22.56 33.30 -9.26
N ALA K 103 -21.64 34.09 -8.70
CA ALA K 103 -21.72 35.53 -8.78
C ALA K 103 -21.55 36.05 -10.20
N ALA K 104 -20.91 35.26 -11.06
CA ALA K 104 -20.59 35.62 -12.44
C ALA K 104 -21.75 35.41 -13.41
N GLY K 105 -22.89 34.92 -12.94
CA GLY K 105 -24.05 34.79 -13.80
C GLY K 105 -24.60 36.15 -14.22
N THR K 106 -25.48 36.12 -15.22
CA THR K 106 -25.96 37.36 -15.80
C THR K 106 -26.72 38.16 -14.73
N PRO K 107 -26.47 39.46 -14.61
CA PRO K 107 -27.12 40.23 -13.53
C PRO K 107 -28.61 40.01 -13.50
N GLY K 108 -29.15 39.82 -12.30
CA GLY K 108 -30.56 39.52 -12.13
C GLY K 108 -30.94 38.08 -12.38
N MET K 109 -29.98 37.21 -12.68
CA MET K 109 -30.28 35.82 -13.04
C MET K 109 -29.47 34.84 -12.19
N ARG K 110 -28.92 35.30 -11.08
CA ARG K 110 -28.17 34.45 -10.14
C ARG K 110 -29.12 34.00 -9.02
N HIS K 111 -29.33 32.69 -8.91
CA HIS K 111 -30.31 32.14 -7.99
C HIS K 111 -29.67 31.20 -6.99
N SER K 112 -30.33 31.07 -5.85
CA SER K 112 -30.03 30.03 -4.88
C SER K 112 -31.31 29.39 -4.39
N LEU K 113 -31.25 28.10 -4.10
CA LEU K 113 -32.29 27.44 -3.34
C LEU K 113 -32.16 27.82 -1.88
N PRO K 114 -33.19 27.50 -1.05
CA PRO K 114 -33.27 28.15 0.26
C PRO K 114 -32.24 27.65 1.26
N ASN K 115 -31.84 26.38 1.19
CA ASN K 115 -30.96 25.82 2.21
C ASN K 115 -29.50 25.73 1.76
N SER K 116 -29.16 26.34 0.62
CA SER K 116 -27.79 26.38 0.15
C SER K 116 -26.90 27.19 1.09
N ARG K 117 -25.59 26.92 1.01
CA ARG K 117 -24.58 27.64 1.76
C ARG K 117 -23.56 28.21 0.76
N ILE K 118 -23.18 29.47 0.94
CA ILE K 118 -22.33 30.20 0.00
C ILE K 118 -21.10 30.73 0.73
N MET K 119 -19.92 30.48 0.16
CA MET K 119 -18.66 30.87 0.78
C MET K 119 -17.77 31.55 -0.26
N ILE K 120 -17.33 32.77 0.02
CA ILE K 120 -16.29 33.41 -0.78
C ILE K 120 -14.93 33.32 -0.11
N HIS K 121 -14.86 32.92 1.14
CA HIS K 121 -13.58 32.54 1.72
C HIS K 121 -12.89 31.52 0.82
N GLN K 122 -11.56 31.45 0.89
CA GLN K 122 -10.77 30.49 0.13
C GLN K 122 -10.10 29.56 1.13
N PRO K 123 -10.69 28.41 1.44
CA PRO K 123 -10.09 27.53 2.45
C PRO K 123 -8.62 27.27 2.17
N ILE K 136 3.94 27.07 -7.18
CA ILE K 136 4.23 28.46 -7.52
C ILE K 136 4.65 29.29 -6.32
N GLN K 137 5.27 30.44 -6.62
CA GLN K 137 5.89 31.32 -5.65
C GLN K 137 4.85 32.17 -4.90
N ALA K 138 5.29 32.70 -3.75
CA ALA K 138 4.44 33.59 -2.95
C ALA K 138 3.76 34.65 -3.79
N GLU K 139 4.55 35.35 -4.63
CA GLU K 139 4.01 36.49 -5.36
C GLU K 139 2.91 36.08 -6.33
N GLU K 140 3.00 34.89 -6.93
CA GLU K 140 2.01 34.44 -7.90
C GLU K 140 0.69 34.01 -7.23
N ILE K 141 0.77 33.36 -6.06
CA ILE K 141 -0.43 33.09 -5.26
C ILE K 141 -1.22 34.37 -5.04
N MET K 142 -0.52 35.46 -4.65
CA MET K 142 -1.20 36.74 -4.39
C MET K 142 -1.78 37.32 -5.65
N LYS K 143 -1.06 37.19 -6.78
CA LYS K 143 -1.57 37.71 -8.04
C LYS K 143 -2.91 37.06 -8.39
N LEU K 144 -3.00 35.75 -8.21
CA LEU K 144 -4.28 35.06 -8.43
C LEU K 144 -5.32 35.51 -7.42
N LYS K 145 -4.92 35.72 -6.16
CA LYS K 145 -5.87 36.22 -5.15
C LYS K 145 -6.45 37.58 -5.57
N LYS K 146 -5.60 38.48 -6.09
CA LYS K 146 -6.10 39.80 -6.47
C LYS K 146 -7.03 39.70 -7.67
N GLN K 147 -6.79 38.77 -8.58
CA GLN K 147 -7.74 38.56 -9.67
C GLN K 147 -9.14 38.20 -9.13
N LEU K 148 -9.19 37.40 -8.06
CA LEU K 148 -10.48 37.03 -7.49
C LEU K 148 -11.17 38.24 -6.84
N TYR K 149 -10.42 39.02 -6.05
CA TYR K 149 -10.98 40.23 -5.47
C TYR K 149 -11.65 41.08 -6.54
N ASN K 150 -10.90 41.39 -7.61
CA ASN K 150 -11.43 42.20 -8.71
C ASN K 150 -12.69 41.58 -9.32
N ILE K 151 -12.71 40.26 -9.52
CA ILE K 151 -13.88 39.63 -10.12
C ILE K 151 -15.07 39.71 -9.16
N TYR K 152 -14.84 39.39 -7.90
CA TYR K 152 -15.90 39.49 -6.90
C TYR K 152 -16.43 40.92 -6.79
N ALA K 153 -15.52 41.89 -6.67
CA ALA K 153 -15.94 43.29 -6.60
C ALA K 153 -16.79 43.68 -7.81
N LYS K 154 -16.35 43.29 -9.01
CA LYS K 154 -17.06 43.63 -10.22
C LYS K 154 -18.49 43.08 -10.19
N HIS K 155 -18.66 41.83 -9.80
CA HIS K 155 -19.99 41.26 -9.93
C HIS K 155 -20.87 41.47 -8.70
N THR K 156 -20.30 41.69 -7.51
CA THR K 156 -21.10 42.01 -6.34
C THR K 156 -21.30 43.50 -6.16
N LYS K 157 -20.54 44.34 -6.88
CA LYS K 157 -20.60 45.80 -6.73
C LYS K 157 -20.12 46.27 -5.36
N GLN K 158 -19.43 45.43 -4.60
CA GLN K 158 -18.77 45.90 -3.39
C GLN K 158 -17.42 46.54 -3.71
N SER K 159 -16.99 47.43 -2.81
CA SER K 159 -15.64 47.96 -2.90
C SER K 159 -14.64 46.82 -2.72
N LEU K 160 -13.50 46.93 -3.39
CA LEU K 160 -12.44 45.92 -3.23
C LEU K 160 -12.14 45.67 -1.76
N GLN K 161 -12.23 46.71 -0.93
CA GLN K 161 -11.85 46.57 0.47
C GLN K 161 -12.85 45.70 1.22
N VAL K 162 -14.13 45.78 0.86
CA VAL K 162 -15.13 44.93 1.50
C VAL K 162 -14.85 43.47 1.16
N ILE K 163 -14.56 43.20 -0.12
CA ILE K 163 -14.28 41.83 -0.57
C ILE K 163 -13.07 41.25 0.15
N GLU K 164 -11.95 41.98 0.16
CA GLU K 164 -10.74 41.43 0.78
C GLU K 164 -10.97 41.15 2.26
N SER K 165 -11.55 42.11 2.98
CA SER K 165 -11.83 41.89 4.39
C SER K 165 -12.76 40.70 4.57
N ALA K 166 -13.88 40.68 3.84
CA ALA K 166 -14.86 39.60 4.00
C ALA K 166 -14.26 38.24 3.70
N MET K 167 -13.37 38.15 2.69
CA MET K 167 -12.83 36.86 2.32
C MET K 167 -11.82 36.32 3.32
N GLU K 168 -11.33 37.14 4.23
CA GLU K 168 -10.52 36.63 5.33
C GLU K 168 -11.33 35.79 6.32
N ARG K 169 -12.67 35.92 6.35
CA ARG K 169 -13.47 35.26 7.37
C ARG K 169 -13.84 33.83 6.93
N ASP K 170 -13.45 32.84 7.74
CA ASP K 170 -13.77 31.45 7.43
C ASP K 170 -15.18 31.15 7.90
N ARG K 171 -16.15 31.53 7.07
CA ARG K 171 -17.55 31.33 7.41
C ARG K 171 -18.35 31.22 6.13
N TYR K 172 -19.55 30.69 6.25
CA TYR K 172 -20.51 30.63 5.16
C TYR K 172 -21.56 31.73 5.27
N MET K 173 -22.22 31.95 4.15
CA MET K 173 -23.34 32.88 4.01
C MET K 173 -24.58 32.09 3.66
N SER K 174 -25.70 32.50 4.24
CA SER K 174 -27.00 32.01 3.79
C SER K 174 -27.33 32.68 2.45
N PRO K 175 -28.25 32.09 1.70
CA PRO K 175 -28.68 32.76 0.45
C PRO K 175 -29.11 34.21 0.63
N MET K 176 -29.96 34.49 1.63
CA MET K 176 -30.35 35.87 1.91
C MET K 176 -29.14 36.76 2.11
N GLU K 177 -28.22 36.33 2.95
CA GLU K 177 -26.99 37.09 3.18
C GLU K 177 -26.20 37.25 1.88
N ALA K 178 -26.09 36.16 1.11
CA ALA K 178 -25.41 36.22 -0.17
C ALA K 178 -26.09 37.22 -1.10
N GLN K 179 -27.42 37.27 -1.04
CA GLN K 179 -28.15 38.25 -1.82
C GLN K 179 -27.79 39.66 -1.39
N GLU K 180 -27.90 39.95 -0.09
CA GLU K 180 -27.56 41.28 0.37
C GLU K 180 -26.12 41.64 -0.03
N PHE K 181 -25.23 40.66 -0.02
CA PHE K 181 -23.84 40.92 -0.37
C PHE K 181 -23.69 41.20 -1.85
N GLY K 182 -24.64 40.78 -2.67
CA GLY K 182 -24.53 40.95 -4.10
C GLY K 182 -24.00 39.75 -4.85
N ILE K 183 -23.85 38.61 -4.18
CA ILE K 183 -23.38 37.41 -4.86
C ILE K 183 -24.48 36.81 -5.71
N LEU K 184 -25.75 36.95 -5.32
CA LEU K 184 -26.84 36.47 -6.15
C LEU K 184 -28.02 37.42 -6.06
N ASP K 185 -29.05 37.13 -6.86
CA ASP K 185 -30.20 38.02 -6.99
C ASP K 185 -31.50 37.48 -6.41
N LYS K 186 -31.72 36.16 -6.42
CA LYS K 186 -32.98 35.60 -6.01
C LYS K 186 -32.78 34.35 -5.17
N VAL K 187 -33.53 34.25 -4.07
CA VAL K 187 -33.58 33.04 -3.21
C VAL K 187 -34.93 32.40 -3.52
N LEU K 188 -34.92 31.26 -4.20
CA LEU K 188 -36.17 30.65 -4.71
C LEU K 188 -36.66 29.46 -3.87
N VAL K 189 -37.80 29.58 -3.21
CA VAL K 189 -38.37 28.36 -2.57
C VAL K 189 -38.89 27.42 -3.67
N HIS K 190 -39.58 28.01 -4.65
CA HIS K 190 -40.20 27.27 -5.78
C HIS K 190 -40.47 28.24 -6.93
N ILE L 2 -18.75 12.24 -20.03
CA ILE L 2 -18.72 13.01 -21.27
C ILE L 2 -20.12 12.97 -21.88
N PRO L 3 -20.79 14.12 -22.02
CA PRO L 3 -22.11 14.11 -22.65
C PRO L 3 -22.06 13.91 -24.16
N ILE L 4 -23.11 13.28 -24.66
CA ILE L 4 -23.36 13.06 -26.09
C ILE L 4 -24.29 14.17 -26.57
N VAL L 5 -23.93 14.81 -27.69
CA VAL L 5 -24.78 15.84 -28.29
C VAL L 5 -25.18 15.45 -29.72
N VAL L 6 -25.98 16.29 -30.36
CA VAL L 6 -26.41 16.09 -31.74
C VAL L 6 -26.72 17.43 -32.43
N ALA L 15 -19.58 12.40 -34.22
CA ALA L 15 -19.67 13.78 -33.77
C ALA L 15 -20.55 13.93 -32.53
N TYR L 16 -20.79 12.83 -31.80
CA TYR L 16 -21.85 12.85 -30.81
C TYR L 16 -21.36 13.12 -29.39
N ASP L 17 -20.26 12.55 -28.92
CA ASP L 17 -19.64 13.05 -27.69
C ASP L 17 -19.07 14.45 -27.91
N ILE L 18 -19.13 15.28 -26.86
CA ILE L 18 -18.94 16.72 -27.03
C ILE L 18 -17.54 17.04 -27.54
N TYR L 19 -16.52 16.30 -27.08
CA TYR L 19 -15.16 16.54 -27.56
C TYR L 19 -15.03 16.25 -29.05
N SER L 20 -15.51 15.08 -29.48
CA SER L 20 -15.51 14.77 -30.91
C SER L 20 -16.29 15.81 -31.69
N ARG L 21 -17.36 16.33 -31.09
CA ARG L 21 -18.15 17.34 -31.77
C ARG L 21 -17.35 18.63 -31.97
N LEU L 22 -16.54 19.00 -30.98
CA LEU L 22 -15.68 20.16 -31.17
C LEU L 22 -14.61 19.90 -32.23
N LEU L 23 -14.19 18.64 -32.37
CA LEU L 23 -13.21 18.29 -33.39
C LEU L 23 -13.80 18.47 -34.79
N ARG L 24 -15.08 18.15 -34.96
CA ARG L 24 -15.77 18.38 -36.23
C ARG L 24 -15.77 19.86 -36.60
N GLU L 25 -15.75 20.75 -35.62
CA GLU L 25 -15.65 22.19 -35.89
C GLU L 25 -14.21 22.67 -35.83
N ARG L 26 -13.25 21.76 -36.01
CA ARG L 26 -11.84 22.08 -36.15
C ARG L 26 -11.22 22.64 -34.88
N ILE L 27 -11.75 22.23 -33.71
CA ILE L 27 -11.14 22.59 -32.43
C ILE L 27 -10.36 21.40 -31.89
N VAL L 28 -9.14 21.67 -31.43
CA VAL L 28 -8.26 20.66 -30.86
C VAL L 28 -7.96 21.06 -29.43
N CYS L 29 -8.20 20.15 -28.49
CA CYS L 29 -8.09 20.49 -27.09
C CYS L 29 -6.73 20.05 -26.57
N VAL L 30 -5.99 20.98 -25.97
CA VAL L 30 -4.74 20.65 -25.30
C VAL L 30 -4.88 21.11 -23.88
N MET L 31 -5.68 20.38 -23.10
CA MET L 31 -5.92 20.63 -21.70
C MET L 31 -5.21 19.57 -20.89
N GLY L 32 -4.58 19.97 -19.80
CA GLY L 32 -3.94 19.03 -18.93
C GLY L 32 -2.48 18.91 -19.28
N PRO L 33 -1.75 18.10 -18.51
CA PRO L 33 -0.33 17.93 -18.78
C PRO L 33 -0.07 17.30 -20.15
N ILE L 34 1.02 17.72 -20.77
CA ILE L 34 1.42 17.16 -22.06
C ILE L 34 2.34 15.97 -21.80
N ASP L 35 1.92 14.78 -22.26
CA ASP L 35 2.74 13.58 -22.24
C ASP L 35 2.66 12.94 -23.62
N ASP L 36 3.36 11.80 -23.79
CA ASP L 36 3.43 11.20 -25.11
C ASP L 36 2.05 10.82 -25.65
N SER L 37 1.12 10.41 -24.76
CA SER L 37 -0.18 9.99 -25.27
C SER L 37 -1.01 11.19 -25.70
N VAL L 38 -0.90 12.29 -24.97
CA VAL L 38 -1.55 13.52 -25.39
C VAL L 38 -0.98 14.01 -26.72
N ALA L 39 0.35 14.01 -26.84
CA ALA L 39 0.98 14.43 -28.09
C ALA L 39 0.47 13.60 -29.26
N SER L 40 0.30 12.28 -29.03
CA SER L 40 -0.11 11.41 -30.12
C SER L 40 -1.53 11.72 -30.58
N LEU L 41 -2.43 11.99 -29.63
CA LEU L 41 -3.81 12.34 -29.96
C LEU L 41 -3.89 13.69 -30.66
N VAL L 42 -3.17 14.68 -30.13
CA VAL L 42 -3.20 16.01 -30.73
C VAL L 42 -2.62 15.95 -32.13
N ILE L 43 -1.51 15.24 -32.31
CA ILE L 43 -0.91 15.13 -33.64
C ILE L 43 -1.89 14.48 -34.60
N ALA L 44 -2.55 13.41 -34.15
CA ALA L 44 -3.50 12.72 -35.01
C ALA L 44 -4.62 13.64 -35.43
N GLN L 45 -5.09 14.50 -34.52
CA GLN L 45 -6.18 15.38 -34.87
C GLN L 45 -5.69 16.48 -35.79
N LEU L 46 -4.48 16.99 -35.54
CA LEU L 46 -3.92 18.01 -36.42
C LEU L 46 -3.76 17.48 -37.83
N LEU L 47 -3.24 16.24 -37.96
CA LEU L 47 -3.08 15.68 -39.29
C LEU L 47 -4.44 15.44 -39.93
N PHE L 48 -5.39 14.91 -39.16
CA PHE L 48 -6.72 14.67 -39.70
C PHE L 48 -7.35 15.96 -40.20
N LEU L 49 -7.19 17.06 -39.46
CA LEU L 49 -7.84 18.30 -39.85
C LEU L 49 -7.21 18.87 -41.12
N GLN L 50 -5.90 18.73 -41.27
CA GLN L 50 -5.29 19.16 -42.53
C GLN L 50 -5.86 18.36 -43.70
N SER L 51 -6.08 17.05 -43.51
CA SER L 51 -6.61 16.20 -44.59
C SER L 51 -8.01 16.60 -44.98
N GLU L 52 -8.85 17.00 -44.01
CA GLU L 52 -10.14 17.60 -44.32
C GLU L 52 -9.98 18.86 -45.16
N SER L 53 -9.10 19.77 -44.72
CA SER L 53 -8.81 20.96 -45.51
C SER L 53 -7.48 21.55 -45.07
N ASN L 54 -6.60 21.88 -46.02
CA ASN L 54 -5.37 22.54 -45.63
C ASN L 54 -5.51 24.05 -45.59
N LYS L 55 -6.69 24.59 -45.89
CA LYS L 55 -6.93 26.01 -45.79
C LYS L 55 -7.73 26.43 -44.56
N LYS L 56 -8.71 25.66 -44.12
CA LYS L 56 -9.57 26.12 -43.02
C LYS L 56 -8.76 26.26 -41.72
N PRO L 57 -8.89 27.38 -41.00
CA PRO L 57 -8.19 27.53 -39.71
C PRO L 57 -8.42 26.34 -38.80
N ILE L 58 -7.47 26.12 -37.89
CA ILE L 58 -7.60 25.14 -36.83
C ILE L 58 -7.49 25.90 -35.52
N HIS L 59 -8.33 25.55 -34.55
CA HIS L 59 -8.34 26.18 -33.24
C HIS L 59 -7.72 25.23 -32.23
N MET L 60 -6.70 25.70 -31.52
CA MET L 60 -6.04 24.90 -30.48
C MET L 60 -6.31 25.56 -29.14
N TYR L 61 -7.07 24.87 -28.28
CA TYR L 61 -7.39 25.35 -26.93
C TYR L 61 -6.33 24.82 -25.97
N ILE L 62 -5.67 25.74 -25.29
CA ILE L 62 -4.55 25.40 -24.41
C ILE L 62 -4.92 25.80 -22.98
N ASN L 63 -4.97 24.82 -22.10
CA ASN L 63 -5.01 25.04 -20.65
C ASN L 63 -4.11 23.96 -20.06
N SER L 64 -2.82 24.28 -19.95
CA SER L 64 -1.84 23.27 -19.61
C SER L 64 -0.76 23.78 -18.65
N PRO L 65 -0.37 22.96 -17.70
CA PRO L 65 0.84 23.23 -16.91
C PRO L 65 2.15 22.85 -17.60
N GLY L 66 2.12 22.42 -18.87
CA GLY L 66 3.32 21.90 -19.48
C GLY L 66 3.36 20.39 -19.45
N GLY L 67 4.54 19.79 -19.39
CA GLY L 67 4.66 18.35 -19.43
C GLY L 67 5.98 17.91 -20.06
N VAL L 68 5.96 16.73 -20.67
CA VAL L 68 7.19 16.17 -21.25
C VAL L 68 7.65 17.02 -22.42
N VAL L 69 8.93 17.40 -22.40
CA VAL L 69 9.44 18.36 -23.38
C VAL L 69 9.40 17.77 -24.79
N THR L 70 9.92 16.54 -24.97
CA THR L 70 9.94 15.96 -26.32
C THR L 70 8.53 15.75 -26.85
N ALA L 71 7.57 15.45 -25.97
CA ALA L 71 6.19 15.34 -26.44
C ALA L 71 5.67 16.69 -26.89
N GLY L 72 6.09 17.75 -26.19
CA GLY L 72 5.70 19.09 -26.59
C GLY L 72 6.34 19.53 -27.90
N LEU L 73 7.59 19.13 -28.13
CA LEU L 73 8.23 19.47 -29.41
C LEU L 73 7.63 18.66 -30.55
N ALA L 74 7.09 17.48 -30.26
CA ALA L 74 6.41 16.70 -31.29
C ALA L 74 5.17 17.42 -31.77
N ILE L 75 4.36 17.98 -30.84
CA ILE L 75 3.21 18.80 -31.22
C ILE L 75 3.67 20.06 -31.93
N TYR L 76 4.71 20.72 -31.43
CA TYR L 76 5.20 21.92 -32.08
C TYR L 76 5.60 21.64 -33.53
N ASP L 77 6.42 20.61 -33.76
CA ASP L 77 6.83 20.31 -35.15
C ASP L 77 5.62 20.04 -36.03
N THR L 78 4.61 19.38 -35.48
CA THR L 78 3.39 19.08 -36.24
C THR L 78 2.64 20.35 -36.58
N MET L 79 2.52 21.29 -35.62
CA MET L 79 1.92 22.59 -35.93
C MET L 79 2.70 23.30 -37.05
N GLN L 80 4.02 23.30 -36.97
CA GLN L 80 4.83 23.96 -38.00
C GLN L 80 4.76 23.21 -39.33
N TYR L 81 4.47 21.92 -39.30
CA TYR L 81 4.43 21.12 -40.51
C TYR L 81 3.16 21.37 -41.33
N ILE L 82 1.99 21.41 -40.68
CA ILE L 82 0.75 21.55 -41.43
C ILE L 82 0.62 22.97 -41.93
N LEU L 83 -0.10 23.15 -43.05
CA LEU L 83 -0.14 24.44 -43.73
C LEU L 83 -1.25 25.36 -43.24
N ASN L 84 -2.22 24.82 -42.51
CA ASN L 84 -3.33 25.61 -42.01
C ASN L 84 -2.87 26.77 -41.14
N PRO L 85 -3.58 27.88 -41.18
CA PRO L 85 -3.53 28.80 -40.04
C PRO L 85 -3.98 28.05 -38.79
N ILE L 86 -3.24 28.23 -37.69
CA ILE L 86 -3.62 27.66 -36.39
C ILE L 86 -3.82 28.81 -35.42
N CYS L 87 -5.04 28.96 -34.93
CA CYS L 87 -5.35 29.96 -33.90
C CYS L 87 -5.19 29.29 -32.54
N THR L 88 -4.32 29.85 -31.70
CA THR L 88 -4.12 29.32 -30.36
C THR L 88 -4.85 30.22 -29.36
N TRP L 89 -5.34 29.58 -28.30
CA TRP L 89 -6.25 30.21 -27.35
C TRP L 89 -5.88 29.75 -25.94
N CYS L 90 -5.34 30.66 -25.13
CA CYS L 90 -5.02 30.35 -23.74
C CYS L 90 -6.23 30.64 -22.85
N VAL L 91 -6.79 29.60 -22.25
CA VAL L 91 -7.74 29.73 -21.13
C VAL L 91 -7.10 29.06 -19.91
N GLY L 92 -7.22 29.71 -18.76
CA GLY L 92 -6.63 29.17 -17.55
C GLY L 92 -5.15 29.47 -17.44
N GLN L 93 -4.31 28.62 -18.04
CA GLN L 93 -2.89 28.88 -18.01
C GLN L 93 -2.23 28.17 -19.18
N ALA L 94 -1.10 28.71 -19.60
CA ALA L 94 -0.17 28.09 -20.54
C ALA L 94 1.19 28.25 -19.88
N ALA L 95 1.63 27.20 -19.21
CA ALA L 95 2.90 27.18 -18.50
C ALA L 95 3.87 26.22 -19.18
N SER L 96 5.15 26.59 -19.19
CA SER L 96 6.23 25.75 -19.71
C SER L 96 5.88 25.40 -21.15
N MET L 97 5.89 24.11 -21.54
CA MET L 97 5.58 23.70 -22.92
C MET L 97 4.24 24.24 -23.40
N GLY L 98 3.29 24.46 -22.50
CA GLY L 98 2.01 25.03 -22.92
C GLY L 98 2.15 26.40 -23.56
N SER L 99 3.02 27.24 -23.00
CA SER L 99 3.23 28.57 -23.59
C SER L 99 4.07 28.50 -24.87
N LEU L 100 4.92 27.50 -25.01
CA LEU L 100 5.57 27.33 -26.31
C LEU L 100 4.52 27.07 -27.38
N LEU L 101 3.57 26.18 -27.11
CA LEU L 101 2.55 25.89 -28.11
C LEU L 101 1.69 27.12 -28.39
N LEU L 102 1.28 27.81 -27.34
CA LEU L 102 0.54 29.06 -27.54
C LEU L 102 1.32 30.01 -28.45
N ALA L 103 2.60 30.22 -28.17
CA ALA L 103 3.40 31.15 -28.94
C ALA L 103 3.62 30.67 -30.38
N ALA L 104 3.34 29.39 -30.65
CA ALA L 104 3.59 28.78 -31.94
C ALA L 104 2.41 28.89 -32.90
N GLY L 105 1.26 29.42 -32.45
CA GLY L 105 0.15 29.68 -33.35
C GLY L 105 0.54 30.62 -34.46
N THR L 106 -0.29 30.68 -35.50
CA THR L 106 0.01 31.53 -36.64
C THR L 106 0.16 32.97 -36.18
N PRO L 107 1.14 33.71 -36.69
CA PRO L 107 1.28 35.12 -36.33
C PRO L 107 -0.07 35.83 -36.54
N GLY L 108 -0.41 36.71 -35.60
CA GLY L 108 -1.70 37.36 -35.62
C GLY L 108 -2.86 36.59 -35.00
N MET L 109 -2.73 35.28 -34.82
CA MET L 109 -3.85 34.46 -34.37
C MET L 109 -3.58 33.76 -33.04
N ARG L 110 -2.75 34.36 -32.19
CA ARG L 110 -2.44 33.80 -30.87
C ARG L 110 -3.18 34.61 -29.81
N HIS L 111 -4.11 33.97 -29.08
CA HIS L 111 -5.01 34.67 -28.17
C HIS L 111 -4.94 34.15 -26.75
N SER L 112 -5.33 35.02 -25.80
CA SER L 112 -5.55 34.64 -24.42
C SER L 112 -6.89 35.18 -23.94
N LEU L 113 -7.52 34.46 -23.03
CA LEU L 113 -8.65 35.02 -22.30
C LEU L 113 -8.12 35.97 -21.23
N PRO L 114 -8.96 36.87 -20.70
CA PRO L 114 -8.44 37.98 -19.89
C PRO L 114 -7.79 37.57 -18.59
N ASN L 115 -8.17 36.45 -17.99
CA ASN L 115 -7.62 36.04 -16.70
C ASN L 115 -6.59 34.92 -16.78
N SER L 116 -6.16 34.52 -17.99
CA SER L 116 -5.16 33.46 -18.08
C SER L 116 -3.82 33.92 -17.50
N ARG L 117 -3.00 32.93 -17.14
CA ARG L 117 -1.63 33.14 -16.68
C ARG L 117 -0.70 32.39 -17.62
N ILE L 118 0.41 33.03 -17.98
CA ILE L 118 1.36 32.52 -18.96
C ILE L 118 2.75 32.44 -18.32
N MET L 119 3.39 31.27 -18.40
CA MET L 119 4.72 31.06 -17.83
C MET L 119 5.63 30.43 -18.88
N ILE L 120 6.76 31.09 -19.17
CA ILE L 120 7.77 30.46 -20.01
C ILE L 120 8.85 29.76 -19.19
N HIS L 121 9.03 30.13 -17.93
CA HIS L 121 9.81 29.34 -17.00
C HIS L 121 9.43 27.85 -17.12
N GLN L 122 10.40 26.98 -16.86
CA GLN L 122 10.18 25.53 -16.83
C GLN L 122 10.40 25.08 -15.40
N PRO L 123 9.34 24.83 -14.63
CA PRO L 123 9.53 24.40 -13.24
C PRO L 123 10.43 23.17 -13.18
N ILE L 136 18.43 11.65 -18.08
CA ILE L 136 19.41 11.82 -19.17
C ILE L 136 20.60 12.67 -18.71
N GLN L 137 21.65 12.68 -19.52
CA GLN L 137 22.90 13.31 -19.14
C GLN L 137 22.76 14.83 -19.16
N ALA L 138 23.62 15.50 -18.38
CA ALA L 138 23.59 16.96 -18.30
C ALA L 138 23.59 17.58 -19.69
N GLU L 139 24.55 17.16 -20.54
CA GLU L 139 24.68 17.80 -21.83
C GLU L 139 23.39 17.70 -22.63
N GLU L 140 22.68 16.59 -22.51
CA GLU L 140 21.44 16.42 -23.26
C GLU L 140 20.32 17.31 -22.70
N ILE L 141 20.29 17.49 -21.39
CA ILE L 141 19.30 18.40 -20.81
C ILE L 141 19.51 19.82 -21.32
N MET L 142 20.77 20.28 -21.33
CA MET L 142 21.09 21.60 -21.88
C MET L 142 20.68 21.72 -23.34
N LYS L 143 20.95 20.68 -24.13
CA LYS L 143 20.58 20.68 -25.55
C LYS L 143 19.10 20.93 -25.74
N LEU L 144 18.28 20.22 -24.96
CA LEU L 144 16.84 20.44 -25.01
C LEU L 144 16.50 21.88 -24.64
N LYS L 145 17.13 22.40 -23.60
CA LYS L 145 16.83 23.77 -23.17
C LYS L 145 17.15 24.77 -24.28
N LYS L 146 18.25 24.57 -25.00
CA LYS L 146 18.62 25.51 -26.06
C LYS L 146 17.66 25.42 -27.25
N GLN L 147 17.11 24.23 -27.53
CA GLN L 147 16.02 24.13 -28.48
C GLN L 147 14.84 24.98 -28.05
N LEU L 148 14.55 25.02 -26.76
CA LEU L 148 13.44 25.84 -26.33
C LEU L 148 13.76 27.32 -26.53
N TYR L 149 14.99 27.71 -26.16
CA TYR L 149 15.40 29.11 -26.34
C TYR L 149 15.20 29.55 -27.78
N ASN L 150 15.62 28.71 -28.73
CA ASN L 150 15.57 29.10 -30.13
C ASN L 150 14.14 29.17 -30.64
N ILE L 151 13.28 28.25 -30.18
CA ILE L 151 11.88 28.29 -30.61
C ILE L 151 11.19 29.55 -30.07
N TYR L 152 11.45 29.88 -28.80
CA TYR L 152 10.88 31.09 -28.23
C TYR L 152 11.40 32.33 -28.94
N ALA L 153 12.70 32.38 -29.21
CA ALA L 153 13.23 33.55 -29.93
C ALA L 153 12.56 33.72 -31.28
N LYS L 154 12.37 32.63 -32.02
CA LYS L 154 11.74 32.73 -33.34
C LYS L 154 10.35 33.33 -33.23
N HIS L 155 9.50 32.79 -32.34
CA HIS L 155 8.11 33.18 -32.37
C HIS L 155 7.81 34.41 -31.56
N THR L 156 8.62 34.73 -30.56
CA THR L 156 8.39 35.97 -29.83
C THR L 156 9.20 37.14 -30.39
N LYS L 157 10.22 36.85 -31.19
CA LYS L 157 11.13 37.86 -31.72
C LYS L 157 11.94 38.55 -30.62
N GLN L 158 12.01 37.97 -29.43
CA GLN L 158 12.94 38.46 -28.43
C GLN L 158 14.31 37.84 -28.68
N SER L 159 15.35 38.49 -28.15
CA SER L 159 16.70 37.94 -28.27
C SER L 159 16.87 36.71 -27.39
N LEU L 160 17.80 35.84 -27.77
CA LEU L 160 18.11 34.66 -26.97
C LEU L 160 18.55 35.07 -25.57
N GLN L 161 19.32 36.15 -25.49
CA GLN L 161 19.73 36.74 -24.21
C GLN L 161 18.53 36.98 -23.31
N VAL L 162 17.52 37.68 -23.83
CA VAL L 162 16.37 38.04 -23.01
C VAL L 162 15.55 36.80 -22.66
N ILE L 163 15.39 35.92 -23.63
CA ILE L 163 14.61 34.70 -23.43
C ILE L 163 15.20 33.87 -22.31
N GLU L 164 16.49 33.63 -22.39
CA GLU L 164 17.14 32.81 -21.37
C GLU L 164 17.05 33.48 -19.99
N SER L 165 17.20 34.81 -19.95
CA SER L 165 17.04 35.50 -18.68
C SER L 165 15.62 35.36 -18.15
N ALA L 166 14.63 35.54 -19.02
CA ALA L 166 13.25 35.49 -18.60
C ALA L 166 12.89 34.09 -18.08
N MET L 167 13.44 33.04 -18.71
CA MET L 167 13.11 31.66 -18.38
C MET L 167 13.70 31.25 -17.05
N GLU L 168 14.64 32.01 -16.53
CA GLU L 168 15.17 31.79 -15.19
C GLU L 168 14.20 32.22 -14.11
N ARG L 169 13.31 33.15 -14.41
CA ARG L 169 12.48 33.76 -13.38
C ARG L 169 11.24 32.91 -13.14
N ASP L 170 11.02 32.54 -11.89
CA ASP L 170 9.88 31.70 -11.57
C ASP L 170 8.65 32.57 -11.34
N ARG L 171 7.98 32.92 -12.44
CA ARG L 171 6.87 33.87 -12.39
C ARG L 171 5.90 33.60 -13.55
N TYR L 172 4.67 34.09 -13.39
CA TYR L 172 3.70 34.11 -14.45
C TYR L 172 3.60 35.52 -15.03
N MET L 173 3.07 35.59 -16.25
CA MET L 173 2.78 36.86 -16.91
C MET L 173 1.29 36.97 -17.13
N SER L 174 0.79 38.19 -17.05
CA SER L 174 -0.57 38.48 -17.44
C SER L 174 -0.67 38.36 -18.96
N PRO L 175 -1.86 38.20 -19.49
CA PRO L 175 -2.00 38.16 -20.95
C PRO L 175 -1.43 39.38 -21.65
N MET L 176 -1.58 40.57 -21.08
CA MET L 176 -1.02 41.77 -21.70
C MET L 176 0.50 41.73 -21.68
N GLU L 177 1.09 41.34 -20.55
CA GLU L 177 2.54 41.22 -20.53
C GLU L 177 3.03 40.22 -21.58
N ALA L 178 2.33 39.09 -21.72
CA ALA L 178 2.71 38.10 -22.73
C ALA L 178 2.55 38.65 -24.14
N GLN L 179 1.46 39.38 -24.39
CA GLN L 179 1.32 40.03 -25.69
C GLN L 179 2.51 40.98 -25.96
N GLU L 180 2.84 41.82 -24.98
CA GLU L 180 3.98 42.71 -25.14
C GLU L 180 5.29 41.93 -25.27
N PHE L 181 5.37 40.74 -24.70
CA PHE L 181 6.55 39.91 -24.87
C PHE L 181 6.58 39.24 -26.25
N GLY L 182 5.46 39.22 -26.97
CA GLY L 182 5.43 38.52 -28.23
C GLY L 182 5.04 37.05 -28.15
N ILE L 183 4.50 36.61 -27.01
CA ILE L 183 3.98 35.26 -26.87
C ILE L 183 2.62 35.14 -27.55
N LEU L 184 1.85 36.23 -27.60
CA LEU L 184 0.56 36.20 -28.26
C LEU L 184 0.25 37.57 -28.83
N ASP L 185 -0.83 37.65 -29.62
CA ASP L 185 -1.18 38.88 -30.31
C ASP L 185 -2.43 39.57 -29.80
N LYS L 186 -3.38 38.87 -29.18
CA LYS L 186 -4.62 39.52 -28.77
C LYS L 186 -5.09 38.99 -27.42
N VAL L 187 -5.55 39.91 -26.57
CA VAL L 187 -6.18 39.54 -25.30
C VAL L 187 -7.68 39.76 -25.49
N LEU L 188 -8.41 38.66 -25.62
CA LEU L 188 -9.80 38.62 -26.06
C LEU L 188 -10.74 38.65 -24.86
N VAL L 189 -11.80 39.47 -24.93
CA VAL L 189 -12.82 39.53 -23.88
C VAL L 189 -14.17 38.99 -24.37
N HIS L 190 -14.64 39.48 -25.51
CA HIS L 190 -15.92 39.13 -26.09
C HIS L 190 -15.71 38.86 -27.58
N PRO L 191 -16.60 38.09 -28.20
CA PRO L 191 -16.35 37.59 -29.58
C PRO L 191 -16.17 38.71 -30.60
N ILE M 2 -10.55 8.91 -26.75
CA ILE M 2 -10.14 9.16 -28.13
C ILE M 2 -11.31 9.72 -28.93
N PRO M 3 -11.10 10.79 -29.71
CA PRO M 3 -12.20 11.37 -30.48
C PRO M 3 -12.67 10.43 -31.58
N ILE M 4 -13.92 10.66 -32.02
CA ILE M 4 -14.51 9.96 -33.16
C ILE M 4 -14.51 10.90 -34.35
N VAL M 5 -14.23 10.36 -35.53
CA VAL M 5 -14.28 11.13 -36.77
C VAL M 5 -15.09 10.37 -37.80
N VAL M 6 -15.74 11.12 -38.67
CA VAL M 6 -16.60 10.53 -39.70
C VAL M 6 -16.05 10.85 -41.09
N ALA M 15 -18.15 5.97 -38.96
CA ALA M 15 -17.53 6.64 -37.82
C ALA M 15 -16.36 5.81 -37.25
N TYR M 16 -15.28 6.49 -36.84
CA TYR M 16 -14.06 5.83 -36.37
C TYR M 16 -13.52 6.54 -35.14
N ASP M 17 -12.93 5.78 -34.23
CA ASP M 17 -11.92 6.37 -33.36
C ASP M 17 -10.73 6.81 -34.21
N ILE M 18 -10.09 7.92 -33.83
CA ILE M 18 -9.18 8.60 -34.76
C ILE M 18 -7.93 7.78 -35.08
N TYR M 19 -7.53 6.84 -34.23
CA TYR M 19 -6.40 5.99 -34.58
C TYR M 19 -6.79 4.95 -35.62
N SER M 20 -7.97 4.34 -35.43
CA SER M 20 -8.48 3.47 -36.49
C SER M 20 -8.62 4.23 -37.80
N ARG M 21 -9.00 5.52 -37.72
CA ARG M 21 -9.08 6.33 -38.92
C ARG M 21 -7.72 6.50 -39.57
N LEU M 22 -6.68 6.73 -38.77
CA LEU M 22 -5.33 6.77 -39.32
C LEU M 22 -4.93 5.41 -39.87
N LEU M 23 -5.42 4.33 -39.28
CA LEU M 23 -5.08 3.00 -39.77
C LEU M 23 -5.60 2.79 -41.19
N ARG M 24 -6.77 3.35 -41.51
CA ARG M 24 -7.31 3.24 -42.86
C ARG M 24 -6.50 4.02 -43.87
N GLU M 25 -5.68 4.98 -43.43
CA GLU M 25 -4.77 5.70 -44.29
C GLU M 25 -3.37 5.12 -44.23
N ARG M 26 -3.25 3.86 -43.79
CA ARG M 26 -2.00 3.13 -43.76
C ARG M 26 -0.99 3.73 -42.78
N ILE M 27 -1.45 4.43 -41.74
CA ILE M 27 -0.56 4.97 -40.71
C ILE M 27 -0.60 4.05 -39.49
N VAL M 28 0.57 3.59 -39.06
CA VAL M 28 0.69 2.79 -37.85
C VAL M 28 1.49 3.59 -36.84
N CYS M 29 0.97 3.70 -35.60
CA CYS M 29 1.63 4.49 -34.57
C CYS M 29 2.44 3.61 -33.66
N VAL M 30 3.70 3.99 -33.46
CA VAL M 30 4.55 3.36 -32.46
C VAL M 30 4.93 4.41 -31.43
N MET M 31 3.98 4.78 -30.56
CA MET M 31 4.21 5.76 -29.51
C MET M 31 4.28 5.06 -28.17
N GLY M 32 5.29 5.42 -27.38
CA GLY M 32 5.40 4.92 -26.03
C GLY M 32 6.42 3.81 -25.98
N PRO M 33 6.63 3.26 -24.79
CA PRO M 33 7.52 2.11 -24.65
C PRO M 33 7.04 0.95 -25.50
N ILE M 34 8.00 0.23 -26.08
CA ILE M 34 7.72 -0.97 -26.85
C ILE M 34 7.71 -2.15 -25.89
N ASP M 35 6.59 -2.83 -25.79
CA ASP M 35 6.56 -4.11 -25.10
C ASP M 35 5.82 -5.12 -25.98
N ASP M 36 5.68 -6.35 -25.47
CA ASP M 36 5.10 -7.41 -26.29
C ASP M 36 3.69 -7.07 -26.77
N SER M 37 2.90 -6.35 -25.96
CA SER M 37 1.56 -6.04 -26.45
C SER M 37 1.59 -4.94 -27.49
N VAL M 38 2.52 -3.98 -27.38
CA VAL M 38 2.71 -3.06 -28.48
C VAL M 38 3.16 -3.80 -29.72
N ALA M 39 4.10 -4.75 -29.57
CA ALA M 39 4.64 -5.47 -30.72
C ALA M 39 3.56 -6.26 -31.42
N SER M 40 2.76 -7.01 -30.65
CA SER M 40 1.68 -7.77 -31.27
C SER M 40 0.71 -6.84 -31.98
N LEU M 41 0.46 -5.66 -31.42
CA LEU M 41 -0.49 -4.77 -32.07
C LEU M 41 0.10 -4.18 -33.34
N VAL M 42 1.36 -3.75 -33.28
CA VAL M 42 2.00 -3.24 -34.49
C VAL M 42 2.09 -4.34 -35.54
N ILE M 43 2.58 -5.52 -35.16
CA ILE M 43 2.67 -6.62 -36.12
C ILE M 43 1.32 -6.89 -36.77
N ALA M 44 0.25 -6.93 -35.96
CA ALA M 44 -1.07 -7.18 -36.53
C ALA M 44 -1.44 -6.11 -37.54
N GLN M 45 -1.13 -4.87 -37.26
CA GLN M 45 -1.51 -3.82 -38.21
C GLN M 45 -0.67 -3.91 -39.49
N LEU M 46 0.64 -4.14 -39.36
CA LEU M 46 1.48 -4.26 -40.55
C LEU M 46 1.02 -5.39 -41.46
N LEU M 47 0.77 -6.58 -40.88
CA LEU M 47 0.33 -7.71 -41.68
C LEU M 47 -1.00 -7.41 -42.35
N PHE M 48 -1.92 -6.78 -41.61
CA PHE M 48 -3.21 -6.43 -42.19
C PHE M 48 -3.03 -5.46 -43.35
N LEU M 49 -2.25 -4.39 -43.16
CA LEU M 49 -2.06 -3.42 -44.23
C LEU M 49 -1.48 -4.08 -45.47
N GLN M 50 -0.47 -4.95 -45.32
CA GLN M 50 0.07 -5.63 -46.48
C GLN M 50 -1.00 -6.40 -47.25
N SER M 51 -1.99 -6.93 -46.55
CA SER M 51 -3.02 -7.73 -47.20
C SER M 51 -4.02 -6.85 -47.90
N GLU M 52 -4.25 -5.64 -47.38
CA GLU M 52 -5.00 -4.65 -48.12
C GLU M 52 -4.30 -4.31 -49.44
N SER M 53 -2.98 -4.27 -49.43
CA SER M 53 -2.15 -3.98 -50.60
C SER M 53 -0.69 -4.25 -50.28
N ASN M 54 -0.04 -5.15 -51.00
CA ASN M 54 1.37 -5.33 -50.71
C ASN M 54 2.24 -4.32 -51.46
N LYS M 55 1.63 -3.31 -52.09
CA LYS M 55 2.39 -2.26 -52.77
C LYS M 55 2.27 -0.88 -52.16
N LYS M 56 1.09 -0.46 -51.70
CA LYS M 56 0.94 0.90 -51.20
C LYS M 56 1.86 1.12 -49.99
N PRO M 57 2.46 2.30 -49.85
CA PRO M 57 3.35 2.53 -48.70
C PRO M 57 2.59 2.39 -47.38
N ILE M 58 3.34 2.12 -46.32
CA ILE M 58 2.84 2.17 -44.95
C ILE M 58 3.64 3.21 -44.18
N HIS M 59 2.95 4.08 -43.46
CA HIS M 59 3.58 5.09 -42.62
C HIS M 59 3.64 4.62 -41.17
N MET M 60 4.84 4.59 -40.62
CA MET M 60 5.08 4.18 -39.24
C MET M 60 5.52 5.43 -38.49
N TYR M 61 4.68 5.90 -37.55
CA TYR M 61 4.98 7.07 -36.72
C TYR M 61 5.64 6.61 -35.44
N ILE M 62 6.86 7.10 -35.17
CA ILE M 62 7.65 6.61 -34.05
C ILE M 62 7.92 7.76 -33.09
N ASN M 63 7.40 7.65 -31.86
CA ASN M 63 7.78 8.54 -30.75
C ASN M 63 7.94 7.61 -29.55
N SER M 64 9.18 7.17 -29.32
CA SER M 64 9.36 6.11 -28.35
C SER M 64 10.69 6.18 -27.64
N PRO M 65 10.72 5.86 -26.34
CA PRO M 65 12.00 5.80 -25.61
C PRO M 65 12.69 4.46 -25.69
N GLY M 66 12.13 3.52 -26.44
CA GLY M 66 12.66 2.17 -26.49
C GLY M 66 11.74 1.20 -25.81
N GLY M 67 12.30 0.06 -25.41
CA GLY M 67 11.52 -0.94 -24.70
C GLY M 67 12.19 -2.30 -24.70
N VAL M 68 11.36 -3.35 -24.67
CA VAL M 68 11.86 -4.70 -24.59
C VAL M 68 12.53 -5.07 -25.93
N VAL M 69 13.76 -5.56 -25.84
CA VAL M 69 14.54 -5.78 -27.06
C VAL M 69 13.83 -6.78 -27.98
N THR M 70 13.47 -7.97 -27.45
CA THR M 70 12.87 -9.01 -28.28
C THR M 70 11.56 -8.58 -28.89
N ALA M 71 10.77 -7.76 -28.17
CA ALA M 71 9.57 -7.20 -28.77
C ALA M 71 9.92 -6.23 -29.90
N GLY M 72 10.96 -5.41 -29.71
CA GLY M 72 11.41 -4.54 -30.79
C GLY M 72 11.88 -5.34 -32.01
N LEU M 73 12.62 -6.41 -31.79
CA LEU M 73 13.06 -7.25 -32.91
C LEU M 73 11.89 -7.90 -33.65
N ALA M 74 10.76 -8.13 -32.95
CA ALA M 74 9.60 -8.75 -33.58
C ALA M 74 9.00 -7.79 -34.61
N ILE M 75 8.87 -6.52 -34.24
CA ILE M 75 8.44 -5.49 -35.19
C ILE M 75 9.45 -5.37 -36.33
N TYR M 76 10.75 -5.33 -35.99
CA TYR M 76 11.77 -5.22 -37.02
C TYR M 76 11.61 -6.34 -38.04
N ASP M 77 11.54 -7.59 -37.56
CA ASP M 77 11.48 -8.73 -38.47
C ASP M 77 10.22 -8.67 -39.33
N THR M 78 9.12 -8.24 -38.74
CA THR M 78 7.90 -8.07 -39.53
C THR M 78 8.09 -7.00 -40.59
N MET M 79 8.72 -5.88 -40.22
CA MET M 79 9.00 -4.83 -41.19
C MET M 79 9.80 -5.39 -42.36
N GLN M 80 10.89 -6.08 -42.07
CA GLN M 80 11.73 -6.67 -43.11
C GLN M 80 10.97 -7.74 -43.89
N TYR M 81 9.93 -8.33 -43.29
CA TYR M 81 9.22 -9.46 -43.89
C TYR M 81 8.25 -8.99 -44.97
N ILE M 82 7.41 -8.00 -44.66
CA ILE M 82 6.43 -7.53 -45.63
C ILE M 82 7.12 -6.81 -46.79
N LEU M 83 6.44 -6.78 -47.94
CA LEU M 83 7.01 -6.29 -49.19
C LEU M 83 6.74 -4.81 -49.41
N ASN M 84 5.87 -4.22 -48.60
CA ASN M 84 5.54 -2.83 -48.76
C ASN M 84 6.74 -1.93 -48.47
N PRO M 85 6.82 -0.78 -49.13
CA PRO M 85 7.73 0.26 -48.65
C PRO M 85 7.19 0.82 -47.34
N ILE M 86 8.06 0.95 -46.34
CA ILE M 86 7.67 1.48 -45.05
C ILE M 86 8.39 2.80 -44.83
N CYS M 87 7.63 3.89 -44.80
CA CYS M 87 8.15 5.19 -44.41
C CYS M 87 8.10 5.33 -42.90
N THR M 88 9.26 5.56 -42.29
CA THR M 88 9.33 5.80 -40.86
C THR M 88 9.41 7.31 -40.60
N TRP M 89 8.70 7.75 -39.56
CA TRP M 89 8.64 9.17 -39.19
C TRP M 89 8.90 9.31 -37.70
N CYS M 90 9.98 9.99 -37.35
CA CYS M 90 10.29 10.23 -35.94
C CYS M 90 9.75 11.59 -35.52
N VAL M 91 8.80 11.61 -34.59
CA VAL M 91 8.38 12.85 -33.96
C VAL M 91 8.66 12.73 -32.46
N GLY M 92 9.18 13.81 -31.87
CA GLY M 92 9.55 13.76 -30.47
C GLY M 92 10.90 13.10 -30.27
N GLN M 93 10.93 11.77 -30.19
CA GLN M 93 12.17 11.05 -29.96
C GLN M 93 12.03 9.61 -30.46
N ALA M 94 13.18 9.03 -30.82
CA ALA M 94 13.33 7.60 -31.09
C ALA M 94 14.62 7.19 -30.42
N ALA M 95 14.52 6.49 -29.30
CA ALA M 95 15.66 6.07 -28.48
C ALA M 95 15.68 4.55 -28.34
N SER M 96 16.89 3.99 -28.33
N SER M 96 16.89 3.99 -28.33
CA SER M 96 17.10 2.56 -28.13
CA SER M 96 17.08 2.55 -28.11
C SER M 96 16.36 1.83 -29.24
C SER M 96 16.37 1.81 -29.24
N MET M 97 15.46 0.88 -28.92
CA MET M 97 14.73 0.15 -29.95
C MET M 97 13.93 1.07 -30.85
N GLY M 98 13.38 2.16 -30.32
CA GLY M 98 12.73 3.15 -31.17
C GLY M 98 13.58 3.58 -32.35
N SER M 99 14.87 3.85 -32.11
CA SER M 99 15.69 4.29 -33.23
C SER M 99 16.08 3.13 -34.14
N LEU M 100 16.08 1.90 -33.62
CA LEU M 100 16.29 0.77 -34.52
C LEU M 100 15.17 0.70 -35.55
N LEU M 101 13.91 0.75 -35.08
CA LEU M 101 12.79 0.73 -36.01
C LEU M 101 12.85 1.89 -36.99
N LEU M 102 13.25 3.07 -36.53
CA LEU M 102 13.34 4.21 -37.41
C LEU M 102 14.33 3.94 -38.54
N ALA M 103 15.49 3.38 -38.20
CA ALA M 103 16.55 3.08 -39.16
C ALA M 103 16.16 1.99 -40.15
N ALA M 104 15.23 1.10 -39.77
CA ALA M 104 14.80 -0.03 -40.57
C ALA M 104 13.71 0.33 -41.56
N GLY M 105 13.31 1.59 -41.63
CA GLY M 105 12.44 2.02 -42.72
C GLY M 105 13.04 1.70 -44.06
N THR M 106 12.18 1.66 -45.07
CA THR M 106 12.62 1.46 -46.44
C THR M 106 13.67 2.51 -46.81
N PRO M 107 14.80 2.13 -47.39
CA PRO M 107 15.81 3.12 -47.78
C PRO M 107 15.26 4.24 -48.64
N GLY M 108 15.64 5.46 -48.32
CA GLY M 108 15.05 6.63 -48.93
C GLY M 108 13.83 7.19 -48.22
N MET M 109 13.25 6.46 -47.26
CA MET M 109 11.97 6.85 -46.68
C MET M 109 11.97 6.91 -45.15
N ARG M 110 13.14 7.10 -44.55
CA ARG M 110 13.26 7.33 -43.12
C ARG M 110 13.35 8.83 -42.87
N HIS M 111 12.42 9.36 -42.05
CA HIS M 111 12.25 10.79 -41.84
C HIS M 111 12.22 11.16 -40.37
N SER M 112 12.50 12.45 -40.11
CA SER M 112 12.30 13.02 -38.80
C SER M 112 11.82 14.46 -38.94
N LEU M 113 11.06 14.89 -37.94
CA LEU M 113 10.68 16.28 -37.78
C LEU M 113 11.87 17.05 -37.22
N PRO M 114 11.88 18.38 -37.37
CA PRO M 114 13.12 19.14 -37.09
C PRO M 114 13.60 19.08 -35.66
N ASN M 115 12.72 18.90 -34.67
CA ASN M 115 13.13 18.99 -33.28
C ASN M 115 13.15 17.64 -32.57
N SER M 116 13.05 16.54 -33.31
CA SER M 116 13.11 15.23 -32.68
C SER M 116 14.49 14.96 -32.12
N ARG M 117 14.59 14.01 -31.21
CA ARG M 117 15.91 13.56 -30.78
C ARG M 117 16.02 12.06 -30.98
N ILE M 118 17.20 11.61 -31.41
CA ILE M 118 17.42 10.25 -31.85
C ILE M 118 18.57 9.68 -31.02
N MET M 119 18.40 8.48 -30.50
CA MET M 119 19.48 7.89 -29.71
C MET M 119 19.63 6.41 -30.04
N ILE M 120 20.86 6.00 -30.38
CA ILE M 120 21.14 4.59 -30.66
C ILE M 120 21.74 3.92 -29.44
N HIS M 121 22.31 4.68 -28.51
CA HIS M 121 22.65 4.17 -27.19
C HIS M 121 21.49 3.36 -26.61
N GLN M 122 21.83 2.36 -25.79
CA GLN M 122 20.83 1.59 -25.05
C GLN M 122 20.96 1.96 -23.57
N PRO M 123 20.10 2.83 -23.05
CA PRO M 123 20.16 3.13 -21.62
C PRO M 123 20.17 1.84 -20.80
N ILE M 136 17.63 -13.15 -17.99
CA ILE M 136 18.55 -13.82 -18.91
C ILE M 136 19.96 -13.73 -18.36
N GLN M 137 20.78 -14.70 -18.78
CA GLN M 137 22.19 -14.75 -18.43
C GLN M 137 22.99 -13.76 -19.26
N ALA M 138 24.20 -13.45 -18.76
CA ALA M 138 25.05 -12.43 -19.39
C ALA M 138 25.33 -12.75 -20.86
N GLU M 139 25.65 -14.01 -21.16
CA GLU M 139 25.92 -14.38 -22.55
C GLU M 139 24.71 -14.05 -23.43
N GLU M 140 23.52 -14.09 -22.86
CA GLU M 140 22.32 -13.84 -23.66
C GLU M 140 22.08 -12.36 -23.88
N ILE M 141 22.34 -11.52 -22.86
CA ILE M 141 22.20 -10.08 -23.06
C ILE M 141 23.15 -9.64 -24.17
N MET M 142 24.39 -10.14 -24.12
CA MET M 142 25.39 -9.85 -25.14
C MET M 142 25.01 -10.40 -26.51
N LYS M 143 24.33 -11.55 -26.59
CA LYS M 143 23.92 -12.05 -27.90
C LYS M 143 22.90 -11.11 -28.53
N LEU M 144 21.95 -10.62 -27.73
CA LEU M 144 21.02 -9.61 -28.20
C LEU M 144 21.75 -8.34 -28.63
N LYS M 145 22.68 -7.85 -27.82
CA LYS M 145 23.39 -6.63 -28.18
C LYS M 145 24.10 -6.80 -29.52
N LYS M 146 24.87 -7.89 -29.69
CA LYS M 146 25.53 -8.17 -30.96
C LYS M 146 24.54 -8.17 -32.12
N GLN M 147 23.32 -8.65 -31.89
CA GLN M 147 22.29 -8.58 -32.92
C GLN M 147 21.92 -7.14 -33.25
N LEU M 148 21.83 -6.29 -32.22
CA LEU M 148 21.56 -4.89 -32.49
C LEU M 148 22.69 -4.25 -33.28
N TYR M 149 23.94 -4.62 -32.98
CA TYR M 149 25.08 -4.15 -33.75
C TYR M 149 24.93 -4.48 -35.23
N ASN M 150 24.61 -5.74 -35.55
CA ASN M 150 24.48 -6.12 -36.96
C ASN M 150 23.37 -5.35 -37.64
N ILE M 151 22.23 -5.17 -36.97
CA ILE M 151 21.08 -4.52 -37.60
C ILE M 151 21.38 -3.04 -37.88
N TYR M 152 21.99 -2.34 -36.91
CA TYR M 152 22.28 -0.92 -37.09
C TYR M 152 23.32 -0.71 -38.21
N ALA M 153 24.38 -1.55 -38.24
CA ALA M 153 25.35 -1.47 -39.35
C ALA M 153 24.66 -1.64 -40.70
N LYS M 154 23.89 -2.71 -40.84
CA LYS M 154 23.11 -2.97 -42.05
C LYS M 154 22.32 -1.74 -42.50
N HIS M 155 21.55 -1.13 -41.60
CA HIS M 155 20.62 -0.11 -42.05
C HIS M 155 21.20 1.29 -42.05
N THR M 156 22.23 1.60 -41.23
CA THR M 156 22.91 2.89 -41.39
C THR M 156 23.87 2.87 -42.57
N LYS M 157 24.20 1.67 -43.05
CA LYS M 157 25.24 1.46 -44.03
C LYS M 157 26.62 1.87 -43.51
N GLN M 158 26.81 1.89 -42.19
CA GLN M 158 28.12 2.17 -41.59
C GLN M 158 28.79 0.87 -41.15
N SER M 159 30.11 0.93 -40.97
CA SER M 159 30.80 -0.25 -40.47
C SER M 159 30.32 -0.61 -39.07
N LEU M 160 30.39 -1.91 -38.76
CA LEU M 160 29.99 -2.39 -37.45
C LEU M 160 30.88 -1.84 -36.36
N GLN M 161 32.18 -1.70 -36.65
CA GLN M 161 33.08 -1.07 -35.69
C GLN M 161 32.59 0.31 -35.28
N VAL M 162 32.00 1.05 -36.22
CA VAL M 162 31.61 2.44 -35.92
C VAL M 162 30.35 2.43 -35.07
N ILE M 163 29.39 1.57 -35.41
CA ILE M 163 28.17 1.40 -34.60
C ILE M 163 28.52 1.02 -33.17
N GLU M 164 29.41 0.04 -33.01
CA GLU M 164 29.72 -0.49 -31.69
C GLU M 164 30.35 0.59 -30.82
N SER M 165 31.32 1.32 -31.38
CA SER M 165 31.94 2.41 -30.63
C SER M 165 30.91 3.50 -30.31
N ALA M 166 30.09 3.87 -31.29
CA ALA M 166 29.13 4.95 -31.10
C ALA M 166 28.08 4.61 -30.06
N MET M 167 27.67 3.34 -29.98
CA MET M 167 26.58 3.01 -29.09
C MET M 167 26.97 3.07 -27.63
N GLU M 168 28.26 3.13 -27.32
CA GLU M 168 28.69 3.25 -25.94
C GLU M 168 28.43 4.63 -25.37
N ARG M 169 28.20 5.62 -26.22
CA ARG M 169 28.14 7.01 -25.80
C ARG M 169 26.71 7.36 -25.45
N ASP M 170 26.48 7.77 -24.19
CA ASP M 170 25.15 8.06 -23.71
C ASP M 170 24.79 9.50 -24.13
N ARG M 171 24.23 9.62 -25.34
CA ARG M 171 23.89 10.92 -25.89
C ARG M 171 22.85 10.75 -26.98
N TYR M 172 22.16 11.85 -27.29
CA TYR M 172 21.24 11.91 -28.42
C TYR M 172 21.89 12.61 -29.61
N MET M 173 21.32 12.36 -30.79
CA MET M 173 21.65 13.06 -32.02
C MET M 173 20.47 13.91 -32.43
N SER M 174 20.77 15.07 -33.02
CA SER M 174 19.76 15.85 -33.68
C SER M 174 19.36 15.17 -34.98
N PRO M 175 18.24 15.55 -35.58
CA PRO M 175 17.88 14.93 -36.86
C PRO M 175 18.96 15.08 -37.91
N MET M 176 19.57 16.26 -38.07
CA MET M 176 20.67 16.41 -39.02
C MET M 176 21.81 15.45 -38.72
N GLU M 177 22.19 15.32 -37.45
CA GLU M 177 23.24 14.37 -37.11
C GLU M 177 22.81 12.95 -37.41
N ALA M 178 21.56 12.61 -37.11
CA ALA M 178 21.09 11.26 -37.37
C ALA M 178 21.11 10.97 -38.87
N GLN M 179 20.84 11.99 -39.67
CA GLN M 179 20.94 11.88 -41.13
C GLN M 179 22.36 11.63 -41.58
N GLU M 180 23.30 12.49 -41.15
CA GLU M 180 24.71 12.26 -41.47
C GLU M 180 25.14 10.84 -41.10
N PHE M 181 24.69 10.34 -39.95
CA PHE M 181 25.09 9.00 -39.49
C PHE M 181 24.48 7.85 -40.31
N GLY M 182 23.44 8.11 -41.12
CA GLY M 182 22.79 7.06 -41.87
C GLY M 182 21.56 6.46 -41.20
N ILE M 183 21.14 7.01 -40.06
CA ILE M 183 19.93 6.52 -39.41
C ILE M 183 18.69 6.95 -40.18
N LEU M 184 18.69 8.13 -40.79
CA LEU M 184 17.52 8.51 -41.56
C LEU M 184 17.94 9.24 -42.84
N ASP M 185 16.95 9.46 -43.70
CA ASP M 185 17.20 10.04 -45.00
C ASP M 185 16.78 11.50 -45.13
N LYS M 186 15.75 11.93 -44.40
CA LYS M 186 15.19 13.26 -44.60
C LYS M 186 14.71 13.88 -43.30
N VAL M 187 15.04 15.17 -43.15
CA VAL M 187 14.54 16.05 -42.10
C VAL M 187 13.65 17.08 -42.77
N LEU M 188 12.36 17.04 -42.53
CA LEU M 188 11.46 17.93 -43.23
C LEU M 188 10.72 18.85 -42.27
N VAL M 189 10.55 20.09 -42.71
CA VAL M 189 9.85 21.16 -42.01
C VAL M 189 8.39 21.20 -42.43
N HIS M 190 8.16 21.35 -43.73
CA HIS M 190 6.83 21.41 -44.33
C HIS M 190 6.76 20.37 -45.43
N PRO M 191 5.55 20.04 -45.89
CA PRO M 191 5.43 19.16 -47.08
C PRO M 191 6.12 19.78 -48.28
N PRO M 192 7.31 19.26 -48.66
CA PRO M 192 8.27 19.89 -49.58
C PRO M 192 7.77 20.10 -51.01
N ILE N 2 -7.53 -1.02 -29.05
CA ILE N 2 -7.42 -1.90 -30.18
C ILE N 2 -8.07 -1.21 -31.39
N PRO N 3 -7.35 -0.97 -32.47
CA PRO N 3 -7.98 -0.34 -33.64
C PRO N 3 -8.97 -1.27 -34.31
N ILE N 4 -9.91 -0.64 -35.00
CA ILE N 4 -10.93 -1.31 -35.81
C ILE N 4 -10.52 -1.28 -37.27
N VAL N 5 -10.77 -2.38 -37.98
CA VAL N 5 -10.58 -2.46 -39.41
C VAL N 5 -11.92 -2.85 -40.03
N VAL N 6 -12.03 -2.64 -41.35
CA VAL N 6 -13.31 -2.69 -42.05
C VAL N 6 -13.38 -3.93 -42.94
N GLU N 7 -14.54 -4.57 -42.93
CA GLU N 7 -14.83 -5.78 -43.71
C GLU N 7 -13.72 -6.83 -43.60
N ALA N 15 -16.29 -4.38 -40.21
CA ALA N 15 -15.70 -3.41 -39.30
C ALA N 15 -15.59 -3.94 -37.86
N TYR N 16 -14.39 -4.32 -37.41
CA TYR N 16 -14.22 -4.81 -36.04
C TYR N 16 -12.75 -4.75 -35.65
N ASP N 17 -12.43 -5.32 -34.47
CA ASP N 17 -11.12 -5.14 -33.87
C ASP N 17 -10.06 -5.98 -34.56
N ILE N 18 -8.86 -5.42 -34.67
CA ILE N 18 -7.81 -6.01 -35.50
C ILE N 18 -7.54 -7.46 -35.11
N TYR N 19 -7.67 -7.81 -33.83
CA TYR N 19 -7.35 -9.17 -33.39
C TYR N 19 -8.43 -10.16 -33.82
N SER N 20 -9.69 -9.76 -33.72
CA SER N 20 -10.75 -10.60 -34.27
C SER N 20 -10.58 -10.72 -35.78
N ARG N 21 -10.18 -9.64 -36.44
CA ARG N 21 -9.95 -9.68 -37.88
C ARG N 21 -8.93 -10.74 -38.24
N LEU N 22 -7.86 -10.84 -37.46
CA LEU N 22 -6.85 -11.87 -37.71
C LEU N 22 -7.43 -13.26 -37.47
N LEU N 23 -8.26 -13.40 -36.43
CA LEU N 23 -8.93 -14.67 -36.18
C LEU N 23 -9.72 -15.15 -37.39
N ARG N 24 -10.46 -14.24 -38.03
CA ARG N 24 -11.21 -14.65 -39.21
C ARG N 24 -10.28 -15.19 -40.30
N GLU N 25 -9.03 -14.72 -40.34
CA GLU N 25 -8.05 -15.24 -41.28
C GLU N 25 -7.27 -16.40 -40.70
N ARG N 26 -7.83 -17.05 -39.67
CA ARG N 26 -7.32 -18.30 -39.12
C ARG N 26 -5.96 -18.12 -38.45
N ILE N 27 -5.73 -16.96 -37.87
CA ILE N 27 -4.55 -16.68 -37.05
C ILE N 27 -4.97 -16.62 -35.59
N VAL N 28 -4.21 -17.32 -34.73
CA VAL N 28 -4.45 -17.34 -33.30
C VAL N 28 -3.18 -16.83 -32.61
N CYS N 29 -3.33 -15.79 -31.80
CA CYS N 29 -2.19 -15.14 -31.16
C CYS N 29 -1.94 -15.73 -29.78
N VAL N 30 -0.72 -16.20 -29.57
CA VAL N 30 -0.16 -16.56 -28.26
C VAL N 30 0.96 -15.55 -27.97
N MET N 31 0.57 -14.34 -27.53
CA MET N 31 1.44 -13.18 -27.58
C MET N 31 1.93 -12.69 -26.21
N GLY N 32 1.69 -13.44 -25.14
CA GLY N 32 2.21 -13.07 -23.84
C GLY N 32 2.48 -14.29 -22.97
N PRO N 33 2.58 -14.09 -21.65
CA PRO N 33 2.67 -15.24 -20.73
C PRO N 33 1.44 -16.14 -20.86
N ILE N 34 1.66 -17.46 -20.72
CA ILE N 34 0.58 -18.43 -20.85
C ILE N 34 0.04 -18.76 -19.46
N ASP N 35 -1.26 -18.58 -19.29
CA ASP N 35 -1.89 -18.97 -18.05
C ASP N 35 -3.24 -19.57 -18.41
N ASP N 36 -4.08 -19.82 -17.40
CA ASP N 36 -5.28 -20.59 -17.65
C ASP N 36 -6.23 -19.83 -18.57
N SER N 37 -6.41 -18.52 -18.34
CA SER N 37 -7.35 -17.81 -19.20
C SER N 37 -6.80 -17.65 -20.63
N VAL N 38 -5.48 -17.65 -20.80
CA VAL N 38 -4.92 -17.61 -22.16
C VAL N 38 -5.11 -18.95 -22.86
N ALA N 39 -4.77 -20.04 -22.16
CA ALA N 39 -5.09 -21.38 -22.63
C ALA N 39 -6.57 -21.49 -23.01
N SER N 40 -7.46 -20.94 -22.18
CA SER N 40 -8.87 -21.04 -22.47
C SER N 40 -9.25 -20.30 -23.74
N LEU N 41 -8.76 -19.06 -23.91
CA LEU N 41 -9.04 -18.33 -25.13
C LEU N 41 -8.44 -19.03 -26.35
N VAL N 42 -7.22 -19.55 -26.23
CA VAL N 42 -6.58 -20.15 -27.39
C VAL N 42 -7.37 -21.39 -27.84
N ILE N 43 -7.64 -22.30 -26.88
CA ILE N 43 -8.39 -23.51 -27.18
C ILE N 43 -9.73 -23.17 -27.82
N ALA N 44 -10.45 -22.21 -27.25
CA ALA N 44 -11.69 -21.75 -27.86
C ALA N 44 -11.51 -21.43 -29.33
N GLN N 45 -10.46 -20.66 -29.66
CA GLN N 45 -10.27 -20.25 -31.04
C GLN N 45 -9.89 -21.42 -31.90
N LEU N 46 -8.99 -22.27 -31.43
CA LEU N 46 -8.60 -23.45 -32.19
C LEU N 46 -9.83 -24.31 -32.51
N LEU N 47 -10.63 -24.65 -31.49
CA LEU N 47 -11.81 -25.47 -31.70
C LEU N 47 -12.80 -24.79 -32.62
N PHE N 48 -12.92 -23.46 -32.52
CA PHE N 48 -13.79 -22.73 -33.45
C PHE N 48 -13.27 -22.83 -34.88
N LEU N 49 -11.95 -22.71 -35.06
CA LEU N 49 -11.43 -22.65 -36.42
C LEU N 49 -11.56 -24.01 -37.09
N GLN N 50 -11.40 -25.10 -36.33
CA GLN N 50 -11.68 -26.43 -36.87
C GLN N 50 -13.14 -26.57 -37.29
N SER N 51 -14.07 -25.96 -36.56
CA SER N 51 -15.47 -26.05 -36.93
C SER N 51 -15.74 -25.40 -38.27
N GLU N 52 -15.08 -24.28 -38.56
CA GLU N 52 -15.24 -23.59 -39.83
C GLU N 52 -14.62 -24.38 -40.97
N SER N 53 -13.57 -25.15 -40.68
CA SER N 53 -12.94 -26.01 -41.67
C SER N 53 -11.92 -26.89 -40.97
N ASN N 54 -12.00 -28.18 -41.24
CA ASN N 54 -11.14 -29.14 -40.57
C ASN N 54 -9.87 -29.42 -41.36
N LYS N 55 -9.71 -28.80 -42.52
CA LYS N 55 -8.56 -29.02 -43.40
C LYS N 55 -7.73 -27.77 -43.62
N LYS N 56 -8.35 -26.61 -43.77
CA LYS N 56 -7.58 -25.39 -43.97
C LYS N 56 -6.60 -25.20 -42.81
N PRO N 57 -5.38 -24.78 -43.09
CA PRO N 57 -4.39 -24.61 -42.01
C PRO N 57 -4.82 -23.51 -41.03
N ILE N 58 -4.15 -23.50 -39.88
CA ILE N 58 -4.36 -22.49 -38.84
C ILE N 58 -2.98 -21.94 -38.48
N HIS N 59 -2.91 -20.62 -38.33
CA HIS N 59 -1.64 -19.96 -38.03
C HIS N 59 -1.63 -19.58 -36.55
N MET N 60 -0.64 -20.10 -35.82
CA MET N 60 -0.40 -19.80 -34.41
C MET N 60 0.84 -18.92 -34.29
N TYR N 61 0.65 -17.65 -33.95
CA TYR N 61 1.74 -16.71 -33.74
C TYR N 61 2.17 -16.74 -32.28
N ILE N 62 3.42 -17.09 -32.04
CA ILE N 62 3.95 -17.30 -30.70
C ILE N 62 5.00 -16.23 -30.44
N ASN N 63 4.75 -15.41 -29.42
CA ASN N 63 5.77 -14.50 -28.89
C ASN N 63 5.55 -14.52 -27.38
N SER N 64 6.28 -15.38 -26.68
CA SER N 64 5.85 -15.72 -25.33
C SER N 64 7.03 -16.19 -24.49
N PRO N 65 7.11 -15.74 -23.24
CA PRO N 65 8.15 -16.20 -22.32
C PRO N 65 7.82 -17.50 -21.62
N GLY N 66 6.68 -18.09 -21.92
CA GLY N 66 6.25 -19.29 -21.24
C GLY N 66 5.10 -18.99 -20.31
N GLY N 67 4.98 -19.79 -19.28
CA GLY N 67 3.90 -19.62 -18.34
C GLY N 67 3.61 -20.91 -17.63
N VAL N 68 2.35 -21.05 -17.23
CA VAL N 68 1.91 -22.18 -16.41
C VAL N 68 1.95 -23.48 -17.21
N VAL N 69 2.63 -24.48 -16.66
CA VAL N 69 2.88 -25.71 -17.41
C VAL N 69 1.57 -26.40 -17.79
N THR N 70 0.66 -26.60 -16.83
CA THR N 70 -0.57 -27.30 -17.17
C THR N 70 -1.41 -26.48 -18.13
N ALA N 71 -1.33 -25.15 -18.06
CA ALA N 71 -2.02 -24.35 -19.07
C ALA N 71 -1.41 -24.58 -20.44
N GLY N 72 -0.07 -24.63 -20.52
CA GLY N 72 0.58 -24.92 -21.78
C GLY N 72 0.24 -26.29 -22.32
N LEU N 73 0.14 -27.30 -21.44
CA LEU N 73 -0.22 -28.64 -21.92
C LEU N 73 -1.65 -28.70 -22.39
N ALA N 74 -2.55 -27.90 -21.81
CA ALA N 74 -3.91 -27.86 -22.33
C ALA N 74 -3.91 -27.42 -23.78
N ILE N 75 -3.10 -26.39 -24.10
CA ILE N 75 -3.02 -25.90 -25.47
C ILE N 75 -2.39 -26.95 -26.37
N TYR N 76 -1.27 -27.55 -25.93
CA TYR N 76 -0.66 -28.65 -26.67
C TYR N 76 -1.65 -29.74 -27.02
N ASP N 77 -2.38 -30.26 -26.02
CA ASP N 77 -3.30 -31.37 -26.29
C ASP N 77 -4.37 -30.93 -27.28
N THR N 78 -4.80 -29.68 -27.21
CA THR N 78 -5.77 -29.22 -28.20
C THR N 78 -5.15 -29.14 -29.60
N MET N 79 -3.83 -28.93 -29.68
CA MET N 79 -3.17 -28.86 -30.99
C MET N 79 -3.10 -30.23 -31.63
N GLN N 80 -2.64 -31.23 -30.88
CA GLN N 80 -2.65 -32.61 -31.34
C GLN N 80 -4.06 -33.09 -31.63
N TYR N 81 -5.07 -32.55 -30.94
CA TYR N 81 -6.43 -33.05 -31.09
C TYR N 81 -7.01 -32.66 -32.44
N ILE N 82 -7.00 -31.36 -32.76
CA ILE N 82 -7.69 -30.87 -33.93
C ILE N 82 -7.04 -31.43 -35.20
N LEU N 83 -7.84 -31.48 -36.26
CA LEU N 83 -7.40 -32.16 -37.46
C LEU N 83 -6.59 -31.26 -38.38
N ASN N 84 -6.70 -29.94 -38.22
CA ASN N 84 -6.06 -29.02 -39.15
C ASN N 84 -4.54 -29.06 -39.00
N PRO N 85 -3.81 -28.91 -40.10
CA PRO N 85 -2.37 -28.64 -39.96
C PRO N 85 -2.21 -27.29 -39.25
N ILE N 86 -1.22 -27.22 -38.35
CA ILE N 86 -1.00 -26.01 -37.56
C ILE N 86 0.38 -25.50 -37.88
N CYS N 87 0.45 -24.29 -38.43
CA CYS N 87 1.72 -23.62 -38.70
C CYS N 87 2.09 -22.75 -37.51
N THR N 88 3.22 -23.05 -36.88
CA THR N 88 3.70 -22.26 -35.76
C THR N 88 4.72 -21.23 -36.27
N TRP N 89 4.60 -20.00 -35.79
CA TRP N 89 5.46 -18.89 -36.18
C TRP N 89 5.99 -18.19 -34.94
N CYS N 90 7.31 -18.19 -34.77
CA CYS N 90 7.94 -17.50 -33.66
C CYS N 90 8.37 -16.09 -34.07
N VAL N 91 7.82 -15.08 -33.41
CA VAL N 91 8.29 -13.70 -33.55
C VAL N 91 8.71 -13.23 -32.16
N GLY N 92 9.86 -12.55 -32.07
CA GLY N 92 10.34 -12.16 -30.76
C GLY N 92 11.02 -13.29 -30.01
N GLN N 93 10.27 -14.09 -29.26
CA GLN N 93 10.88 -15.16 -28.48
C GLN N 93 9.87 -16.30 -28.27
N ALA N 94 10.41 -17.44 -27.84
CA ALA N 94 9.61 -18.62 -27.53
C ALA N 94 10.40 -19.36 -26.46
N ALA N 95 10.07 -19.12 -25.21
CA ALA N 95 10.81 -19.67 -24.08
C ALA N 95 9.91 -20.61 -23.29
N SER N 96 10.50 -21.61 -22.66
N SER N 96 10.50 -21.60 -22.64
CA SER N 96 9.77 -22.59 -21.84
CA SER N 96 9.76 -22.56 -21.82
C SER N 96 8.56 -23.05 -22.65
C SER N 96 8.57 -23.06 -22.62
N MET N 97 7.34 -22.94 -22.11
CA MET N 97 6.15 -23.45 -22.76
C MET N 97 5.92 -22.85 -24.13
N GLY N 98 6.42 -21.64 -24.41
CA GLY N 98 6.26 -21.09 -25.75
C GLY N 98 6.94 -21.92 -26.81
N SER N 99 8.14 -22.42 -26.51
CA SER N 99 8.87 -23.19 -27.53
C SER N 99 8.24 -24.57 -27.71
N LEU N 100 7.67 -25.14 -26.64
CA LEU N 100 6.98 -26.42 -26.75
C LEU N 100 5.80 -26.31 -27.71
N LEU N 101 5.03 -25.22 -27.63
CA LEU N 101 3.98 -25.03 -28.61
C LEU N 101 4.57 -24.80 -30.01
N LEU N 102 5.64 -24.00 -30.11
CA LEU N 102 6.31 -23.82 -31.39
C LEU N 102 6.67 -25.17 -31.99
N ALA N 103 7.45 -25.97 -31.25
CA ALA N 103 7.92 -27.28 -31.72
C ALA N 103 6.77 -28.26 -31.97
N ALA N 104 5.59 -27.99 -31.43
CA ALA N 104 4.44 -28.88 -31.55
C ALA N 104 3.61 -28.61 -32.79
N GLY N 105 4.00 -27.63 -33.61
CA GLY N 105 3.29 -27.39 -34.86
C GLY N 105 3.47 -28.55 -35.84
N THR N 106 2.68 -28.52 -36.90
CA THR N 106 2.64 -29.63 -37.86
C THR N 106 3.99 -29.76 -38.55
N PRO N 107 4.54 -30.97 -38.66
CA PRO N 107 5.90 -31.15 -39.21
C PRO N 107 6.05 -30.45 -40.56
N GLY N 108 7.17 -29.73 -40.71
CA GLY N 108 7.41 -28.90 -41.89
C GLY N 108 6.72 -27.55 -41.88
N MET N 109 5.91 -27.25 -40.86
CA MET N 109 5.22 -25.97 -40.81
C MET N 109 5.58 -25.17 -39.56
N ARG N 110 6.75 -25.41 -38.99
CA ARG N 110 7.23 -24.68 -37.81
C ARG N 110 8.31 -23.70 -38.26
N HIS N 111 7.99 -22.40 -38.18
CA HIS N 111 8.87 -21.33 -38.63
C HIS N 111 9.23 -20.36 -37.50
N SER N 112 10.31 -19.62 -37.73
CA SER N 112 10.68 -18.47 -36.93
C SER N 112 11.10 -17.35 -37.86
N LEU N 113 10.92 -16.10 -37.41
CA LEU N 113 11.57 -14.98 -38.09
C LEU N 113 13.04 -14.94 -37.70
N PRO N 114 13.87 -14.21 -38.47
CA PRO N 114 15.33 -14.39 -38.31
C PRO N 114 15.89 -13.98 -36.95
N ASN N 115 15.33 -13.00 -36.28
CA ASN N 115 15.96 -12.53 -35.04
C ASN N 115 15.25 -13.05 -33.78
N SER N 116 14.40 -14.06 -33.92
CA SER N 116 13.76 -14.64 -32.74
C SER N 116 14.79 -15.34 -31.86
N ARG N 117 14.44 -15.48 -30.57
CA ARG N 117 15.22 -16.24 -29.61
C ARG N 117 14.36 -17.38 -29.09
N ILE N 118 14.92 -18.59 -29.06
CA ILE N 118 14.16 -19.77 -28.69
C ILE N 118 14.86 -20.45 -27.52
N MET N 119 14.08 -20.78 -26.48
CA MET N 119 14.64 -21.38 -25.26
C MET N 119 13.76 -22.53 -24.78
N ILE N 120 14.38 -23.69 -24.54
CA ILE N 120 13.64 -24.82 -23.99
C ILE N 120 13.87 -24.98 -22.50
N HIS N 121 14.93 -24.39 -21.97
CA HIS N 121 15.10 -24.33 -20.53
C HIS N 121 13.84 -23.80 -19.86
N GLN N 122 13.53 -24.32 -18.66
CA GLN N 122 12.41 -23.89 -17.82
C GLN N 122 12.96 -23.01 -16.71
N PRO N 123 12.94 -21.68 -16.86
CA PRO N 123 13.43 -20.80 -15.79
C PRO N 123 12.76 -21.14 -14.47
N ALA N 135 0.43 -25.37 -5.42
CA ALA N 135 1.50 -25.85 -4.57
C ALA N 135 1.59 -27.37 -4.65
N ILE N 136 2.59 -27.88 -5.37
CA ILE N 136 2.67 -29.31 -5.68
C ILE N 136 3.95 -29.90 -5.10
N GLN N 137 3.87 -31.20 -4.76
CA GLN N 137 5.00 -31.92 -4.19
C GLN N 137 6.12 -32.08 -5.21
N ALA N 138 7.33 -32.31 -4.69
CA ALA N 138 8.48 -32.59 -5.55
C ALA N 138 8.14 -33.62 -6.61
N GLU N 139 7.56 -34.75 -6.19
CA GLU N 139 7.22 -35.82 -7.13
C GLU N 139 6.36 -35.32 -8.29
N GLU N 140 5.37 -34.47 -8.01
CA GLU N 140 4.53 -33.94 -9.09
C GLU N 140 5.31 -33.03 -10.03
N ILE N 141 6.25 -32.24 -9.50
CA ILE N 141 6.98 -31.33 -10.37
C ILE N 141 7.84 -32.13 -11.35
N MET N 142 8.52 -33.17 -10.83
CA MET N 142 9.27 -34.10 -11.67
C MET N 142 8.39 -34.76 -12.73
N LYS N 143 7.23 -35.28 -12.33
CA LYS N 143 6.33 -35.87 -13.32
C LYS N 143 5.99 -34.89 -14.42
N LEU N 144 5.69 -33.63 -14.07
CA LEU N 144 5.46 -32.65 -15.12
C LEU N 144 6.70 -32.49 -16.00
N LYS N 145 7.88 -32.41 -15.39
CA LYS N 145 9.11 -32.22 -16.16
C LYS N 145 9.31 -33.35 -17.16
N LYS N 146 9.05 -34.60 -16.74
CA LYS N 146 9.20 -35.75 -17.63
C LYS N 146 8.19 -35.68 -18.77
N GLN N 147 6.97 -35.26 -18.50
CA GLN N 147 6.01 -35.06 -19.58
C GLN N 147 6.60 -34.12 -20.64
N LEU N 148 7.29 -33.05 -20.20
CA LEU N 148 7.88 -32.12 -21.16
C LEU N 148 8.97 -32.80 -21.97
N TYR N 149 9.84 -33.56 -21.30
CA TYR N 149 10.87 -34.32 -22.02
C TYR N 149 10.25 -35.20 -23.10
N ASN N 150 9.19 -35.95 -22.76
CA ASN N 150 8.56 -36.83 -23.74
C ASN N 150 8.02 -36.06 -24.94
N ILE N 151 7.43 -34.89 -24.71
CA ILE N 151 6.88 -34.12 -25.82
C ILE N 151 7.99 -33.52 -26.66
N TYR N 152 9.04 -32.99 -26.01
CA TYR N 152 10.15 -32.40 -26.74
C TYR N 152 10.90 -33.46 -27.54
N ALA N 153 11.22 -34.58 -26.88
CA ALA N 153 11.82 -35.72 -27.56
C ALA N 153 11.00 -36.11 -28.79
N LYS N 154 9.69 -36.22 -28.62
CA LYS N 154 8.81 -36.52 -29.74
C LYS N 154 9.07 -35.58 -30.92
N HIS N 155 8.80 -34.29 -30.74
CA HIS N 155 8.68 -33.40 -31.89
C HIS N 155 10.02 -32.96 -32.47
N THR N 156 11.09 -33.02 -31.70
CA THR N 156 12.41 -32.66 -32.17
C THR N 156 13.20 -33.87 -32.66
N LYS N 157 12.74 -35.08 -32.40
CA LYS N 157 13.40 -36.32 -32.78
C LYS N 157 14.73 -36.53 -32.06
N GLN N 158 15.03 -35.71 -31.05
CA GLN N 158 16.23 -35.89 -30.24
C GLN N 158 15.98 -36.90 -29.13
N SER N 159 17.08 -37.45 -28.60
CA SER N 159 16.95 -38.45 -27.55
C SER N 159 16.57 -37.79 -26.22
N LEU N 160 15.84 -38.54 -25.40
CA LEU N 160 15.45 -38.07 -24.08
C LEU N 160 16.67 -37.61 -23.29
N GLN N 161 17.79 -38.32 -23.42
CA GLN N 161 18.99 -37.92 -22.70
C GLN N 161 19.49 -36.56 -23.17
N VAL N 162 19.35 -36.27 -24.46
CA VAL N 162 19.84 -34.99 -24.98
C VAL N 162 18.86 -33.86 -24.63
N ILE N 163 17.56 -34.13 -24.75
CA ILE N 163 16.57 -33.12 -24.36
C ILE N 163 16.77 -32.69 -22.92
N GLU N 164 17.00 -33.64 -22.01
CA GLU N 164 17.18 -33.29 -20.61
C GLU N 164 18.47 -32.53 -20.41
N SER N 165 19.54 -32.92 -21.10
CA SER N 165 20.77 -32.14 -21.02
C SER N 165 20.54 -30.72 -21.48
N ALA N 166 19.80 -30.56 -22.59
CA ALA N 166 19.56 -29.22 -23.15
C ALA N 166 18.76 -28.34 -22.21
N MET N 167 17.72 -28.89 -21.57
CA MET N 167 16.85 -28.08 -20.74
C MET N 167 17.52 -27.61 -19.46
N GLU N 168 18.61 -28.24 -19.05
CA GLU N 168 19.40 -27.83 -17.91
C GLU N 168 20.20 -26.55 -18.17
N ARG N 169 20.37 -26.16 -19.42
CA ARG N 169 21.22 -25.04 -19.76
C ARG N 169 20.37 -23.78 -19.86
N ASP N 170 20.71 -22.77 -19.06
CA ASP N 170 20.01 -21.49 -19.10
C ASP N 170 20.55 -20.70 -20.30
N ARG N 171 19.95 -20.94 -21.46
CA ARG N 171 20.40 -20.28 -22.68
C ARG N 171 19.31 -20.32 -23.74
N TYR N 172 19.46 -19.45 -24.71
CA TYR N 172 18.59 -19.38 -25.88
C TYR N 172 19.31 -19.91 -27.10
N MET N 173 18.51 -20.28 -28.10
CA MET N 173 19.00 -20.72 -29.39
C MET N 173 18.56 -19.74 -30.46
N SER N 174 19.45 -19.47 -31.41
CA SER N 174 19.08 -18.74 -32.60
C SER N 174 18.02 -19.54 -33.36
N PRO N 175 17.30 -18.90 -34.28
CA PRO N 175 16.39 -19.68 -35.13
C PRO N 175 17.09 -20.81 -35.86
N MET N 176 18.32 -20.61 -36.33
CA MET N 176 18.99 -21.65 -37.12
C MET N 176 19.41 -22.84 -36.25
N GLU N 177 19.91 -22.59 -35.04
CA GLU N 177 20.20 -23.76 -34.21
C GLU N 177 18.92 -24.40 -33.68
N ALA N 178 17.83 -23.65 -33.53
CA ALA N 178 16.57 -24.32 -33.19
C ALA N 178 16.12 -25.26 -34.30
N GLN N 179 16.45 -24.92 -35.56
CA GLN N 179 16.19 -25.81 -36.69
C GLN N 179 17.09 -27.04 -36.63
N GLU N 180 18.38 -26.83 -36.40
CA GLU N 180 19.28 -27.97 -36.30
C GLU N 180 18.90 -28.87 -35.13
N PHE N 181 18.26 -28.29 -34.11
CA PHE N 181 17.84 -29.05 -32.94
C PHE N 181 16.56 -29.82 -33.21
N GLY N 182 15.71 -29.36 -34.13
CA GLY N 182 14.43 -29.99 -34.37
C GLY N 182 13.23 -29.29 -33.76
N ILE N 183 13.41 -28.09 -33.23
CA ILE N 183 12.30 -27.30 -32.72
C ILE N 183 11.47 -26.69 -33.84
N LEU N 184 12.09 -26.34 -34.97
CA LEU N 184 11.33 -25.75 -36.06
C LEU N 184 11.94 -26.17 -37.40
N ASP N 185 11.26 -25.80 -38.49
CA ASP N 185 11.60 -26.31 -39.81
C ASP N 185 12.15 -25.27 -40.79
N LYS N 186 11.80 -23.99 -40.63
CA LYS N 186 12.17 -22.95 -41.59
C LYS N 186 12.43 -21.64 -40.85
N VAL N 187 13.49 -20.95 -41.24
CA VAL N 187 13.78 -19.61 -40.74
C VAL N 187 13.48 -18.64 -41.87
N LEU N 188 12.36 -17.95 -41.77
CA LEU N 188 11.76 -17.23 -42.87
C LEU N 188 12.11 -15.75 -42.80
N VAL N 189 12.62 -15.20 -43.91
CA VAL N 189 13.03 -13.80 -44.02
C VAL N 189 11.90 -12.96 -44.62
N HIS N 190 11.43 -13.31 -45.82
CA HIS N 190 10.32 -12.61 -46.48
C HIS N 190 9.42 -13.61 -47.20
N PRO N 191 8.22 -13.20 -47.60
CA PRO N 191 7.37 -14.06 -48.39
C PRO N 191 7.45 -13.68 -49.85
#